data_6O8B
#
_entry.id   6O8B
#
_cell.length_a   250.690
_cell.length_b   250.690
_cell.length_c   239.241
_cell.angle_alpha   90.00
_cell.angle_beta   90.00
_cell.angle_gamma   120.00
#
_symmetry.space_group_name_H-M   'P 65 2 2'
#
loop_
_entity.id
_entity.type
_entity.pdbx_description
1 polymer 'Stimulator of interferon genes protein'
2 polymer 'Serine/threonine-protein kinase TBK1'
3 non-polymer N-(3-{[5-iodo-4-({3-[(thiophen-2-ylcarbonyl)amino]propyl}amino)pyrimidin-2-yl]amino}phenyl)pyrrolidine-1-carboxamide
#
loop_
_entity_poly.entity_id
_entity_poly.type
_entity_poly.pdbx_seq_one_letter_code
_entity_poly.pdbx_strand_id
1 'polypeptide(L)'
;SVAHGLAWSYYIGYLRLILPELQARIRTYNQHYNNLLRGAVSQRLYILLPLDCGVPDNLSMADPNIRFLDKLPQQTGDRA
GIKDRVYSNSIYELLENGQRAGTCVLEYATPLQTLFAMSQYSQAGFSREDRLEQAKLFCRTLEDILADAPESQNNCRLIA
YQEPADDSSFSLSQEVLRHLRQEEKEEVTVGSLKTSAVPSTSTMSQEPELLISGMEKPLPLREDMW
;
D,E
2 'polypeptide(L)'
;GSPGLDGICQSTSNHLWLLSDILGQGATANVFRGRHKKTGDLFAIKVFNNISFLRPVDVQMREFEVLKKLNHKNIVKLFA
IEEETTTRHKVLIMEFCPCGSLYTVLEEPSNAYGLPESEFLIVLRDVVGGMNHLRENGIVHRNIKPGNIMRVIGEDGQSV
YKLTDFGAARELEDDEQFVELYGTEEYLHPDMYERAVLRKDHQKKYGATVDLWSIGVTFYHAATGSLPFRPFEGPRRNKE
VMYKIITGKPSGAISGVQKAENGPIDWSGDMPVSCSLSRGLQVLLTPVLANILEADQEKCWGFDQFFAETSDILHRMVIH
VFSLQQMTAHKIYIHSYNTATIFHELVYKQTKIISSNQELIYEGRRLVLEPGRLAQHFPKTTEENPIFVVSREPLDTIGL
IYEKISLPKVHPRYDLDGDASMAKAITGVVCYACRIASTLLLYQELMRKGIRWLIELIKDDYNETVHKKTEVVITLDFCI
RNIEKTVKVYEKLMKINLEAAELGEISDIHTKLLRLSSSQGTIETSLQDIDSRLSPGGSLADAWAHQEGTHPKDRNVEKL
QVLLNCMTEIYYQFKKDQAERRLAYNEEQIHKFDKQKLYYHATKAMTHFTDECVKKYEAFLNKSEEWIRKMLHLRKQLLS
LTNQCFDIEEEVSKYQEYTNELQET
;
A,B
#
loop_
_chem_comp.id
_chem_comp.type
_chem_comp.name
_chem_comp.formula
BX7 non-polymer N-(3-{[5-iodo-4-({3-[(thiophen-2-ylcarbonyl)amino]propyl}amino)pyrimidin-2-yl]amino}phenyl)pyrrolidine-1-carboxamide 'C23 H26 I N7 O2 S'
#
# COMPACT_ATOMS: atom_id res chain seq x y z
N GLU A 216 21.15 -32.19 14.44
CA GLU A 216 22.52 -32.49 14.85
C GLU A 216 23.41 -32.75 13.63
N LYS A 217 24.56 -33.40 13.88
CA LYS A 217 25.62 -33.84 12.96
C LYS A 217 26.17 -32.79 12.00
N PRO A 218 26.44 -31.54 12.42
CA PRO A 218 27.12 -30.62 11.51
C PRO A 218 28.62 -30.57 11.73
N LEU A 219 29.41 -30.69 10.66
CA LEU A 219 30.86 -30.65 10.77
C LEU A 219 31.38 -29.22 10.66
N PRO A 220 32.56 -28.94 11.21
CA PRO A 220 33.11 -27.58 11.14
C PRO A 220 33.87 -27.34 9.84
N LEU A 221 33.99 -26.05 9.51
CA LEU A 221 34.69 -25.64 8.30
C LEU A 221 36.19 -25.85 8.44
N ARG A 222 36.87 -25.91 7.29
CA ARG A 222 38.32 -26.10 7.25
C ARG A 222 38.92 -25.14 6.23
N GLU A 223 40.19 -24.78 6.46
CA GLU A 223 40.85 -23.79 5.62
C GLU A 223 41.33 -24.39 4.31
N ASP A 224 42.04 -25.52 4.37
CA ASP A 224 42.63 -26.11 3.18
C ASP A 224 41.58 -26.55 2.16
N MET A 225 40.33 -26.70 2.57
CA MET A 225 39.24 -27.03 1.67
C MET A 225 38.67 -25.81 0.97
N TRP A 226 39.32 -24.65 1.07
CA TRP A 226 38.87 -23.42 0.44
C TRP A 226 40.02 -22.72 -0.26
N MET B 215 23.37 8.76 -33.59
CA MET B 215 23.79 7.59 -32.84
C MET B 215 23.52 6.30 -33.63
N GLU B 216 24.57 5.73 -34.21
CA GLU B 216 24.43 4.50 -34.98
C GLU B 216 25.75 3.73 -34.96
N LYS B 217 26.27 3.48 -33.77
CA LYS B 217 27.46 2.64 -33.59
C LYS B 217 27.17 1.13 -33.58
N PRO B 218 25.99 0.65 -33.15
CA PRO B 218 25.81 -0.81 -33.04
C PRO B 218 25.77 -1.49 -34.39
N LEU B 219 26.43 -2.65 -34.45
CA LEU B 219 26.54 -3.49 -35.64
C LEU B 219 25.83 -4.82 -35.41
N PRO B 220 25.53 -5.57 -36.47
CA PRO B 220 24.82 -6.85 -36.29
C PRO B 220 25.68 -7.86 -35.54
N LEU B 221 25.02 -8.66 -34.71
CA LEU B 221 25.71 -9.73 -33.99
C LEU B 221 26.16 -10.82 -34.96
N ARG B 222 27.25 -11.48 -34.59
CA ARG B 222 27.90 -12.46 -35.46
C ARG B 222 28.17 -13.75 -34.70
N GLU B 223 27.96 -14.89 -35.38
CA GLU B 223 28.07 -16.19 -34.72
C GLU B 223 29.52 -16.59 -34.48
N ASP B 224 30.48 -15.92 -35.13
CA ASP B 224 31.88 -16.30 -35.04
C ASP B 224 32.59 -15.68 -33.84
N MET B 225 32.05 -14.61 -33.27
CA MET B 225 32.58 -14.08 -32.02
C MET B 225 32.13 -14.90 -30.81
N TRP B 226 31.03 -15.62 -30.95
CA TRP B 226 30.54 -16.53 -29.92
C TRP B 226 31.11 -17.93 -30.15
N PRO C 3 29.71 -19.48 -38.74
CA PRO C 3 28.94 -20.23 -37.74
C PRO C 3 29.75 -20.53 -36.47
N GLY C 4 29.09 -21.05 -35.45
CA GLY C 4 29.71 -21.28 -34.16
C GLY C 4 30.74 -22.39 -34.17
N LEU C 5 31.30 -22.65 -32.98
CA LEU C 5 32.32 -23.66 -32.79
C LEU C 5 31.73 -25.02 -32.39
N ASP C 6 30.49 -25.31 -32.80
CA ASP C 6 29.86 -26.63 -32.75
C ASP C 6 29.36 -27.00 -31.37
N GLY C 7 29.90 -26.40 -30.31
CA GLY C 7 29.54 -26.80 -28.97
C GLY C 7 28.96 -25.70 -28.11
N ILE C 8 29.03 -24.46 -28.57
CA ILE C 8 28.68 -23.31 -27.75
C ILE C 8 27.48 -22.53 -28.31
N CYS C 9 27.22 -22.57 -29.61
CA CYS C 9 26.17 -21.73 -30.16
C CYS C 9 25.77 -22.23 -31.55
N GLN C 10 24.48 -22.07 -31.84
CA GLN C 10 23.90 -22.31 -33.16
C GLN C 10 23.39 -20.98 -33.72
N SER C 11 22.83 -21.04 -34.93
CA SER C 11 22.35 -19.82 -35.57
C SER C 11 21.50 -20.18 -36.77
N THR C 12 20.67 -19.22 -37.17
CA THR C 12 20.00 -19.20 -38.46
C THR C 12 20.59 -18.05 -39.28
N SER C 13 19.95 -17.75 -40.41
CA SER C 13 20.39 -16.61 -41.22
C SER C 13 20.11 -15.29 -40.51
N ASN C 14 19.08 -15.23 -39.67
CA ASN C 14 18.66 -14.00 -39.03
C ASN C 14 18.87 -13.95 -37.52
N HIS C 15 18.97 -15.11 -36.86
CA HIS C 15 19.11 -15.16 -35.41
C HIS C 15 20.30 -16.03 -35.03
N LEU C 16 20.71 -15.90 -33.77
CA LEU C 16 21.76 -16.74 -33.20
C LEU C 16 21.51 -16.84 -31.70
N TRP C 17 22.04 -17.91 -31.11
CA TRP C 17 21.81 -18.18 -29.71
C TRP C 17 22.93 -19.04 -29.16
N LEU C 18 23.21 -18.87 -27.87
CA LEU C 18 24.14 -19.73 -27.15
C LEU C 18 23.44 -20.97 -26.66
N LEU C 19 24.09 -22.13 -26.80
CA LEU C 19 23.55 -23.37 -26.29
C LEU C 19 23.43 -23.39 -24.76
N SER C 20 24.11 -22.46 -24.08
CA SER C 20 24.01 -22.36 -22.63
C SER C 20 22.75 -21.62 -22.19
N ASP C 21 22.25 -20.68 -23.00
CA ASP C 21 21.04 -19.94 -22.67
C ASP C 21 19.81 -20.78 -23.06
N ILE C 22 19.66 -21.90 -22.36
CA ILE C 22 18.63 -22.89 -22.67
C ILE C 22 17.43 -22.65 -21.75
N LEU C 23 16.25 -22.48 -22.34
CA LEU C 23 15.05 -22.16 -21.59
C LEU C 23 14.23 -23.40 -21.22
N GLY C 24 14.07 -24.33 -22.15
CA GLY C 24 13.27 -25.51 -21.90
C GLY C 24 13.67 -26.65 -22.81
N GLN C 25 13.45 -27.87 -22.33
CA GLN C 25 13.76 -29.07 -23.08
C GLN C 25 12.48 -29.86 -23.35
N GLY C 26 12.56 -30.75 -24.34
CA GLY C 26 11.42 -31.54 -24.72
C GLY C 26 11.84 -32.70 -25.60
N ALA C 27 10.91 -33.65 -25.76
CA ALA C 27 11.19 -34.85 -26.56
C ALA C 27 11.40 -34.51 -28.03
N THR C 28 10.67 -33.52 -28.55
CA THR C 28 10.80 -33.13 -29.95
C THR C 28 11.85 -32.03 -30.15
N ALA C 29 11.96 -31.10 -29.21
CA ALA C 29 12.72 -29.88 -29.45
C ALA C 29 13.26 -29.34 -28.13
N ASN C 30 14.15 -28.35 -28.25
CA ASN C 30 14.63 -27.56 -27.14
C ASN C 30 14.41 -26.09 -27.44
N VAL C 31 14.40 -25.26 -26.41
CA VAL C 31 14.13 -23.83 -26.54
C VAL C 31 15.28 -23.05 -25.91
N PHE C 32 15.80 -22.06 -26.63
CA PHE C 32 16.93 -21.27 -26.19
C PHE C 32 16.57 -19.79 -26.16
N ARG C 33 17.38 -19.03 -25.43
CA ARG C 33 17.29 -17.58 -25.38
C ARG C 33 18.25 -17.01 -26.42
N GLY C 34 17.71 -16.50 -27.53
CA GLY C 34 18.51 -16.01 -28.63
C GLY C 34 18.22 -14.56 -28.94
N ARG C 35 18.93 -14.06 -29.96
CA ARG C 35 18.83 -12.67 -30.36
C ARG C 35 18.78 -12.55 -31.87
N HIS C 36 17.97 -11.60 -32.34
CA HIS C 36 17.99 -11.23 -33.75
C HIS C 36 19.36 -10.65 -34.09
N LYS C 37 19.94 -11.12 -35.20
CA LYS C 37 21.29 -10.72 -35.56
C LYS C 37 21.41 -9.21 -35.77
N LYS C 38 20.59 -8.68 -36.67
CA LYS C 38 20.74 -7.29 -37.08
C LYS C 38 20.22 -6.30 -36.04
N THR C 39 19.40 -6.74 -35.10
CA THR C 39 18.78 -5.85 -34.13
C THR C 39 19.28 -6.04 -32.70
N GLY C 40 19.58 -7.27 -32.30
CA GLY C 40 19.94 -7.56 -30.94
C GLY C 40 18.79 -7.89 -30.02
N ASP C 41 17.56 -7.65 -30.45
CA ASP C 41 16.39 -7.92 -29.63
C ASP C 41 16.26 -9.43 -29.39
N LEU C 42 15.66 -9.78 -28.26
CA LEU C 42 15.64 -11.17 -27.81
C LEU C 42 14.40 -11.91 -28.28
N PHE C 43 14.56 -13.20 -28.50
CA PHE C 43 13.46 -14.10 -28.83
C PHE C 43 13.75 -15.45 -28.21
N ALA C 44 12.70 -16.27 -28.10
CA ALA C 44 12.85 -17.67 -27.74
C ALA C 44 12.96 -18.49 -29.02
N ILE C 45 13.99 -19.31 -29.11
CA ILE C 45 14.31 -20.09 -30.31
C ILE C 45 14.06 -21.56 -30.00
N LYS C 46 13.20 -22.19 -30.80
CA LYS C 46 12.80 -23.58 -30.62
C LYS C 46 13.32 -24.38 -31.81
N VAL C 47 14.28 -25.26 -31.56
CA VAL C 47 14.93 -26.06 -32.61
C VAL C 47 14.52 -27.52 -32.43
N PHE C 48 14.07 -28.15 -33.51
CA PHE C 48 13.58 -29.52 -33.50
C PHE C 48 14.70 -30.44 -33.96
N ASN C 49 15.40 -31.04 -33.00
CA ASN C 49 16.51 -31.92 -33.31
C ASN C 49 16.02 -33.33 -33.63
N ASN C 50 15.82 -34.15 -32.61
CA ASN C 50 15.41 -35.54 -32.78
C ASN C 50 13.90 -35.69 -32.60
N ILE C 51 13.34 -36.71 -33.26
CA ILE C 51 11.94 -37.11 -33.11
C ILE C 51 11.03 -36.01 -33.67
N SER C 52 11.62 -34.91 -34.12
CA SER C 52 10.96 -34.05 -35.09
C SER C 52 10.44 -34.85 -36.27
N PHE C 53 11.08 -35.97 -36.56
CA PHE C 53 10.65 -36.92 -37.56
C PHE C 53 9.75 -38.00 -36.98
N LEU C 54 9.46 -37.97 -35.67
CA LEU C 54 8.54 -38.93 -35.09
C LEU C 54 7.10 -38.56 -35.41
N ARG C 55 6.70 -37.32 -35.13
CA ARG C 55 5.42 -36.84 -35.62
C ARG C 55 5.61 -36.24 -37.02
N PRO C 56 4.76 -36.60 -37.99
CA PRO C 56 5.06 -36.29 -39.40
C PRO C 56 5.37 -34.81 -39.62
N VAL C 57 6.20 -34.57 -40.65
CA VAL C 57 6.75 -33.23 -40.87
C VAL C 57 5.72 -32.33 -41.55
N ASP C 58 5.09 -32.82 -42.61
CA ASP C 58 4.14 -31.97 -43.36
C ASP C 58 2.92 -31.62 -42.52
N VAL C 59 2.35 -32.60 -41.81
CA VAL C 59 1.20 -32.32 -40.97
C VAL C 59 1.57 -31.45 -39.78
N GLN C 60 2.86 -31.38 -39.44
CA GLN C 60 3.33 -30.49 -38.38
C GLN C 60 3.79 -29.15 -38.92
N MET C 61 4.25 -29.13 -40.18
CA MET C 61 4.69 -27.88 -40.80
C MET C 61 3.50 -26.99 -41.17
N ARG C 62 2.45 -27.59 -41.73
CA ARG C 62 1.23 -26.83 -42.00
C ARG C 62 0.64 -26.26 -40.71
N GLU C 63 0.85 -26.94 -39.58
CA GLU C 63 0.42 -26.41 -38.30
C GLU C 63 1.18 -25.13 -37.94
N PHE C 64 2.44 -25.02 -38.36
CA PHE C 64 3.24 -23.86 -38.01
C PHE C 64 2.84 -22.64 -38.82
N GLU C 65 2.55 -22.82 -40.12
CA GLU C 65 2.21 -21.69 -40.97
C GLU C 65 0.90 -21.05 -40.52
N VAL C 66 -0.07 -21.85 -40.09
CA VAL C 66 -1.33 -21.30 -39.58
C VAL C 66 -1.15 -20.67 -38.21
N LEU C 67 -0.13 -21.09 -37.45
CA LEU C 67 0.16 -20.45 -36.17
C LEU C 67 0.95 -19.15 -36.37
N LYS C 68 1.69 -19.05 -37.48
CA LYS C 68 2.42 -17.83 -37.77
C LYS C 68 1.47 -16.65 -38.00
N LYS C 69 0.27 -16.93 -38.52
CA LYS C 69 -0.74 -15.90 -38.70
C LYS C 69 -1.50 -15.60 -37.41
N LEU C 70 -1.38 -16.44 -36.39
CA LEU C 70 -2.13 -16.25 -35.16
C LEU C 70 -1.58 -15.08 -34.36
N ASN C 71 -2.47 -14.16 -33.98
CA ASN C 71 -2.09 -12.98 -33.21
C ASN C 71 -3.15 -12.75 -32.14
N HIS C 72 -2.77 -12.96 -30.88
CA HIS C 72 -3.69 -12.73 -29.77
C HIS C 72 -2.88 -12.43 -28.52
N LYS C 73 -3.54 -11.77 -27.55
CA LYS C 73 -2.88 -11.40 -26.31
C LYS C 73 -2.38 -12.64 -25.56
N ASN C 74 -3.17 -13.71 -25.59
CA ASN C 74 -2.92 -14.88 -24.75
C ASN C 74 -2.29 -16.04 -25.52
N ILE C 75 -1.70 -15.77 -26.67
CA ILE C 75 -0.97 -16.77 -27.44
C ILE C 75 0.44 -16.25 -27.66
N VAL C 76 1.44 -17.08 -27.33
CA VAL C 76 2.83 -16.70 -27.57
C VAL C 76 3.04 -16.56 -29.07
N LYS C 77 3.38 -15.35 -29.50
CA LYS C 77 3.46 -15.03 -30.92
C LYS C 77 4.53 -15.87 -31.60
N LEU C 78 4.18 -16.45 -32.74
CA LEU C 78 5.12 -17.16 -33.59
C LEU C 78 5.48 -16.21 -34.73
N PHE C 79 6.69 -15.62 -34.64
CA PHE C 79 7.10 -14.61 -35.62
C PHE C 79 7.45 -15.24 -36.96
N ALA C 80 8.59 -15.92 -37.04
CA ALA C 80 9.02 -16.55 -38.27
C ALA C 80 9.50 -17.96 -38.00
N ILE C 81 9.56 -18.76 -39.06
CA ILE C 81 10.01 -20.14 -39.00
C ILE C 81 11.19 -20.28 -39.96
N GLU C 82 12.35 -20.63 -39.41
CA GLU C 82 13.59 -20.63 -40.18
C GLU C 82 14.31 -21.97 -40.09
N GLU C 83 15.56 -22.01 -40.54
CA GLU C 83 16.38 -23.21 -40.53
C GLU C 83 17.74 -22.92 -39.90
N GLU C 84 18.22 -23.86 -39.10
CA GLU C 84 19.56 -23.72 -38.51
C GLU C 84 20.61 -23.85 -39.60
N THR C 85 21.71 -23.10 -39.42
CA THR C 85 22.66 -22.89 -40.51
C THR C 85 23.27 -24.20 -40.99
N THR C 86 23.84 -24.99 -40.08
CA THR C 86 24.57 -26.20 -40.47
C THR C 86 23.73 -27.47 -40.37
N THR C 87 22.89 -27.59 -39.34
CA THR C 87 22.06 -28.78 -39.19
C THR C 87 20.84 -28.79 -40.10
N ARG C 88 20.39 -27.62 -40.56
CA ARG C 88 19.19 -27.48 -41.38
C ARG C 88 17.94 -28.00 -40.67
N HIS C 89 17.96 -28.04 -39.34
CA HIS C 89 16.76 -28.34 -38.57
C HIS C 89 15.82 -27.13 -38.58
N LYS C 90 14.52 -27.40 -38.57
CA LYS C 90 13.54 -26.33 -38.54
C LYS C 90 13.55 -25.65 -37.17
N VAL C 91 13.55 -24.33 -37.16
CA VAL C 91 13.60 -23.54 -35.93
C VAL C 91 12.51 -22.49 -35.98
N LEU C 92 11.75 -22.37 -34.89
CA LEU C 92 10.70 -21.36 -34.77
C LEU C 92 11.20 -20.21 -33.91
N ILE C 93 11.01 -18.98 -34.39
CA ILE C 93 11.32 -17.79 -33.61
C ILE C 93 10.03 -17.33 -32.94
N MET C 94 10.06 -17.24 -31.61
CA MET C 94 8.88 -16.91 -30.82
C MET C 94 9.21 -15.77 -29.87
N GLU C 95 8.16 -15.15 -29.34
CA GLU C 95 8.35 -14.03 -28.41
C GLU C 95 8.81 -14.56 -27.05
N PHE C 96 9.82 -13.90 -26.50
CA PHE C 96 10.47 -14.34 -25.27
C PHE C 96 9.73 -13.79 -24.06
N CYS C 97 9.47 -14.66 -23.08
CA CYS C 97 8.71 -14.32 -21.88
C CYS C 97 9.65 -14.43 -20.68
N PRO C 98 10.35 -13.36 -20.33
CA PRO C 98 11.42 -13.47 -19.31
C PRO C 98 10.93 -13.97 -17.96
N CYS C 99 9.69 -13.68 -17.58
CA CYS C 99 9.19 -13.97 -16.24
C CYS C 99 8.90 -15.46 -16.02
N GLY C 100 9.17 -16.31 -17.01
CA GLY C 100 8.98 -17.73 -16.86
C GLY C 100 7.52 -18.13 -16.97
N SER C 101 7.25 -19.35 -16.54
CA SER C 101 5.94 -19.96 -16.68
C SER C 101 5.11 -19.77 -15.41
N LEU C 102 3.84 -20.15 -15.51
CA LEU C 102 2.98 -20.19 -14.32
C LEU C 102 3.51 -21.17 -13.29
N TYR C 103 4.17 -22.23 -13.75
CA TYR C 103 4.73 -23.21 -12.82
C TYR C 103 5.76 -22.57 -11.90
N THR C 104 6.64 -21.73 -12.45
CA THR C 104 7.61 -21.02 -11.62
C THR C 104 6.92 -20.17 -10.57
N VAL C 105 5.78 -19.57 -10.92
CA VAL C 105 5.02 -18.78 -9.95
C VAL C 105 4.45 -19.67 -8.86
N LEU C 106 3.94 -20.84 -9.22
CA LEU C 106 3.37 -21.75 -8.23
C LEU C 106 4.43 -22.43 -7.38
N GLU C 107 5.69 -22.44 -7.83
CA GLU C 107 6.77 -22.98 -7.03
C GLU C 107 7.30 -22.00 -5.99
N GLU C 108 6.88 -20.74 -6.05
CA GLU C 108 7.27 -19.80 -5.00
C GLU C 108 6.64 -20.23 -3.68
N PRO C 109 7.31 -19.97 -2.55
CA PRO C 109 6.68 -20.27 -1.26
C PRO C 109 5.51 -19.35 -0.95
N SER C 110 5.54 -18.11 -1.46
CA SER C 110 4.44 -17.18 -1.22
C SER C 110 3.12 -17.74 -1.73
N ASN C 111 3.15 -18.52 -2.81
CA ASN C 111 1.95 -19.11 -3.38
C ASN C 111 1.86 -20.61 -3.10
N ALA C 112 2.50 -21.08 -2.03
CA ALA C 112 2.46 -22.51 -1.70
C ALA C 112 1.05 -22.96 -1.40
N TYR C 113 0.17 -22.03 -1.07
CA TYR C 113 -1.26 -22.31 -0.91
C TYR C 113 -1.99 -21.59 -2.04
N GLY C 114 -3.05 -20.82 -1.76
CA GLY C 114 -3.71 -20.10 -2.85
C GLY C 114 -2.82 -19.03 -3.46
N LEU C 115 -2.86 -18.93 -4.79
CA LEU C 115 -2.43 -17.71 -5.44
C LEU C 115 -3.23 -16.54 -4.87
N PRO C 116 -2.64 -15.36 -4.78
CA PRO C 116 -3.42 -14.17 -4.42
C PRO C 116 -4.60 -14.01 -5.37
N GLU C 117 -5.74 -13.59 -4.81
CA GLU C 117 -6.99 -13.55 -5.57
C GLU C 117 -6.84 -12.68 -6.82
N SER C 118 -6.12 -11.56 -6.69
CA SER C 118 -5.90 -10.67 -7.83
C SER C 118 -5.24 -11.43 -8.99
N GLU C 119 -4.17 -12.18 -8.70
CA GLU C 119 -3.46 -12.86 -9.77
C GLU C 119 -4.26 -14.03 -10.32
N PHE C 120 -5.05 -14.70 -9.45
CA PHE C 120 -5.84 -15.84 -9.93
C PHE C 120 -6.86 -15.40 -10.97
N LEU C 121 -7.50 -14.24 -10.76
CA LEU C 121 -8.43 -13.71 -11.76
C LEU C 121 -7.73 -13.45 -13.08
N ILE C 122 -6.47 -12.99 -13.03
CA ILE C 122 -5.69 -12.78 -14.24
C ILE C 122 -5.47 -14.11 -14.96
N VAL C 123 -5.09 -15.14 -14.20
CA VAL C 123 -4.86 -16.47 -14.79
C VAL C 123 -6.14 -17.00 -15.41
N LEU C 124 -7.26 -16.87 -14.69
CA LEU C 124 -8.55 -17.34 -15.22
C LEU C 124 -8.93 -16.58 -16.49
N ARG C 125 -8.69 -15.26 -16.50
CA ARG C 125 -9.03 -14.46 -17.68
C ARG C 125 -8.19 -14.86 -18.88
N ASP C 126 -6.87 -14.97 -18.70
CA ASP C 126 -5.99 -15.23 -19.82
C ASP C 126 -6.13 -16.66 -20.34
N VAL C 127 -6.20 -17.64 -19.44
CA VAL C 127 -6.32 -19.03 -19.87
C VAL C 127 -7.60 -19.23 -20.69
N VAL C 128 -8.71 -18.67 -20.20
CA VAL C 128 -9.96 -18.75 -20.95
C VAL C 128 -9.84 -17.99 -22.27
N GLY C 129 -9.23 -16.81 -22.24
CA GLY C 129 -9.09 -16.03 -23.46
C GLY C 129 -8.27 -16.74 -24.52
N GLY C 130 -7.15 -17.34 -24.11
CA GLY C 130 -6.34 -18.08 -25.07
C GLY C 130 -7.01 -19.34 -25.56
N MET C 131 -7.66 -20.08 -24.66
CA MET C 131 -8.35 -21.30 -25.05
C MET C 131 -9.48 -21.01 -26.03
N ASN C 132 -10.22 -19.93 -25.79
CA ASN C 132 -11.28 -19.55 -26.73
C ASN C 132 -10.70 -19.20 -28.09
N HIS C 133 -9.53 -18.54 -28.12
CA HIS C 133 -8.92 -18.19 -29.40
C HIS C 133 -8.54 -19.44 -30.18
N LEU C 134 -8.14 -20.51 -29.48
CA LEU C 134 -7.76 -21.73 -30.18
C LEU C 134 -8.99 -22.45 -30.71
N ARG C 135 -10.04 -22.56 -29.88
CA ARG C 135 -11.27 -23.20 -30.33
C ARG C 135 -11.87 -22.46 -31.53
N GLU C 136 -11.80 -21.12 -31.52
CA GLU C 136 -12.33 -20.34 -32.63
C GLU C 136 -11.46 -20.46 -33.88
N ASN C 137 -10.24 -20.96 -33.76
CA ASN C 137 -9.37 -21.21 -34.91
C ASN C 137 -9.15 -22.70 -35.14
N GLY C 138 -9.79 -23.57 -34.36
CA GLY C 138 -9.71 -25.00 -34.56
C GLY C 138 -8.33 -25.57 -34.31
N ILE C 139 -7.83 -25.41 -33.09
CA ILE C 139 -6.58 -26.03 -32.66
C ILE C 139 -6.80 -26.61 -31.27
N VAL C 140 -6.51 -27.90 -31.10
CA VAL C 140 -6.69 -28.58 -29.83
C VAL C 140 -5.36 -28.59 -29.09
N HIS C 141 -5.38 -28.13 -27.84
CA HIS C 141 -4.18 -28.12 -27.02
C HIS C 141 -3.86 -29.51 -26.48
N ARG C 142 -4.74 -30.04 -25.64
CA ARG C 142 -4.64 -31.39 -25.06
C ARG C 142 -3.36 -31.57 -24.26
N ASN C 143 -2.72 -30.47 -23.85
CA ASN C 143 -1.43 -30.54 -23.19
C ASN C 143 -1.22 -29.43 -22.18
N ILE C 144 -2.22 -28.61 -21.89
CA ILE C 144 -2.03 -27.41 -21.08
C ILE C 144 -1.69 -27.81 -19.65
N LYS C 145 -0.66 -27.17 -19.09
CA LYS C 145 -0.25 -27.38 -17.71
C LYS C 145 0.38 -26.10 -17.22
N PRO C 146 0.62 -25.99 -15.90
CA PRO C 146 1.30 -24.78 -15.39
C PRO C 146 2.67 -24.54 -15.99
N GLY C 147 3.48 -25.58 -16.19
CA GLY C 147 4.79 -25.42 -16.79
C GLY C 147 4.75 -25.03 -18.26
N ASN C 148 3.54 -24.72 -18.71
CA ASN C 148 3.23 -24.47 -20.11
C ASN C 148 2.66 -23.09 -20.35
N ILE C 149 2.03 -22.47 -19.36
CA ILE C 149 1.45 -21.13 -19.49
C ILE C 149 2.53 -20.11 -19.17
N MET C 150 2.92 -19.33 -20.17
CA MET C 150 3.94 -18.32 -19.96
C MET C 150 3.35 -17.07 -19.32
N ARG C 151 4.23 -16.27 -18.74
CA ARG C 151 3.83 -15.04 -18.03
C ARG C 151 4.73 -13.91 -18.46
N VAL C 152 4.12 -12.82 -18.93
CA VAL C 152 4.83 -11.58 -19.22
C VAL C 152 4.19 -10.46 -18.41
N ILE C 153 4.94 -9.38 -18.22
CA ILE C 153 4.47 -8.21 -17.50
C ILE C 153 4.01 -7.17 -18.51
N GLY C 154 2.73 -6.86 -18.48
CA GLY C 154 2.15 -5.91 -19.42
C GLY C 154 2.67 -4.50 -19.21
N GLU C 155 2.23 -3.60 -20.10
CA GLU C 155 2.66 -2.20 -20.02
C GLU C 155 2.23 -1.54 -18.72
N ASP C 156 1.24 -2.10 -18.03
CA ASP C 156 0.69 -1.51 -16.81
C ASP C 156 1.14 -2.26 -15.55
N GLY C 157 2.16 -3.12 -15.65
CA GLY C 157 2.62 -3.89 -14.52
C GLY C 157 1.79 -5.11 -14.19
N GLN C 158 0.55 -5.19 -14.65
CA GLN C 158 -0.23 -6.40 -14.47
C GLN C 158 0.27 -7.49 -15.42
N SER C 159 0.41 -8.69 -14.89
CA SER C 159 0.92 -9.81 -15.68
C SER C 159 -0.09 -10.22 -16.74
N VAL C 160 0.43 -10.72 -17.86
CA VAL C 160 -0.38 -11.22 -18.97
C VAL C 160 0.12 -12.62 -19.30
N TYR C 161 -0.77 -13.62 -19.15
CA TYR C 161 -0.40 -15.00 -19.39
C TYR C 161 -0.67 -15.37 -20.84
N LYS C 162 0.22 -16.19 -21.39
CA LYS C 162 0.19 -16.54 -22.81
C LYS C 162 0.40 -18.04 -22.97
N LEU C 163 -0.48 -18.69 -23.71
CA LEU C 163 -0.39 -20.12 -23.95
C LEU C 163 0.67 -20.44 -25.00
N THR C 164 1.22 -21.64 -24.92
CA THR C 164 2.23 -22.11 -25.88
C THR C 164 2.41 -23.62 -25.70
N ASP C 165 3.39 -24.17 -26.43
CA ASP C 165 3.69 -25.61 -26.45
C ASP C 165 2.45 -26.44 -26.73
N PHE C 166 1.81 -26.13 -27.86
CA PHE C 166 0.74 -26.98 -28.37
C PHE C 166 1.35 -28.26 -28.92
N GLY C 167 2.03 -29.02 -28.06
CA GLY C 167 2.73 -30.23 -28.50
C GLY C 167 1.82 -31.36 -28.91
N ALA C 168 0.60 -31.40 -28.39
CA ALA C 168 -0.39 -32.42 -28.73
C ALA C 168 -1.36 -31.95 -29.80
N ALA C 169 -1.01 -30.90 -30.54
CA ALA C 169 -1.99 -30.15 -31.32
C ALA C 169 -2.04 -30.59 -32.78
N ARG C 170 -3.25 -30.52 -33.32
CA ARG C 170 -3.52 -30.52 -34.75
C ARG C 170 -4.78 -29.70 -34.99
N GLU C 171 -5.32 -29.77 -36.20
CA GLU C 171 -6.47 -28.97 -36.58
C GLU C 171 -7.75 -29.77 -36.41
N LEU C 172 -8.70 -29.22 -35.65
CA LEU C 172 -9.90 -29.93 -35.23
C LEU C 172 -11.13 -29.10 -35.57
N GLU C 173 -12.22 -29.81 -35.87
CA GLU C 173 -13.53 -29.19 -36.03
C GLU C 173 -14.20 -29.09 -34.65
N ASP C 174 -15.53 -29.02 -34.62
CA ASP C 174 -16.26 -29.01 -33.35
C ASP C 174 -16.61 -30.42 -32.88
N ASP C 175 -16.70 -31.40 -33.79
CA ASP C 175 -17.07 -32.76 -33.41
C ASP C 175 -16.49 -33.73 -34.44
N GLU C 176 -15.51 -34.53 -34.03
CA GLU C 176 -14.97 -35.60 -34.87
C GLU C 176 -14.23 -36.59 -33.96
N GLN C 177 -13.33 -37.39 -34.54
CA GLN C 177 -12.65 -38.47 -33.81
C GLN C 177 -11.14 -38.22 -33.77
N PHE C 178 -10.49 -38.81 -32.78
CA PHE C 178 -9.06 -38.58 -32.53
C PHE C 178 -8.40 -39.89 -32.10
N VAL C 179 -7.07 -39.85 -32.03
CA VAL C 179 -6.23 -40.94 -31.51
C VAL C 179 -4.79 -40.46 -31.37
N GLU C 180 -4.41 -40.05 -30.15
CA GLU C 180 -3.06 -39.55 -29.88
C GLU C 180 -2.77 -39.70 -28.39
N LEU C 181 -1.56 -39.30 -27.98
CA LEU C 181 -1.15 -39.42 -26.58
C LEU C 181 0.04 -38.49 -26.33
N TYR C 182 -0.22 -37.38 -25.64
CA TYR C 182 0.82 -36.42 -25.27
C TYR C 182 0.36 -35.68 -24.03
N GLY C 183 1.30 -35.43 -23.13
CA GLY C 183 1.02 -34.62 -21.95
C GLY C 183 1.84 -35.07 -20.77
N THR C 184 1.59 -34.41 -19.64
CA THR C 184 2.16 -34.75 -18.36
C THR C 184 1.07 -35.32 -17.47
N GLU C 185 1.49 -36.15 -16.50
CA GLU C 185 0.57 -37.11 -15.87
C GLU C 185 -0.50 -36.44 -15.04
N GLU C 186 -0.13 -35.47 -14.19
CA GLU C 186 -1.04 -34.96 -13.18
C GLU C 186 -2.24 -34.25 -13.81
N TYR C 187 -2.00 -33.41 -14.80
CA TYR C 187 -3.04 -32.59 -15.41
C TYR C 187 -3.70 -33.27 -16.60
N LEU C 188 -4.03 -34.54 -16.50
CA LEU C 188 -4.49 -35.32 -17.65
C LEU C 188 -5.91 -35.83 -17.43
N HIS C 189 -6.68 -35.85 -18.52
CA HIS C 189 -8.03 -36.40 -18.48
C HIS C 189 -7.97 -37.89 -18.16
N PRO C 190 -8.95 -38.43 -17.44
CA PRO C 190 -8.90 -39.87 -17.10
C PRO C 190 -8.84 -40.78 -18.32
N ASP C 191 -9.45 -40.38 -19.44
CA ASP C 191 -9.36 -41.20 -20.66
C ASP C 191 -7.92 -41.31 -21.14
N MET C 192 -7.21 -40.18 -21.17
CA MET C 192 -5.83 -40.20 -21.66
C MET C 192 -4.87 -40.78 -20.62
N TYR C 193 -5.20 -40.69 -19.34
CA TYR C 193 -4.30 -41.20 -18.31
C TYR C 193 -4.10 -42.70 -18.45
N GLU C 194 -5.09 -43.42 -18.99
CA GLU C 194 -4.91 -44.84 -19.21
C GLU C 194 -4.10 -45.12 -20.46
N ARG C 195 -4.30 -44.34 -21.52
CA ARG C 195 -3.64 -44.57 -22.79
C ARG C 195 -2.26 -43.93 -22.89
N ALA C 196 -1.85 -43.16 -21.89
CA ALA C 196 -0.54 -42.51 -21.91
C ALA C 196 0.33 -42.87 -20.72
N VAL C 197 -0.21 -43.47 -19.67
CA VAL C 197 0.54 -43.84 -18.49
C VAL C 197 0.55 -45.35 -18.27
N LEU C 198 -0.57 -46.02 -18.51
CA LEU C 198 -0.71 -47.44 -18.19
C LEU C 198 -0.79 -48.32 -19.44
N ARG C 199 -0.22 -47.87 -20.57
CA ARG C 199 -0.21 -48.57 -21.85
C ARG C 199 -1.45 -49.43 -22.12
N LYS C 200 -2.64 -48.83 -22.02
CA LYS C 200 -3.89 -49.55 -22.22
C LYS C 200 -4.87 -48.63 -22.95
N ASP C 201 -5.50 -49.16 -24.00
CA ASP C 201 -6.38 -48.39 -24.86
C ASP C 201 -7.80 -48.94 -24.82
N HIS C 202 -8.74 -48.07 -25.19
CA HIS C 202 -10.14 -48.46 -25.34
C HIS C 202 -10.81 -47.45 -26.27
N GLN C 203 -12.03 -47.78 -26.69
CA GLN C 203 -12.75 -46.98 -27.69
C GLN C 203 -13.38 -45.72 -27.12
N LYS C 204 -13.07 -45.38 -25.86
CA LYS C 204 -13.61 -44.17 -25.25
C LYS C 204 -13.27 -42.95 -26.10
N LYS C 205 -14.21 -42.00 -26.15
CA LYS C 205 -14.10 -40.87 -27.05
C LYS C 205 -13.85 -39.58 -26.28
N TYR C 206 -13.74 -38.49 -27.03
CA TYR C 206 -13.39 -37.19 -26.49
C TYR C 206 -14.39 -36.13 -26.96
N GLY C 207 -14.06 -34.87 -26.76
CA GLY C 207 -14.80 -33.76 -27.33
C GLY C 207 -13.95 -32.51 -27.25
N ALA C 208 -14.58 -31.37 -26.97
CA ALA C 208 -13.87 -30.20 -26.50
C ALA C 208 -13.48 -30.30 -25.03
N THR C 209 -13.64 -31.48 -24.44
CA THR C 209 -13.59 -31.64 -22.99
C THR C 209 -12.22 -32.07 -22.46
N VAL C 210 -11.40 -32.73 -23.28
CA VAL C 210 -10.09 -33.19 -22.82
C VAL C 210 -9.25 -32.01 -22.36
N ASP C 211 -9.40 -30.85 -22.99
CA ASP C 211 -8.79 -29.64 -22.50
C ASP C 211 -9.46 -29.17 -21.21
N LEU C 212 -10.79 -29.32 -21.14
CA LEU C 212 -11.54 -28.79 -19.99
C LEU C 212 -11.12 -29.46 -18.68
N TRP C 213 -10.77 -30.75 -18.72
CA TRP C 213 -10.25 -31.40 -17.52
C TRP C 213 -8.89 -30.81 -17.14
N SER C 214 -7.97 -30.74 -18.10
CA SER C 214 -6.65 -30.17 -17.83
C SER C 214 -6.77 -28.73 -17.33
N ILE C 215 -7.72 -27.96 -17.90
CA ILE C 215 -7.96 -26.62 -17.42
C ILE C 215 -8.48 -26.65 -15.99
N GLY C 216 -9.32 -27.64 -15.66
CA GLY C 216 -9.85 -27.74 -14.31
C GLY C 216 -8.78 -28.05 -13.29
N VAL C 217 -7.93 -29.04 -13.58
CA VAL C 217 -6.86 -29.39 -12.66
C VAL C 217 -5.89 -28.23 -12.51
N THR C 218 -5.62 -27.51 -13.60
CA THR C 218 -4.71 -26.38 -13.55
C THR C 218 -5.27 -25.25 -12.70
N PHE C 219 -6.57 -24.98 -12.80
CA PHE C 219 -7.19 -23.92 -12.01
C PHE C 219 -7.17 -24.26 -10.53
N TYR C 220 -7.55 -25.49 -10.18
CA TYR C 220 -7.53 -25.90 -8.78
C TYR C 220 -6.13 -25.77 -8.19
N HIS C 221 -5.10 -26.13 -8.98
CA HIS C 221 -3.73 -26.01 -8.50
C HIS C 221 -3.37 -24.56 -8.18
N ALA C 222 -3.69 -23.64 -9.11
CA ALA C 222 -3.41 -22.23 -8.88
C ALA C 222 -4.26 -21.67 -7.75
N ALA C 223 -5.42 -22.27 -7.48
CA ALA C 223 -6.32 -21.73 -6.46
C ALA C 223 -5.95 -22.18 -5.06
N THR C 224 -5.35 -23.36 -4.92
CA THR C 224 -5.07 -23.93 -3.61
C THR C 224 -3.60 -24.22 -3.36
N GLY C 225 -2.76 -24.21 -4.38
CA GLY C 225 -1.37 -24.60 -4.24
C GLY C 225 -1.12 -26.09 -4.21
N SER C 226 -2.12 -26.90 -4.51
CA SER C 226 -1.97 -28.35 -4.46
C SER C 226 -2.77 -28.96 -5.60
N LEU C 227 -2.41 -30.19 -5.94
CA LEU C 227 -3.14 -30.91 -6.97
C LEU C 227 -4.44 -31.48 -6.39
N PRO C 228 -5.49 -31.56 -7.21
CA PRO C 228 -6.80 -32.00 -6.69
C PRO C 228 -6.92 -33.49 -6.44
N PHE C 229 -5.94 -34.30 -6.83
CA PHE C 229 -6.03 -35.75 -6.66
C PHE C 229 -4.67 -36.28 -6.27
N ARG C 230 -4.53 -36.71 -5.01
CA ARG C 230 -3.27 -37.14 -4.44
C ARG C 230 -3.42 -38.52 -3.80
N PRO C 231 -2.77 -39.56 -4.34
CA PRO C 231 -2.87 -40.93 -3.77
C PRO C 231 -1.84 -41.23 -2.68
N PHE C 232 -2.18 -40.80 -1.46
CA PHE C 232 -1.36 -41.00 -0.27
C PHE C 232 0.04 -40.42 -0.43
N GLU C 233 0.89 -41.08 -1.21
CA GLU C 233 2.23 -40.58 -1.48
C GLU C 233 2.18 -39.62 -2.67
N GLY C 234 3.32 -39.32 -3.27
CA GLY C 234 3.35 -38.50 -4.46
C GLY C 234 2.59 -39.15 -5.60
N PRO C 235 1.80 -38.36 -6.31
CA PRO C 235 1.02 -38.93 -7.43
C PRO C 235 1.86 -39.54 -8.53
N ARG C 236 3.15 -39.18 -8.60
CA ARG C 236 4.05 -39.73 -9.60
C ARG C 236 4.52 -41.14 -9.26
N ARG C 237 4.25 -41.64 -8.06
CA ARG C 237 4.69 -42.96 -7.64
C ARG C 237 3.58 -43.99 -7.63
N ASN C 238 2.37 -43.61 -7.20
CA ASN C 238 1.23 -44.53 -7.17
C ASN C 238 0.52 -44.41 -8.52
N LYS C 239 1.08 -45.09 -9.52
CA LYS C 239 0.53 -45.04 -10.87
C LYS C 239 -0.88 -45.63 -10.93
N GLU C 240 -1.19 -46.57 -10.04
CA GLU C 240 -2.47 -47.26 -10.08
C GLU C 240 -3.53 -46.55 -9.23
N VAL C 241 -3.18 -46.15 -8.01
CA VAL C 241 -4.15 -45.54 -7.11
C VAL C 241 -4.61 -44.19 -7.67
N MET C 242 -3.70 -43.45 -8.31
CA MET C 242 -4.08 -42.19 -8.95
C MET C 242 -5.17 -42.42 -10.00
N TYR C 243 -5.09 -43.53 -10.73
CA TYR C 243 -6.11 -43.85 -11.72
C TYR C 243 -7.44 -44.18 -11.04
N LYS C 244 -7.39 -44.96 -9.96
CA LYS C 244 -8.62 -45.36 -9.26
C LYS C 244 -9.39 -44.16 -8.74
N ILE C 245 -8.71 -43.05 -8.48
CA ILE C 245 -9.36 -41.88 -7.90
C ILE C 245 -10.16 -41.11 -8.95
N ILE C 246 -9.50 -40.74 -10.05
CA ILE C 246 -10.14 -39.91 -11.06
C ILE C 246 -11.28 -40.65 -11.75
N THR C 247 -11.21 -41.99 -11.80
CA THR C 247 -12.26 -42.76 -12.47
C THR C 247 -13.51 -42.84 -11.62
N GLY C 248 -13.36 -43.02 -10.31
CA GLY C 248 -14.50 -43.11 -9.42
C GLY C 248 -14.85 -41.81 -8.73
N LYS C 249 -14.40 -40.70 -9.31
CA LYS C 249 -14.66 -39.36 -8.78
C LYS C 249 -16.16 -39.11 -8.78
N PRO C 250 -16.77 -38.96 -7.60
CA PRO C 250 -18.22 -38.78 -7.55
C PRO C 250 -18.65 -37.45 -8.13
N SER C 251 -19.87 -37.42 -8.65
CA SER C 251 -20.42 -36.21 -9.23
C SER C 251 -20.46 -35.10 -8.19
N GLY C 252 -19.91 -33.94 -8.54
CA GLY C 252 -19.85 -32.79 -7.67
C GLY C 252 -18.51 -32.60 -6.98
N ALA C 253 -17.80 -33.69 -6.71
CA ALA C 253 -16.51 -33.60 -6.05
C ALA C 253 -15.48 -32.94 -6.96
N ILE C 254 -14.61 -32.13 -6.37
CA ILE C 254 -13.53 -31.47 -7.10
C ILE C 254 -12.16 -31.81 -6.55
N SER C 255 -12.08 -32.68 -5.55
CA SER C 255 -10.79 -33.06 -4.98
C SER C 255 -10.93 -34.39 -4.27
N GLY C 256 -9.95 -35.27 -4.47
CA GLY C 256 -9.89 -36.54 -3.77
C GLY C 256 -8.50 -36.80 -3.24
N VAL C 257 -8.37 -36.99 -1.93
CA VAL C 257 -7.07 -37.18 -1.28
C VAL C 257 -7.13 -38.42 -0.41
N GLN C 258 -6.27 -39.38 -0.71
CA GLN C 258 -6.12 -40.57 0.12
C GLN C 258 -5.19 -40.24 1.28
N LYS C 259 -5.72 -40.20 2.50
CA LYS C 259 -4.93 -39.77 3.65
C LYS C 259 -4.21 -40.93 4.33
N ALA C 260 -4.75 -42.14 4.23
CA ALA C 260 -4.13 -43.33 4.80
C ALA C 260 -3.78 -44.31 3.67
N GLU C 261 -2.65 -44.99 3.83
CA GLU C 261 -2.15 -45.86 2.77
C GLU C 261 -3.13 -46.99 2.49
N ASN C 262 -3.49 -47.15 1.20
CA ASN C 262 -4.47 -48.14 0.76
C ASN C 262 -5.80 -48.00 1.50
N GLY C 263 -6.07 -46.82 2.05
CA GLY C 263 -7.28 -46.61 2.81
C GLY C 263 -8.30 -45.81 2.03
N PRO C 264 -9.24 -45.20 2.75
CA PRO C 264 -10.31 -44.43 2.08
C PRO C 264 -9.77 -43.16 1.45
N ILE C 265 -10.55 -42.62 0.52
CA ILE C 265 -10.24 -41.39 -0.19
C ILE C 265 -11.24 -40.33 0.23
N ASP C 266 -10.77 -39.28 0.89
CA ASP C 266 -11.63 -38.21 1.37
C ASP C 266 -12.05 -37.33 0.18
N TRP C 267 -13.34 -37.37 -0.16
CA TRP C 267 -13.87 -36.60 -1.27
C TRP C 267 -14.43 -35.28 -0.74
N SER C 268 -13.91 -34.16 -1.24
CA SER C 268 -14.39 -32.84 -0.87
C SER C 268 -15.01 -32.16 -2.09
N GLY C 269 -16.00 -31.31 -1.83
CA GLY C 269 -16.71 -30.62 -2.89
C GLY C 269 -16.54 -29.12 -2.85
N ASP C 270 -15.75 -28.62 -1.91
CA ASP C 270 -15.49 -27.19 -1.79
C ASP C 270 -14.00 -26.98 -1.57
N MET C 271 -13.59 -25.71 -1.62
CA MET C 271 -12.18 -25.37 -1.48
C MET C 271 -11.69 -25.71 -0.07
N PRO C 272 -10.39 -25.97 0.08
CA PRO C 272 -9.82 -26.08 1.43
C PRO C 272 -9.84 -24.73 2.12
N VAL C 273 -9.77 -24.76 3.45
CA VAL C 273 -9.73 -23.53 4.23
C VAL C 273 -8.45 -22.76 3.92
N SER C 274 -7.35 -23.48 3.70
CA SER C 274 -6.07 -22.85 3.40
C SER C 274 -6.12 -21.99 2.13
N CYS C 275 -7.14 -22.19 1.29
CA CYS C 275 -7.24 -21.42 0.05
C CYS C 275 -7.34 -19.93 0.36
N SER C 276 -6.63 -19.14 -0.45
CA SER C 276 -6.59 -17.69 -0.24
C SER C 276 -7.81 -16.98 -0.82
N LEU C 277 -8.50 -17.60 -1.76
CA LEU C 277 -9.57 -16.91 -2.47
C LEU C 277 -10.72 -16.55 -1.53
N SER C 278 -11.42 -15.48 -1.87
CA SER C 278 -12.51 -14.99 -1.02
C SER C 278 -13.68 -15.95 -1.05
N ARG C 279 -14.48 -15.91 0.03
CA ARG C 279 -15.71 -16.68 0.07
C ARG C 279 -16.66 -16.28 -1.05
N GLY C 280 -16.63 -15.00 -1.45
CA GLY C 280 -17.49 -14.56 -2.54
C GLY C 280 -17.14 -15.23 -3.86
N LEU C 281 -15.83 -15.40 -4.12
CA LEU C 281 -15.42 -16.03 -5.37
C LEU C 281 -15.55 -17.54 -5.33
N GLN C 282 -15.29 -18.15 -4.16
CA GLN C 282 -15.34 -19.60 -4.06
C GLN C 282 -16.69 -20.15 -4.50
N VAL C 283 -17.78 -19.49 -4.09
CA VAL C 283 -19.11 -19.96 -4.46
C VAL C 283 -19.35 -19.83 -5.96
N LEU C 284 -18.60 -18.98 -6.65
CA LEU C 284 -18.69 -18.87 -8.11
C LEU C 284 -17.74 -19.81 -8.82
N LEU C 285 -16.54 -20.00 -8.28
CA LEU C 285 -15.53 -20.82 -8.93
C LEU C 285 -15.81 -22.32 -8.75
N THR C 286 -16.23 -22.73 -7.54
CA THR C 286 -16.49 -24.14 -7.28
C THR C 286 -17.39 -24.82 -8.32
N PRO C 287 -18.56 -24.27 -8.68
CA PRO C 287 -19.39 -25.00 -9.67
C PRO C 287 -18.73 -25.12 -11.04
N VAL C 288 -17.96 -24.12 -11.45
CA VAL C 288 -17.24 -24.20 -12.72
C VAL C 288 -16.25 -25.37 -12.68
N LEU C 289 -15.49 -25.46 -11.59
CA LEU C 289 -14.54 -26.57 -11.46
C LEU C 289 -15.24 -27.92 -11.41
N ALA C 290 -16.47 -27.95 -10.89
CA ALA C 290 -17.18 -29.22 -10.74
C ALA C 290 -17.52 -29.83 -12.09
N ASN C 291 -18.15 -29.05 -12.97
CA ASN C 291 -18.65 -29.59 -14.22
C ASN C 291 -17.52 -29.93 -15.19
N ILE C 292 -16.42 -29.20 -15.15
CA ILE C 292 -15.33 -29.50 -16.07
C ILE C 292 -14.48 -30.66 -15.57
N LEU C 293 -14.51 -30.93 -14.27
CA LEU C 293 -13.76 -32.06 -13.73
C LEU C 293 -14.62 -33.30 -13.72
N GLU C 294 -15.60 -33.34 -14.62
CA GLU C 294 -16.46 -34.50 -14.76
C GLU C 294 -15.78 -35.51 -15.69
N ALA C 295 -15.60 -36.73 -15.20
CA ALA C 295 -14.86 -37.73 -15.96
C ALA C 295 -15.59 -38.12 -17.25
N ASP C 296 -16.85 -38.51 -17.13
CA ASP C 296 -17.60 -38.96 -18.29
C ASP C 296 -18.10 -37.78 -19.10
N GLN C 297 -18.18 -37.96 -20.41
CA GLN C 297 -18.64 -36.92 -21.33
C GLN C 297 -20.15 -36.72 -21.28
N GLU C 298 -20.88 -37.53 -20.52
CA GLU C 298 -22.32 -37.37 -20.43
C GLU C 298 -22.70 -36.19 -19.54
N LYS C 299 -21.97 -35.98 -18.44
CA LYS C 299 -22.25 -34.90 -17.51
C LYS C 299 -21.22 -33.78 -17.56
N CYS C 300 -20.31 -33.81 -18.51
CA CYS C 300 -19.35 -32.71 -18.67
C CYS C 300 -20.09 -31.48 -19.21
N TRP C 301 -19.34 -30.40 -19.41
CA TRP C 301 -19.96 -29.11 -19.70
C TRP C 301 -19.93 -28.72 -21.17
N GLY C 302 -18.86 -29.04 -21.90
CA GLY C 302 -18.68 -28.48 -23.21
C GLY C 302 -18.18 -27.04 -23.15
N PHE C 303 -17.56 -26.60 -24.24
CA PHE C 303 -16.82 -25.33 -24.18
C PHE C 303 -17.75 -24.12 -24.25
N ASP C 304 -18.80 -24.17 -25.09
CA ASP C 304 -19.69 -23.03 -25.21
C ASP C 304 -20.28 -22.64 -23.88
N GLN C 305 -20.66 -23.62 -23.05
CA GLN C 305 -21.17 -23.31 -21.73
C GLN C 305 -20.06 -22.89 -20.78
N PHE C 306 -18.92 -23.60 -20.83
CA PHE C 306 -17.80 -23.26 -19.96
C PHE C 306 -17.31 -21.83 -20.20
N PHE C 307 -17.31 -21.39 -21.46
CA PHE C 307 -16.84 -20.04 -21.78
C PHE C 307 -17.77 -18.98 -21.22
N ALA C 308 -19.06 -19.07 -21.56
CA ALA C 308 -20.01 -18.05 -21.11
C ALA C 308 -20.14 -18.05 -19.59
N GLU C 309 -19.86 -19.17 -18.93
CA GLU C 309 -19.97 -19.22 -17.48
C GLU C 309 -18.82 -18.46 -16.82
N THR C 310 -17.59 -18.75 -17.23
CA THR C 310 -16.44 -18.02 -16.70
C THR C 310 -16.45 -16.56 -17.15
N SER C 311 -17.03 -16.28 -18.31
CA SER C 311 -17.19 -14.89 -18.75
C SER C 311 -18.04 -14.10 -17.76
N ASP C 312 -19.03 -14.74 -17.15
CA ASP C 312 -19.86 -14.08 -16.15
C ASP C 312 -19.03 -13.72 -14.92
N ILE C 313 -18.19 -14.63 -14.45
CA ILE C 313 -17.33 -14.34 -13.30
C ILE C 313 -16.41 -13.17 -13.61
N LEU C 314 -15.86 -13.12 -14.82
CA LEU C 314 -14.90 -12.09 -15.18
C LEU C 314 -15.54 -10.74 -15.42
N HIS C 315 -16.77 -10.69 -15.93
CA HIS C 315 -17.43 -9.43 -16.22
C HIS C 315 -17.98 -8.73 -14.98
N ARG C 316 -17.92 -9.39 -13.82
CA ARG C 316 -18.40 -8.79 -12.59
C ARG C 316 -17.32 -7.90 -11.97
N MET C 317 -17.78 -6.88 -11.25
CA MET C 317 -16.91 -6.07 -10.41
C MET C 317 -17.05 -6.52 -8.96
N VAL C 318 -16.29 -5.88 -8.08
CA VAL C 318 -16.26 -6.24 -6.66
C VAL C 318 -16.54 -5.00 -5.83
N ILE C 319 -17.51 -5.10 -4.92
CA ILE C 319 -17.76 -4.10 -3.90
C ILE C 319 -17.36 -4.72 -2.56
N HIS C 320 -16.52 -4.01 -1.81
CA HIS C 320 -15.98 -4.52 -0.55
C HIS C 320 -16.91 -4.17 0.61
N VAL C 321 -17.21 -5.17 1.44
CA VAL C 321 -18.18 -5.05 2.52
C VAL C 321 -17.63 -5.79 3.74
N PHE C 322 -17.65 -5.14 4.89
CA PHE C 322 -17.17 -5.72 6.14
C PHE C 322 -18.32 -5.77 7.14
N SER C 323 -18.62 -6.98 7.63
CA SER C 323 -19.67 -7.17 8.62
C SER C 323 -19.12 -6.82 9.99
N LEU C 324 -19.62 -5.73 10.58
CA LEU C 324 -19.03 -5.21 11.81
C LEU C 324 -19.36 -6.11 13.01
N GLN C 325 -20.57 -6.67 13.04
CA GLN C 325 -20.95 -7.52 14.16
C GLN C 325 -20.34 -8.92 14.08
N GLN C 326 -20.02 -9.39 12.87
CA GLN C 326 -19.44 -10.71 12.70
C GLN C 326 -17.92 -10.68 12.59
N MET C 327 -17.32 -9.50 12.42
CA MET C 327 -15.89 -9.34 12.20
C MET C 327 -15.42 -10.24 11.05
N THR C 328 -16.06 -10.03 9.89
CA THR C 328 -15.77 -10.80 8.68
C THR C 328 -15.74 -9.86 7.50
N ALA C 329 -14.73 -10.01 6.64
CA ALA C 329 -14.65 -9.24 5.41
C ALA C 329 -15.29 -10.04 4.27
N HIS C 330 -15.80 -9.31 3.27
CA HIS C 330 -16.53 -9.95 2.19
C HIS C 330 -16.28 -9.23 0.88
N LYS C 331 -16.08 -10.01 -0.18
CA LYS C 331 -16.01 -9.49 -1.53
C LYS C 331 -17.29 -9.86 -2.26
N ILE C 332 -17.93 -8.87 -2.87
CA ILE C 332 -19.25 -9.02 -3.47
C ILE C 332 -19.10 -8.91 -4.98
N TYR C 333 -19.25 -10.04 -5.67
CA TYR C 333 -19.09 -10.11 -7.13
C TYR C 333 -20.43 -9.76 -7.78
N ILE C 334 -20.58 -8.48 -8.13
CA ILE C 334 -21.82 -7.97 -8.69
C ILE C 334 -21.53 -7.42 -10.09
N HIS C 335 -22.56 -7.42 -10.94
CA HIS C 335 -22.42 -6.89 -12.29
C HIS C 335 -22.52 -5.37 -12.29
N SER C 336 -21.84 -4.76 -13.27
CA SER C 336 -21.86 -3.30 -13.38
C SER C 336 -23.27 -2.78 -13.62
N TYR C 337 -24.05 -3.48 -14.45
CA TYR C 337 -25.42 -3.09 -14.73
C TYR C 337 -26.40 -3.52 -13.66
N ASN C 338 -25.97 -4.35 -12.70
CA ASN C 338 -26.87 -4.82 -11.66
C ASN C 338 -27.38 -3.66 -10.81
N THR C 339 -28.64 -3.73 -10.43
CA THR C 339 -29.27 -2.68 -9.63
C THR C 339 -28.79 -2.76 -8.18
N ALA C 340 -29.25 -1.83 -7.35
CA ALA C 340 -28.89 -1.85 -5.94
C ALA C 340 -29.61 -2.93 -5.16
N THR C 341 -30.76 -3.40 -5.66
CA THR C 341 -31.53 -4.42 -4.94
C THR C 341 -30.76 -5.74 -4.87
N ILE C 342 -30.18 -6.16 -6.00
CA ILE C 342 -29.47 -7.44 -6.04
C ILE C 342 -28.21 -7.38 -5.19
N PHE C 343 -27.64 -6.19 -4.99
CA PHE C 343 -26.51 -6.05 -4.08
C PHE C 343 -26.84 -6.59 -2.70
N HIS C 344 -28.03 -6.25 -2.18
CA HIS C 344 -28.43 -6.73 -0.87
C HIS C 344 -28.59 -8.24 -0.85
N GLU C 345 -29.05 -8.82 -1.98
CA GLU C 345 -29.13 -10.27 -2.08
C GLU C 345 -27.77 -10.92 -1.83
N LEU C 346 -26.73 -10.39 -2.46
CA LEU C 346 -25.41 -10.99 -2.33
C LEU C 346 -24.88 -10.87 -0.90
N VAL C 347 -25.21 -9.76 -0.22
CA VAL C 347 -24.84 -9.61 1.18
C VAL C 347 -25.58 -10.63 2.03
N TYR C 348 -26.85 -10.89 1.70
CA TYR C 348 -27.62 -11.89 2.42
C TYR C 348 -26.95 -13.27 2.34
N LYS C 349 -26.66 -13.74 1.13
CA LYS C 349 -26.15 -15.09 0.96
C LYS C 349 -24.83 -15.33 1.70
N GLN C 350 -24.11 -14.27 2.05
CA GLN C 350 -22.80 -14.41 2.68
C GLN C 350 -22.82 -14.11 4.18
N THR C 351 -23.70 -13.21 4.64
CA THR C 351 -23.73 -12.81 6.04
C THR C 351 -25.04 -13.13 6.74
N LYS C 352 -26.04 -13.66 6.03
CA LYS C 352 -27.34 -14.03 6.61
C LYS C 352 -28.05 -12.80 7.20
N ILE C 353 -27.87 -11.65 6.55
CA ILE C 353 -28.53 -10.41 6.95
C ILE C 353 -29.50 -10.05 5.84
N ILE C 354 -30.80 -10.19 6.10
CA ILE C 354 -31.78 -9.82 5.11
C ILE C 354 -31.71 -8.31 4.88
N SER C 355 -32.16 -7.89 3.69
CA SER C 355 -32.02 -6.50 3.28
C SER C 355 -32.85 -5.53 4.11
N SER C 356 -33.78 -6.03 4.92
CA SER C 356 -34.58 -5.13 5.75
C SER C 356 -33.78 -4.59 6.92
N ASN C 357 -32.83 -5.37 7.44
CA ASN C 357 -31.96 -4.94 8.52
C ASN C 357 -30.50 -4.82 8.07
N GLN C 358 -30.31 -4.34 6.84
CA GLN C 358 -28.97 -4.06 6.31
C GLN C 358 -28.75 -2.55 6.39
N GLU C 359 -27.98 -2.12 7.39
CA GLU C 359 -27.61 -0.72 7.55
C GLU C 359 -26.18 -0.54 7.05
N LEU C 360 -25.97 0.47 6.21
CA LEU C 360 -24.71 0.65 5.50
C LEU C 360 -24.04 1.94 5.93
N ILE C 361 -22.79 1.83 6.37
CA ILE C 361 -21.96 2.98 6.71
C ILE C 361 -20.78 3.02 5.74
N TYR C 362 -20.43 4.23 5.30
CA TYR C 362 -19.29 4.39 4.41
C TYR C 362 -18.68 5.77 4.61
N GLU C 363 -17.39 5.79 4.94
CA GLU C 363 -16.62 7.03 5.11
C GLU C 363 -17.33 8.01 6.04
N GLY C 364 -17.68 7.50 7.23
CA GLY C 364 -18.13 8.31 8.32
C GLY C 364 -19.62 8.53 8.43
N ARG C 365 -20.40 8.23 7.39
CA ARG C 365 -21.83 8.48 7.41
C ARG C 365 -22.58 7.24 6.96
N ARG C 366 -23.90 7.25 7.19
CA ARG C 366 -24.78 6.23 6.65
C ARG C 366 -24.73 6.27 5.12
N LEU C 367 -25.22 5.19 4.51
CA LEU C 367 -25.28 5.09 3.05
C LEU C 367 -26.72 4.84 2.63
N VAL C 368 -27.25 5.76 1.84
CA VAL C 368 -28.61 5.64 1.31
C VAL C 368 -28.54 4.89 -0.02
N LEU C 369 -29.44 3.93 -0.22
CA LEU C 369 -29.40 3.04 -1.37
C LEU C 369 -30.69 3.18 -2.16
N GLU C 370 -30.61 3.89 -3.28
CA GLU C 370 -31.74 3.99 -4.19
C GLU C 370 -31.96 2.63 -4.84
N PRO C 371 -33.16 2.05 -4.76
CA PRO C 371 -33.36 0.67 -5.22
C PRO C 371 -33.01 0.42 -6.68
N GLY C 372 -32.79 1.46 -7.48
CA GLY C 372 -32.49 1.26 -8.88
C GLY C 372 -31.12 1.74 -9.31
N ARG C 373 -30.31 2.18 -8.35
CA ARG C 373 -28.99 2.70 -8.67
C ARG C 373 -28.06 1.58 -9.15
N LEU C 374 -27.27 1.89 -10.18
CA LEU C 374 -26.39 0.89 -10.77
C LEU C 374 -25.14 0.68 -9.94
N ALA C 375 -24.65 -0.56 -9.94
CA ALA C 375 -23.46 -0.91 -9.16
C ALA C 375 -22.20 -0.25 -9.69
N GLN C 376 -22.18 0.15 -10.97
CA GLN C 376 -21.03 0.87 -11.51
C GLN C 376 -20.94 2.30 -11.03
N HIS C 377 -21.89 2.74 -10.19
CA HIS C 377 -21.82 4.07 -9.58
C HIS C 377 -21.93 3.99 -8.06
N PHE C 378 -21.66 2.82 -7.47
CA PHE C 378 -21.53 2.72 -6.03
C PHE C 378 -20.26 3.44 -5.59
N PRO C 379 -20.15 3.76 -4.30
CA PRO C 379 -18.89 4.34 -3.79
C PRO C 379 -17.72 3.39 -4.03
N LYS C 380 -16.63 3.93 -4.55
CA LYS C 380 -15.44 3.13 -4.80
C LYS C 380 -14.91 2.55 -3.49
N THR C 381 -14.64 1.25 -3.49
CA THR C 381 -14.30 0.54 -2.26
C THR C 381 -13.00 -0.21 -2.44
N THR C 382 -12.01 0.11 -1.60
CA THR C 382 -10.85 -0.73 -1.43
C THR C 382 -11.15 -1.77 -0.35
N GLU C 383 -10.19 -2.65 -0.08
CA GLU C 383 -10.40 -3.62 0.99
C GLU C 383 -10.28 -2.97 2.35
N GLU C 384 -9.35 -2.02 2.49
CA GLU C 384 -9.21 -1.25 3.72
C GLU C 384 -10.22 -0.12 3.84
N ASN C 385 -10.97 0.17 2.79
CA ASN C 385 -12.05 1.15 2.83
C ASN C 385 -13.33 0.47 2.36
N PRO C 386 -13.89 -0.44 3.15
CA PRO C 386 -15.08 -1.18 2.71
C PRO C 386 -16.37 -0.45 3.07
N ILE C 387 -17.50 -1.04 2.72
CA ILE C 387 -18.79 -0.60 3.21
C ILE C 387 -19.15 -1.47 4.40
N PHE C 388 -19.35 -0.84 5.56
CA PHE C 388 -19.69 -1.56 6.77
C PHE C 388 -21.18 -1.87 6.81
N VAL C 389 -21.53 -3.08 7.24
CA VAL C 389 -22.91 -3.51 7.36
C VAL C 389 -23.18 -3.89 8.81
N VAL C 390 -24.26 -3.37 9.36
CA VAL C 390 -24.70 -3.70 10.71
C VAL C 390 -26.21 -3.90 10.69
N SER C 391 -26.69 -4.74 11.60
CA SER C 391 -28.11 -4.89 11.87
C SER C 391 -28.37 -4.49 13.31
N ARG C 392 -29.64 -4.32 13.65
CA ARG C 392 -30.03 -4.15 15.04
C ARG C 392 -30.34 -5.47 15.71
N GLU C 393 -30.26 -6.60 14.96
CA GLU C 393 -30.46 -8.00 15.27
C GLU C 393 -29.15 -8.66 15.69
N PRO C 394 -29.19 -9.62 16.61
CA PRO C 394 -27.96 -10.23 17.10
C PRO C 394 -27.30 -11.11 16.06
N LEU C 395 -25.99 -11.20 16.13
CA LEU C 395 -25.21 -11.99 15.18
C LEU C 395 -24.01 -12.58 15.89
N ASP C 396 -23.71 -13.84 15.55
CA ASP C 396 -22.53 -14.50 16.09
C ASP C 396 -21.27 -13.83 15.57
N THR C 397 -20.41 -13.36 16.48
CA THR C 397 -19.14 -12.75 16.11
C THR C 397 -18.16 -13.86 15.76
N ILE C 398 -17.90 -14.03 14.46
CA ILE C 398 -17.12 -15.16 13.97
C ILE C 398 -15.62 -14.86 13.97
N GLY C 399 -15.23 -13.69 13.48
CA GLY C 399 -13.82 -13.42 13.27
C GLY C 399 -13.34 -14.07 11.98
N LEU C 400 -12.02 -14.23 11.87
CA LEU C 400 -11.41 -14.86 10.71
C LEU C 400 -11.24 -16.35 10.98
N ILE C 401 -11.64 -17.17 10.01
CA ILE C 401 -11.48 -18.62 10.09
C ILE C 401 -10.28 -18.99 9.23
N TYR C 402 -9.16 -19.28 9.87
CA TYR C 402 -7.96 -19.73 9.18
C TYR C 402 -7.64 -21.15 9.58
N GLU C 403 -6.65 -21.73 8.91
CA GLU C 403 -6.23 -23.11 9.15
C GLU C 403 -4.99 -23.12 10.03
N LYS C 404 -5.06 -23.87 11.13
CA LYS C 404 -3.95 -24.01 12.06
C LYS C 404 -2.94 -24.97 11.45
N ILE C 405 -1.87 -24.42 10.88
CA ILE C 405 -0.87 -25.19 10.15
C ILE C 405 0.45 -25.09 10.92
N SER C 406 0.88 -26.20 11.51
CA SER C 406 2.14 -26.25 12.22
C SER C 406 3.26 -26.70 11.31
N LEU C 407 4.50 -26.45 11.74
CA LEU C 407 5.65 -26.75 10.92
C LEU C 407 5.83 -28.25 10.77
N PRO C 408 6.28 -28.72 9.60
CA PRO C 408 6.61 -30.14 9.46
C PRO C 408 7.81 -30.50 10.32
N LYS C 409 7.95 -31.80 10.60
CA LYS C 409 9.10 -32.26 11.36
C LYS C 409 10.35 -32.20 10.48
N VAL C 410 11.32 -31.40 10.89
CA VAL C 410 12.55 -31.24 10.12
C VAL C 410 13.38 -32.51 10.25
N HIS C 411 13.64 -33.16 9.13
CA HIS C 411 14.37 -34.42 9.16
C HIS C 411 15.86 -34.15 9.41
N PRO C 412 16.51 -34.89 10.32
CA PRO C 412 17.90 -34.57 10.66
C PRO C 412 18.92 -35.09 9.67
N ARG C 413 18.58 -36.05 8.82
CA ARG C 413 19.55 -36.61 7.88
C ARG C 413 19.96 -35.57 6.86
N TYR C 414 21.26 -35.55 6.53
CA TYR C 414 21.76 -34.68 5.47
C TYR C 414 21.34 -35.26 4.13
N ASP C 415 20.36 -34.62 3.49
CA ASP C 415 19.83 -35.08 2.20
C ASP C 415 19.62 -33.85 1.33
N LEU C 416 20.39 -33.76 0.23
CA LEU C 416 20.28 -32.62 -0.66
C LEU C 416 18.86 -32.48 -1.20
N ASP C 417 18.22 -33.60 -1.52
CA ASP C 417 16.86 -33.56 -2.04
C ASP C 417 15.84 -33.30 -0.92
N GLY C 418 16.00 -34.01 0.20
CA GLY C 418 15.06 -33.84 1.31
C GLY C 418 15.08 -32.43 1.88
N ASP C 419 16.29 -31.89 2.11
CA ASP C 419 16.41 -30.55 2.66
C ASP C 419 15.78 -29.51 1.73
N ALA C 420 16.00 -29.64 0.42
CA ALA C 420 15.42 -28.71 -0.52
C ALA C 420 13.90 -28.83 -0.56
N SER C 421 13.38 -30.06 -0.57
CA SER C 421 11.93 -30.24 -0.58
C SER C 421 11.30 -29.88 0.76
N MET C 422 12.07 -29.96 1.84
CA MET C 422 11.54 -29.58 3.16
C MET C 422 11.56 -28.07 3.34
N ALA C 423 12.62 -27.40 2.90
CA ALA C 423 12.67 -25.94 2.99
C ALA C 423 11.53 -25.30 2.21
N LYS C 424 11.08 -25.95 1.14
CA LYS C 424 9.94 -25.45 0.38
C LYS C 424 8.68 -25.41 1.23
N ALA C 425 8.37 -26.53 1.89
CA ALA C 425 7.12 -26.62 2.64
C ALA C 425 7.15 -25.73 3.87
N ILE C 426 8.25 -25.77 4.63
CA ILE C 426 8.31 -25.04 5.90
C ILE C 426 8.30 -23.54 5.67
N THR C 427 8.93 -23.07 4.58
CA THR C 427 8.83 -21.66 4.23
C THR C 427 7.41 -21.30 3.82
N GLY C 428 6.74 -22.21 3.10
CA GLY C 428 5.36 -21.96 2.73
C GLY C 428 4.44 -21.84 3.93
N VAL C 429 4.75 -22.59 5.00
CA VAL C 429 3.94 -22.51 6.22
C VAL C 429 4.11 -21.14 6.87
N VAL C 430 5.34 -20.65 6.96
CA VAL C 430 5.56 -19.31 7.50
C VAL C 430 4.95 -18.26 6.57
N CYS C 431 4.88 -18.54 5.27
CA CYS C 431 4.20 -17.64 4.34
C CYS C 431 2.71 -17.57 4.64
N TYR C 432 2.07 -18.73 4.83
CA TYR C 432 0.65 -18.76 5.18
C TYR C 432 0.41 -18.10 6.53
N ALA C 433 1.33 -18.31 7.48
CA ALA C 433 1.19 -17.67 8.78
C ALA C 433 1.30 -16.15 8.66
N CYS C 434 2.23 -15.66 7.85
CA CYS C 434 2.37 -14.22 7.67
C CYS C 434 1.18 -13.64 6.93
N ARG C 435 0.63 -14.38 5.96
CA ARG C 435 -0.61 -13.98 5.32
C ARG C 435 -1.70 -13.70 6.34
N ILE C 436 -1.97 -14.69 7.20
CA ILE C 436 -3.04 -14.56 8.20
C ILE C 436 -2.72 -13.43 9.16
N ALA C 437 -1.45 -13.33 9.57
CA ALA C 437 -1.06 -12.26 10.50
C ALA C 437 -1.41 -10.88 9.96
N SER C 438 -1.32 -10.70 8.63
CA SER C 438 -1.72 -9.42 8.05
C SER C 438 -3.23 -9.28 8.03
N THR C 439 -3.95 -10.38 7.75
CA THR C 439 -5.40 -10.34 7.74
C THR C 439 -5.95 -9.99 9.13
N LEU C 440 -5.39 -10.62 10.17
CA LEU C 440 -5.85 -10.34 11.53
C LEU C 440 -5.73 -8.87 11.87
N LEU C 441 -4.60 -8.25 11.51
CA LEU C 441 -4.41 -6.84 11.83
C LEU C 441 -5.36 -5.96 11.04
N LEU C 442 -5.67 -6.33 9.79
CA LEU C 442 -6.65 -5.59 9.02
C LEU C 442 -8.02 -5.66 9.67
N TYR C 443 -8.48 -6.88 9.99
CA TYR C 443 -9.77 -7.05 10.65
C TYR C 443 -9.86 -6.21 11.93
N GLN C 444 -8.79 -6.21 12.73
CA GLN C 444 -8.80 -5.42 13.96
C GLN C 444 -8.84 -3.93 13.68
N GLU C 445 -8.07 -3.47 12.68
CA GLU C 445 -8.08 -2.06 12.34
C GLU C 445 -9.39 -1.64 11.68
N LEU C 446 -10.06 -2.56 10.99
CA LEU C 446 -11.37 -2.24 10.42
C LEU C 446 -12.43 -2.18 11.51
N MET C 447 -12.37 -3.08 12.49
CA MET C 447 -13.28 -3.00 13.63
C MET C 447 -13.13 -1.66 14.34
N ARG C 448 -11.90 -1.19 14.51
CA ARG C 448 -11.69 0.11 15.13
C ARG C 448 -12.28 1.22 14.27
N LYS C 449 -12.11 1.14 12.94
CA LYS C 449 -12.67 2.16 12.06
C LYS C 449 -14.19 2.09 12.02
N GLY C 450 -14.76 0.90 12.16
CA GLY C 450 -16.20 0.74 12.13
C GLY C 450 -16.87 1.17 13.43
N ILE C 451 -16.32 0.73 14.56
CA ILE C 451 -16.90 1.08 15.86
C ILE C 451 -16.84 2.59 16.08
N ARG C 452 -15.76 3.23 15.62
CA ARG C 452 -15.64 4.67 15.74
C ARG C 452 -16.74 5.38 14.92
N TRP C 453 -17.04 4.86 13.73
CA TRP C 453 -18.08 5.45 12.91
C TRP C 453 -19.47 5.18 13.47
N LEU C 454 -19.73 3.92 13.85
CA LEU C 454 -21.06 3.56 14.34
C LEU C 454 -21.42 4.33 15.61
N ILE C 455 -20.46 4.48 16.53
CA ILE C 455 -20.71 5.25 17.74
C ILE C 455 -21.09 6.68 17.39
N GLU C 456 -20.39 7.27 16.42
CA GLU C 456 -20.76 8.61 15.96
C GLU C 456 -22.11 8.61 15.27
N LEU C 457 -22.51 7.48 14.68
CA LEU C 457 -23.83 7.41 14.04
C LEU C 457 -24.94 7.37 15.08
N ILE C 458 -24.74 6.61 16.16
CA ILE C 458 -25.75 6.55 17.20
C ILE C 458 -25.95 7.91 17.84
N LYS C 459 -24.89 8.71 17.93
CA LYS C 459 -25.02 10.09 18.38
C LYS C 459 -25.91 10.89 17.45
N ASP C 460 -25.89 10.58 16.15
CA ASP C 460 -26.79 11.25 15.21
C ASP C 460 -28.24 10.79 15.44
N ASP C 461 -28.45 9.49 15.61
CA ASP C 461 -29.78 9.00 15.92
C ASP C 461 -30.29 9.56 17.24
N TYR C 462 -29.41 9.68 18.24
CA TYR C 462 -29.80 10.29 19.50
C TYR C 462 -30.19 11.75 19.29
N ASN C 463 -29.34 12.52 18.61
CA ASN C 463 -29.63 13.93 18.40
C ASN C 463 -30.88 14.15 17.55
N GLU C 464 -31.20 13.18 16.68
CA GLU C 464 -32.43 13.31 15.88
C GLU C 464 -33.67 13.20 16.76
N THR C 465 -33.64 12.34 17.78
CA THR C 465 -34.81 12.15 18.63
C THR C 465 -34.92 13.27 19.67
N VAL C 466 -33.79 13.70 20.23
CA VAL C 466 -33.82 14.84 21.15
C VAL C 466 -34.17 16.12 20.40
N HIS C 467 -33.90 16.17 19.09
CA HIS C 467 -34.37 17.29 18.28
C HIS C 467 -35.87 17.21 18.01
N LYS C 468 -36.45 16.02 18.16
CA LYS C 468 -37.88 15.82 18.03
C LYS C 468 -38.61 16.05 19.35
N LYS C 469 -37.98 15.66 20.47
CA LYS C 469 -38.58 15.89 21.78
C LYS C 469 -38.78 17.38 22.04
N THR C 470 -37.80 18.20 21.66
CA THR C 470 -37.93 19.65 21.82
C THR C 470 -38.99 20.25 20.91
N GLU C 471 -39.54 19.48 19.97
CA GLU C 471 -40.61 19.94 19.09
C GLU C 471 -42.00 19.52 19.56
N VAL C 472 -42.13 18.35 20.20
CA VAL C 472 -43.43 17.96 20.72
C VAL C 472 -43.68 18.61 22.08
N VAL C 473 -42.62 18.87 22.86
CA VAL C 473 -42.80 19.56 24.13
C VAL C 473 -43.07 21.04 23.90
N ILE C 474 -42.48 21.62 22.86
CA ILE C 474 -42.81 22.99 22.48
C ILE C 474 -44.21 23.10 21.90
N THR C 475 -44.84 21.97 21.58
CA THR C 475 -46.23 21.91 21.16
C THR C 475 -47.16 21.41 22.26
N LEU C 476 -46.76 20.38 22.99
CA LEU C 476 -47.58 19.86 24.07
C LEU C 476 -47.73 20.89 25.20
N ASP C 477 -46.63 21.54 25.58
CA ASP C 477 -46.67 22.51 26.67
C ASP C 477 -47.22 23.86 26.25
N PHE C 478 -47.27 24.15 24.94
CA PHE C 478 -47.66 25.46 24.45
C PHE C 478 -48.94 25.43 23.63
N CYS C 479 -49.03 24.55 22.64
CA CYS C 479 -50.23 24.47 21.79
C CYS C 479 -51.39 23.76 22.49
N ILE C 480 -51.19 23.23 23.69
CA ILE C 480 -52.23 22.49 24.40
C ILE C 480 -52.40 23.03 25.82
N ARG C 481 -51.29 23.11 26.56
CA ARG C 481 -51.37 23.60 27.94
C ARG C 481 -51.80 25.05 28.00
N ASN C 482 -51.44 25.86 27.00
CA ASN C 482 -51.84 27.26 26.97
C ASN C 482 -53.12 27.50 26.19
N ILE C 483 -53.29 26.80 25.06
CA ILE C 483 -54.48 26.99 24.23
C ILE C 483 -55.73 26.57 24.99
N GLU C 484 -55.64 25.47 25.75
CA GLU C 484 -56.82 24.94 26.42
C GLU C 484 -57.08 25.62 27.75
N LYS C 485 -56.03 25.85 28.55
CA LYS C 485 -56.20 26.45 29.86
C LYS C 485 -56.83 27.84 29.77
N THR C 486 -56.59 28.55 28.67
CA THR C 486 -57.08 29.92 28.55
C THR C 486 -58.55 29.95 28.14
N VAL C 487 -58.93 29.15 27.16
CA VAL C 487 -60.22 29.31 26.49
C VAL C 487 -61.17 28.14 26.70
N LYS C 488 -60.70 27.01 27.22
CA LYS C 488 -61.51 25.80 27.22
C LYS C 488 -61.91 25.30 28.60
N VAL C 489 -61.11 25.53 29.64
CA VAL C 489 -61.43 25.01 30.98
C VAL C 489 -62.14 26.08 31.79
N TYR C 490 -62.98 26.89 31.13
CA TYR C 490 -63.59 28.05 31.76
C TYR C 490 -65.04 28.19 31.33
N GLU C 491 -65.73 27.05 31.20
CA GLU C 491 -67.09 27.06 30.67
C GLU C 491 -68.07 27.69 31.67
N LYS C 492 -68.26 27.03 32.81
CA LYS C 492 -69.15 27.53 33.87
C LYS C 492 -70.58 27.72 33.35
N LEU C 493 -70.99 26.88 32.40
CA LEU C 493 -72.31 26.96 31.79
C LEU C 493 -73.43 26.82 32.81
N ALA C 500 -68.53 19.45 23.62
CA ALA C 500 -68.42 20.75 22.96
C ALA C 500 -67.87 21.80 23.91
N ALA C 501 -68.47 21.92 25.09
CA ALA C 501 -68.03 22.90 26.08
C ALA C 501 -67.34 22.21 27.25
N GLU C 502 -68.12 21.69 28.19
CA GLU C 502 -67.61 20.94 29.34
C GLU C 502 -68.15 19.51 29.22
N LEU C 503 -67.44 18.68 28.45
CA LEU C 503 -67.81 17.29 28.26
C LEU C 503 -66.62 16.41 28.64
N GLY C 504 -66.47 15.26 27.98
CA GLY C 504 -65.30 14.44 28.17
C GLY C 504 -64.11 15.09 27.49
N GLU C 505 -64.37 16.19 26.81
CA GLU C 505 -63.29 16.95 26.17
C GLU C 505 -62.42 17.63 27.20
N ILE C 506 -63.02 18.30 28.18
CA ILE C 506 -62.22 18.96 29.21
C ILE C 506 -61.61 17.93 30.15
N SER C 507 -62.34 16.86 30.46
CA SER C 507 -61.86 15.88 31.42
C SER C 507 -60.78 14.98 30.82
N ASP C 508 -61.06 14.37 29.66
CA ASP C 508 -60.15 13.38 29.11
C ASP C 508 -58.92 14.03 28.48
N ILE C 509 -59.10 15.16 27.79
CA ILE C 509 -57.98 15.76 27.06
C ILE C 509 -57.02 16.46 28.02
N HIS C 510 -57.54 17.17 29.02
CA HIS C 510 -56.66 17.78 30.02
C HIS C 510 -55.85 16.71 30.74
N THR C 511 -56.46 15.57 31.03
CA THR C 511 -55.74 14.48 31.66
C THR C 511 -54.70 13.89 30.71
N LYS C 512 -55.07 13.68 29.45
CA LYS C 512 -54.10 13.15 28.50
C LYS C 512 -52.96 14.13 28.23
N LEU C 513 -53.25 15.43 28.22
CA LEU C 513 -52.19 16.43 28.16
C LEU C 513 -51.21 16.24 29.31
N LEU C 514 -51.73 16.07 30.53
CA LEU C 514 -50.89 15.85 31.69
C LEU C 514 -50.37 14.42 31.73
N ARG C 515 -51.09 13.47 31.14
CA ARG C 515 -50.55 12.13 30.98
C ARG C 515 -49.30 12.15 30.11
N LEU C 516 -49.39 12.80 28.95
CA LEU C 516 -48.25 12.85 28.04
C LEU C 516 -47.15 13.76 28.58
N SER C 517 -47.52 14.89 29.20
CA SER C 517 -46.51 15.82 29.69
C SER C 517 -45.72 15.23 30.85
N SER C 518 -46.40 14.51 31.75
CA SER C 518 -45.70 13.92 32.89
C SER C 518 -44.87 12.71 32.47
N SER C 519 -45.42 11.85 31.61
CA SER C 519 -44.66 10.71 31.13
C SER C 519 -43.47 11.13 30.28
N GLN C 520 -43.62 12.24 29.53
CA GLN C 520 -42.51 12.76 28.74
C GLN C 520 -41.35 13.20 29.62
N GLY C 521 -41.63 13.58 30.87
CA GLY C 521 -40.56 13.97 31.77
C GLY C 521 -39.57 12.85 32.00
N THR C 522 -40.07 11.66 32.34
CA THR C 522 -39.19 10.52 32.53
C THR C 522 -38.60 10.00 31.23
N ILE C 523 -39.10 10.45 30.08
CA ILE C 523 -38.44 10.13 28.82
C ILE C 523 -37.11 10.87 28.73
N GLU C 524 -37.06 12.10 29.25
CA GLU C 524 -35.78 12.80 29.36
C GLU C 524 -34.87 12.13 30.37
N THR C 525 -35.44 11.49 31.40
CA THR C 525 -34.63 10.74 32.35
C THR C 525 -33.88 9.61 31.66
N SER C 526 -34.59 8.83 30.84
CA SER C 526 -33.94 7.74 30.11
C SER C 526 -33.08 8.25 28.96
N LEU C 527 -33.33 9.47 28.47
CA LEU C 527 -32.51 10.00 27.40
C LEU C 527 -31.13 10.40 27.89
N GLN C 528 -31.04 10.99 29.08
CA GLN C 528 -29.74 11.39 29.58
C GLN C 528 -28.91 10.18 29.99
N ASP C 529 -29.58 9.07 30.35
CA ASP C 529 -28.86 7.84 30.64
C ASP C 529 -28.17 7.30 29.39
N ILE C 530 -28.88 7.31 28.26
CA ILE C 530 -28.30 6.86 27.00
C ILE C 530 -27.15 7.77 26.59
N ASP C 531 -27.33 9.09 26.76
CA ASP C 531 -26.26 10.02 26.46
C ASP C 531 -25.03 9.76 27.33
N SER C 532 -25.26 9.34 28.58
CA SER C 532 -24.14 9.02 29.46
C SER C 532 -23.44 7.73 29.04
N ARG C 533 -24.19 6.75 28.53
CA ARG C 533 -23.58 5.47 28.18
C ARG C 533 -22.72 5.58 26.93
N LEU C 534 -23.01 6.52 26.04
CA LEU C 534 -22.19 6.77 24.86
C LEU C 534 -21.43 8.08 24.96
N SER C 535 -21.32 8.65 26.16
CA SER C 535 -20.39 9.71 26.45
C SER C 535 -19.00 9.11 26.70
N PRO C 536 -17.95 9.94 26.80
CA PRO C 536 -16.59 9.42 27.01
C PRO C 536 -16.47 8.26 27.99
N GLY C 537 -17.04 8.39 29.18
CA GLY C 537 -16.88 7.37 30.19
C GLY C 537 -17.87 6.24 30.19
N GLY C 538 -18.88 6.27 29.31
CA GLY C 538 -19.96 5.31 29.35
C GLY C 538 -19.54 3.89 29.01
N SER C 539 -20.52 2.98 29.11
CA SER C 539 -20.26 1.57 28.84
C SER C 539 -19.87 1.33 27.39
N LEU C 540 -20.32 2.18 26.48
CA LEU C 540 -19.97 2.10 25.07
C LEU C 540 -18.81 3.07 24.84
N ALA C 541 -17.58 2.54 24.85
CA ALA C 541 -16.38 3.36 24.76
C ALA C 541 -15.41 2.74 23.78
N ASP C 542 -14.71 3.60 23.04
CA ASP C 542 -13.61 3.18 22.18
C ASP C 542 -12.38 2.76 22.96
N ALA C 543 -12.43 2.82 24.29
CA ALA C 543 -11.24 2.64 25.11
C ALA C 543 -10.59 1.29 24.86
N TRP C 544 -11.35 0.21 25.04
CA TRP C 544 -10.79 -1.13 24.88
C TRP C 544 -10.28 -1.36 23.47
N ALA C 545 -10.87 -0.68 22.48
CA ALA C 545 -10.49 -0.87 21.10
C ALA C 545 -9.04 -0.43 20.85
N HIS C 546 -8.64 0.68 21.44
CA HIS C 546 -7.27 1.16 21.32
C HIS C 546 -6.31 0.41 22.24
N GLN C 547 -6.81 -0.46 23.11
CA GLN C 547 -5.99 -1.18 24.07
C GLN C 547 -5.77 -2.64 23.72
N GLU C 548 -6.81 -3.35 23.28
CA GLU C 548 -6.68 -4.76 22.96
C GLU C 548 -6.18 -4.95 21.53
N GLY C 549 -5.51 -6.08 21.30
CA GLY C 549 -5.10 -6.47 19.97
C GLY C 549 -3.77 -5.89 19.52
N THR C 550 -3.30 -6.42 18.40
CA THR C 550 -2.12 -5.89 17.74
C THR C 550 -2.44 -4.57 17.05
N HIS C 551 -1.39 -3.87 16.64
CA HIS C 551 -1.50 -2.55 16.04
C HIS C 551 -0.50 -2.44 14.91
N PRO C 552 -0.70 -1.49 13.99
CA PRO C 552 0.31 -1.25 12.95
C PRO C 552 1.66 -0.84 13.54
N LYS C 553 1.64 -0.08 14.63
CA LYS C 553 2.90 0.32 15.27
C LYS C 553 3.64 -0.88 15.83
N ASP C 554 2.94 -1.98 16.12
CA ASP C 554 3.61 -3.19 16.59
C ASP C 554 4.55 -3.75 15.53
N ARG C 555 4.17 -3.62 14.26
CA ARG C 555 4.95 -4.14 13.13
C ARG C 555 5.20 -5.64 13.28
N ASN C 556 4.13 -6.40 13.51
CA ASN C 556 4.24 -7.84 13.57
C ASN C 556 4.49 -8.43 12.18
N VAL C 557 3.76 -7.94 11.18
CA VAL C 557 3.88 -8.49 9.83
C VAL C 557 5.24 -8.15 9.23
N GLU C 558 5.77 -6.96 9.54
CA GLU C 558 7.13 -6.64 9.11
C GLU C 558 8.14 -7.54 9.80
N LYS C 559 7.99 -7.72 11.12
CA LYS C 559 8.88 -8.62 11.86
C LYS C 559 8.83 -10.03 11.29
N LEU C 560 7.64 -10.52 10.95
CA LEU C 560 7.53 -11.84 10.36
C LEU C 560 8.15 -11.88 8.97
N GLN C 561 8.02 -10.79 8.21
CA GLN C 561 8.58 -10.76 6.87
C GLN C 561 10.10 -10.82 6.90
N VAL C 562 10.72 -10.17 7.89
CA VAL C 562 12.18 -10.21 8.02
C VAL C 562 12.66 -11.65 8.20
N LEU C 563 12.00 -12.39 9.09
CA LEU C 563 12.34 -13.81 9.26
C LEU C 563 12.07 -14.60 7.99
N LEU C 564 10.96 -14.30 7.31
CA LEU C 564 10.58 -15.05 6.12
C LEU C 564 11.58 -14.86 4.99
N ASN C 565 12.21 -13.68 4.90
CA ASN C 565 13.18 -13.44 3.85
C ASN C 565 14.46 -14.23 4.05
N CYS C 566 14.86 -14.44 5.31
CA CYS C 566 16.01 -15.30 5.58
C CYS C 566 15.69 -16.75 5.23
N MET C 567 14.50 -17.21 5.58
CA MET C 567 14.07 -18.56 5.19
C MET C 567 13.97 -18.68 3.68
N THR C 568 13.37 -17.68 3.03
CA THR C 568 13.22 -17.69 1.58
C THR C 568 14.57 -17.81 0.89
N GLU C 569 15.55 -17.03 1.33
CA GLU C 569 16.85 -17.05 0.68
C GLU C 569 17.58 -18.36 0.94
N ILE C 570 17.40 -18.95 2.13
CA ILE C 570 18.00 -20.26 2.41
C ILE C 570 17.40 -21.33 1.50
N TYR C 571 16.08 -21.25 1.27
CA TYR C 571 15.44 -22.20 0.37
C TYR C 571 15.96 -22.06 -1.05
N TYR C 572 16.09 -20.82 -1.54
CA TYR C 572 16.60 -20.60 -2.89
C TYR C 572 18.03 -21.09 -3.03
N GLN C 573 18.80 -21.09 -1.93
CA GLN C 573 20.14 -21.67 -1.97
C GLN C 573 20.08 -23.19 -1.98
N PHE C 574 19.20 -23.78 -1.14
CA PHE C 574 19.04 -25.23 -1.15
C PHE C 574 18.55 -25.72 -2.50
N LYS C 575 17.79 -24.88 -3.23
CA LYS C 575 17.41 -25.23 -4.59
C LYS C 575 18.64 -25.39 -5.47
N LYS C 576 19.57 -24.43 -5.40
CA LYS C 576 20.81 -24.54 -6.15
C LYS C 576 21.73 -25.61 -5.56
N ASP C 577 21.69 -25.80 -4.24
CA ASP C 577 22.45 -26.89 -3.64
C ASP C 577 21.96 -28.25 -4.10
N GLN C 578 20.69 -28.33 -4.51
CA GLN C 578 20.16 -29.56 -5.10
C GLN C 578 20.55 -29.71 -6.56
N ALA C 579 20.91 -28.62 -7.24
CA ALA C 579 21.36 -28.71 -8.62
C ALA C 579 22.59 -29.60 -8.74
N GLU C 580 23.51 -29.48 -7.79
CA GLU C 580 24.58 -30.47 -7.67
C GLU C 580 24.06 -31.65 -6.85
N ARG C 581 24.32 -32.87 -7.32
CA ARG C 581 24.02 -34.02 -6.48
C ARG C 581 25.00 -34.15 -5.32
N ARG C 582 26.17 -33.53 -5.43
CA ARG C 582 27.20 -33.57 -4.41
C ARG C 582 27.69 -32.16 -4.14
N LEU C 583 27.91 -31.84 -2.87
CA LEU C 583 28.42 -30.54 -2.45
C LEU C 583 29.86 -30.67 -1.99
N ALA C 584 30.66 -29.64 -2.30
CA ALA C 584 32.02 -29.59 -1.80
C ALA C 584 32.00 -29.57 -0.28
N TYR C 585 33.17 -29.80 0.32
CA TYR C 585 33.25 -30.06 1.75
C TYR C 585 32.73 -28.89 2.57
N ASN C 586 33.37 -27.73 2.43
CA ASN C 586 32.94 -26.57 3.21
C ASN C 586 31.52 -26.16 2.87
N GLU C 587 31.11 -26.34 1.62
CA GLU C 587 29.74 -26.03 1.23
C GLU C 587 28.75 -26.97 1.91
N GLU C 588 29.15 -28.22 2.16
CA GLU C 588 28.27 -29.16 2.84
C GLU C 588 27.96 -28.70 4.26
N GLN C 589 28.95 -28.11 4.93
CA GLN C 589 28.75 -27.69 6.31
C GLN C 589 27.96 -26.40 6.41
N ILE C 590 28.09 -25.51 5.43
CA ILE C 590 27.22 -24.34 5.36
C ILE C 590 25.77 -24.78 5.16
N HIS C 591 25.55 -25.70 4.22
CA HIS C 591 24.22 -26.27 4.02
C HIS C 591 23.73 -26.96 5.29
N LYS C 592 24.63 -27.58 6.05
CA LYS C 592 24.22 -28.22 7.31
C LYS C 592 23.91 -27.18 8.38
N PHE C 593 24.68 -26.10 8.42
CA PHE C 593 24.40 -25.03 9.39
C PHE C 593 23.15 -24.25 9.01
N ASP C 594 23.02 -23.87 7.73
CA ASP C 594 21.85 -23.14 7.29
C ASP C 594 20.57 -23.95 7.40
N LYS C 595 20.68 -25.28 7.44
CA LYS C 595 19.49 -26.10 7.68
C LYS C 595 18.96 -25.89 9.09
N GLN C 596 19.86 -25.81 10.07
CA GLN C 596 19.45 -25.49 11.43
C GLN C 596 18.99 -24.05 11.53
N LYS C 597 19.69 -23.14 10.86
CA LYS C 597 19.25 -21.74 10.81
C LYS C 597 17.86 -21.62 10.20
N LEU C 598 17.56 -22.47 9.21
CA LEU C 598 16.27 -22.43 8.55
C LEU C 598 15.15 -22.86 9.50
N TYR C 599 15.39 -23.90 10.31
CA TYR C 599 14.40 -24.34 11.27
C TYR C 599 14.30 -23.42 12.48
N TYR C 600 15.42 -22.78 12.86
CA TYR C 600 15.39 -21.83 13.95
C TYR C 600 14.49 -20.64 13.63
N HIS C 601 14.68 -20.04 12.45
CA HIS C 601 13.86 -18.89 12.06
C HIS C 601 12.38 -19.27 12.01
N ALA C 602 12.07 -20.47 11.52
CA ALA C 602 10.67 -20.87 11.37
C ALA C 602 9.97 -20.96 12.72
N THR C 603 10.57 -21.68 13.66
CA THR C 603 9.97 -21.81 14.98
C THR C 603 9.89 -20.46 15.69
N LYS C 604 10.87 -19.59 15.44
CA LYS C 604 10.82 -18.24 16.01
C LYS C 604 9.64 -17.46 15.47
N ALA C 605 9.36 -17.60 14.18
CA ALA C 605 8.22 -16.89 13.59
C ALA C 605 6.90 -17.47 14.07
N MET C 606 6.78 -18.80 14.07
CA MET C 606 5.55 -19.43 14.53
C MET C 606 5.25 -19.10 15.99
N THR C 607 6.29 -18.94 16.81
CA THR C 607 6.10 -18.51 18.18
C THR C 607 5.50 -17.10 18.23
N HIS C 608 6.14 -16.16 17.54
CA HIS C 608 5.63 -14.79 17.54
C HIS C 608 4.26 -14.70 16.89
N PHE C 609 3.96 -15.57 15.92
CA PHE C 609 2.65 -15.54 15.29
C PHE C 609 1.56 -15.96 16.27
N THR C 610 1.78 -17.06 16.99
CA THR C 610 0.76 -17.59 17.88
C THR C 610 0.65 -16.77 19.16
N ASP C 611 1.79 -16.38 19.74
CA ASP C 611 1.77 -15.74 21.05
C ASP C 611 1.44 -14.26 20.98
N GLU C 612 1.75 -13.60 19.86
CA GLU C 612 1.54 -12.16 19.73
C GLU C 612 0.34 -11.83 18.84
N CYS C 613 0.39 -12.21 17.56
CA CYS C 613 -0.67 -11.82 16.64
C CYS C 613 -1.98 -12.52 16.96
N VAL C 614 -1.94 -13.84 17.17
CA VAL C 614 -3.16 -14.61 17.37
C VAL C 614 -3.81 -14.27 18.70
N LYS C 615 -3.03 -14.32 19.79
CA LYS C 615 -3.58 -14.09 21.13
C LYS C 615 -4.28 -12.75 21.22
N LYS C 616 -3.57 -11.67 20.90
CA LYS C 616 -4.14 -10.33 21.03
C LYS C 616 -5.31 -10.13 20.07
N TYR C 617 -5.30 -10.83 18.93
CA TYR C 617 -6.49 -10.84 18.07
C TYR C 617 -7.67 -11.47 18.79
N GLU C 618 -7.48 -12.69 19.32
CA GLU C 618 -8.57 -13.39 19.98
C GLU C 618 -9.03 -12.63 21.23
N ALA C 619 -8.09 -11.99 21.94
CA ALA C 619 -8.48 -11.11 23.04
C ALA C 619 -9.29 -9.93 22.53
N PHE C 620 -8.88 -9.36 21.39
CA PHE C 620 -9.68 -8.31 20.76
C PHE C 620 -11.03 -8.84 20.32
N LEU C 621 -11.09 -10.12 19.91
CA LEU C 621 -12.35 -10.68 19.43
C LEU C 621 -13.37 -10.78 20.56
N ASN C 622 -12.91 -11.06 21.78
CA ASN C 622 -13.84 -11.19 22.90
C ASN C 622 -14.35 -9.82 23.34
N LYS C 623 -13.44 -8.89 23.59
CA LYS C 623 -13.86 -7.53 23.95
C LYS C 623 -14.72 -6.91 22.85
N SER C 624 -14.52 -7.33 21.60
CA SER C 624 -15.46 -6.96 20.55
C SER C 624 -16.83 -7.58 20.79
N GLU C 625 -16.85 -8.90 21.02
CA GLU C 625 -18.13 -9.61 21.17
C GLU C 625 -18.94 -9.05 22.33
N GLU C 626 -18.29 -8.75 23.46
CA GLU C 626 -19.01 -8.22 24.61
C GLU C 626 -19.51 -6.80 24.35
N TRP C 627 -18.85 -6.06 23.45
CA TRP C 627 -19.29 -4.71 23.13
C TRP C 627 -20.48 -4.71 22.19
N ILE C 628 -20.62 -5.76 21.36
CA ILE C 628 -21.77 -5.85 20.47
C ILE C 628 -23.06 -5.97 21.27
N ARG C 629 -23.03 -6.76 22.36
CA ARG C 629 -24.19 -6.88 23.24
C ARG C 629 -24.61 -5.53 23.78
N LYS C 630 -23.67 -4.80 24.40
CA LYS C 630 -23.99 -3.50 24.96
C LYS C 630 -24.36 -2.49 23.89
N MET C 631 -23.86 -2.66 22.66
CA MET C 631 -24.24 -1.77 21.57
C MET C 631 -25.66 -2.07 21.09
N LEU C 632 -25.94 -3.34 20.76
CA LEU C 632 -27.26 -3.69 20.26
C LEU C 632 -28.34 -3.43 21.31
N HIS C 633 -27.99 -3.53 22.59
CA HIS C 633 -28.96 -3.27 23.64
C HIS C 633 -29.29 -1.78 23.73
N LEU C 634 -28.28 -0.92 23.51
CA LEU C 634 -28.51 0.52 23.61
C LEU C 634 -29.34 1.03 22.43
N ARG C 635 -29.13 0.46 21.25
CA ARG C 635 -29.91 0.89 20.08
C ARG C 635 -31.37 0.49 20.21
N LYS C 636 -31.63 -0.70 20.74
CA LYS C 636 -33.01 -1.11 20.99
C LYS C 636 -33.67 -0.20 22.02
N GLN C 637 -32.89 0.29 22.99
CA GLN C 637 -33.44 1.14 24.04
C GLN C 637 -33.69 2.57 23.54
N LEU C 638 -32.75 3.11 22.75
CA LEU C 638 -32.97 4.44 22.19
C LEU C 638 -34.13 4.44 21.21
N LEU C 639 -34.28 3.34 20.45
CA LEU C 639 -35.39 3.24 19.51
C LEU C 639 -36.73 3.28 20.24
N SER C 640 -36.86 2.52 21.33
CA SER C 640 -38.09 2.52 22.10
C SER C 640 -38.46 3.91 22.57
N LEU C 641 -37.47 4.75 22.87
CA LEU C 641 -37.74 6.13 23.22
C LEU C 641 -38.11 6.94 21.97
N THR C 642 -37.49 6.63 20.82
CA THR C 642 -37.81 7.33 19.59
C THR C 642 -39.27 7.14 19.20
N ASN C 643 -39.78 5.91 19.34
CA ASN C 643 -41.16 5.63 18.99
C ASN C 643 -42.13 6.18 20.02
N GLN C 644 -41.71 6.31 21.29
CA GLN C 644 -42.53 7.03 22.25
C GLN C 644 -42.69 8.48 21.85
N CYS C 645 -41.65 9.06 21.23
CA CYS C 645 -41.72 10.47 20.83
C CYS C 645 -42.73 10.67 19.71
N PHE C 646 -42.67 9.84 18.67
CA PHE C 646 -43.67 9.91 17.61
C PHE C 646 -45.06 9.58 18.14
N ASP C 647 -45.14 8.65 19.09
CA ASP C 647 -46.43 8.31 19.68
C ASP C 647 -47.04 9.51 20.40
N ILE C 648 -46.23 10.17 21.24
CA ILE C 648 -46.71 11.37 21.94
C ILE C 648 -47.01 12.48 20.93
N GLU C 649 -46.18 12.61 19.91
CA GLU C 649 -46.45 13.61 18.88
C GLU C 649 -47.68 13.24 18.05
N GLU C 650 -48.08 11.97 18.03
CA GLU C 650 -49.29 11.57 17.33
C GLU C 650 -50.52 11.79 18.19
N GLU C 651 -50.46 11.39 19.47
CA GLU C 651 -51.57 11.64 20.38
C GLU C 651 -51.90 13.12 20.47
N VAL C 652 -50.87 13.98 20.46
CA VAL C 652 -51.10 15.42 20.55
C VAL C 652 -51.49 16.02 19.20
N SER C 653 -51.20 15.33 18.10
CA SER C 653 -51.52 15.85 16.78
C SER C 653 -53.02 15.92 16.52
N LYS C 654 -53.84 15.25 17.32
CA LYS C 654 -55.29 15.32 17.18
C LYS C 654 -55.99 16.01 18.34
N TYR C 655 -55.39 15.97 19.54
CA TYR C 655 -55.89 16.83 20.63
C TYR C 655 -55.77 18.29 20.26
N GLN C 656 -54.71 18.66 19.53
CA GLN C 656 -54.59 20.01 19.00
C GLN C 656 -55.55 20.25 17.85
N GLU C 657 -56.00 19.19 17.18
CA GLU C 657 -56.96 19.35 16.09
C GLU C 657 -58.33 19.77 16.60
N TYR C 658 -58.62 19.53 17.88
CA TYR C 658 -59.85 20.01 18.49
C TYR C 658 -59.64 21.25 19.34
N THR C 659 -58.39 21.60 19.67
CA THR C 659 -58.11 22.90 20.27
C THR C 659 -58.28 24.01 19.25
N ASN C 660 -58.20 23.69 17.96
CA ASN C 660 -58.44 24.64 16.89
C ASN C 660 -59.92 24.82 16.57
N GLU C 661 -60.81 24.17 17.32
CA GLU C 661 -62.24 24.38 17.12
C GLU C 661 -62.64 25.80 17.51
N LEU C 662 -62.46 26.15 18.78
CA LEU C 662 -62.56 27.54 19.25
C LEU C 662 -63.94 28.14 18.94
N GLN C 663 -64.97 27.55 19.55
CA GLN C 663 -66.33 28.06 19.43
C GLN C 663 -66.94 28.42 20.78
N GLU C 664 -66.14 28.47 21.84
CA GLU C 664 -66.64 28.79 23.17
C GLU C 664 -66.09 30.13 23.65
N ASP D 6 41.65 -17.79 -8.14
CA ASP D 6 42.15 -17.10 -6.97
C ASP D 6 41.40 -17.56 -5.72
N GLY D 7 41.52 -18.85 -5.42
CA GLY D 7 40.88 -19.43 -4.25
C GLY D 7 41.74 -19.40 -3.01
N ILE D 8 42.61 -18.39 -2.91
CA ILE D 8 43.45 -18.25 -1.74
C ILE D 8 42.62 -17.74 -0.57
N CYS D 9 43.09 -18.04 0.65
CA CYS D 9 42.33 -17.71 1.84
C CYS D 9 43.28 -17.43 3.00
N GLN D 10 42.73 -16.80 4.03
CA GLN D 10 43.43 -16.58 5.28
C GLN D 10 42.52 -17.05 6.41
N SER D 11 43.11 -17.24 7.60
CA SER D 11 42.32 -17.72 8.71
C SER D 11 43.01 -17.32 10.01
N THR D 12 42.20 -17.23 11.07
CA THR D 12 42.68 -17.09 12.44
C THR D 12 42.42 -18.41 13.16
N SER D 13 42.39 -18.37 14.49
CA SER D 13 42.09 -19.58 15.26
C SER D 13 40.65 -20.03 15.05
N ASN D 14 39.73 -19.09 14.82
CA ASN D 14 38.31 -19.40 14.79
C ASN D 14 37.56 -18.93 13.56
N HIS D 15 38.15 -18.06 12.73
CA HIS D 15 37.49 -17.58 11.52
C HIS D 15 38.35 -17.86 10.30
N LEU D 16 37.70 -17.92 9.14
CA LEU D 16 38.41 -18.01 7.87
C LEU D 16 37.60 -17.24 6.82
N TRP D 17 38.32 -16.75 5.82
CA TRP D 17 37.71 -15.94 4.78
C TRP D 17 38.48 -16.14 3.48
N LEU D 18 37.81 -15.86 2.37
CA LEU D 18 38.41 -15.94 1.05
C LEU D 18 38.84 -14.54 0.60
N LEU D 19 40.04 -14.46 0.03
CA LEU D 19 40.55 -13.16 -0.42
C LEU D 19 39.67 -12.56 -1.50
N SER D 20 38.97 -13.41 -2.27
CA SER D 20 38.08 -12.90 -3.30
C SER D 20 36.82 -12.26 -2.70
N ASP D 21 36.40 -12.72 -1.52
CA ASP D 21 35.20 -12.20 -0.86
C ASP D 21 35.55 -10.91 -0.10
N ILE D 22 35.90 -9.88 -0.86
CA ILE D 22 36.30 -8.59 -0.31
C ILE D 22 35.08 -7.68 -0.24
N LEU D 23 34.76 -7.21 0.97
CA LEU D 23 33.66 -6.27 1.13
C LEU D 23 34.10 -4.85 0.79
N GLY D 24 34.90 -4.26 1.66
CA GLY D 24 35.38 -2.91 1.48
C GLY D 24 36.89 -2.88 1.33
N GLN D 25 37.39 -1.68 1.04
CA GLN D 25 38.82 -1.50 0.83
C GLN D 25 39.21 -0.11 1.30
N GLY D 26 40.44 0.01 1.81
CA GLY D 26 40.98 1.28 2.21
C GLY D 26 42.47 1.32 1.97
N ALA D 27 43.05 2.49 2.24
CA ALA D 27 44.50 2.61 2.12
C ALA D 27 45.24 1.91 3.25
N THR D 28 44.56 1.63 4.37
CA THR D 28 45.20 1.05 5.53
C THR D 28 44.86 -0.42 5.75
N ALA D 29 43.74 -0.91 5.22
CA ALA D 29 43.32 -2.28 5.47
C ALA D 29 42.29 -2.70 4.44
N ASN D 30 42.00 -4.00 4.43
CA ASN D 30 40.94 -4.58 3.61
C ASN D 30 39.91 -5.23 4.52
N VAL D 31 38.69 -5.41 3.99
CA VAL D 31 37.58 -5.96 4.75
C VAL D 31 36.99 -7.12 3.95
N PHE D 32 36.92 -8.30 4.56
CA PHE D 32 36.47 -9.51 3.90
C PHE D 32 35.22 -10.06 4.57
N ARG D 33 34.47 -10.84 3.79
CA ARG D 33 33.35 -11.61 4.32
C ARG D 33 33.87 -12.98 4.74
N GLY D 34 33.95 -13.21 6.05
CA GLY D 34 34.41 -14.46 6.61
C GLY D 34 33.32 -15.18 7.37
N ARG D 35 33.69 -16.35 7.89
CA ARG D 35 32.77 -17.18 8.66
C ARG D 35 33.48 -17.71 9.89
N HIS D 36 32.69 -18.04 10.91
CA HIS D 36 33.21 -18.75 12.07
C HIS D 36 33.36 -20.23 11.71
N LYS D 37 34.56 -20.77 11.94
CA LYS D 37 34.87 -22.12 11.49
C LYS D 37 33.91 -23.17 12.06
N LYS D 38 33.39 -22.94 13.25
CA LYS D 38 32.57 -23.94 13.94
C LYS D 38 31.09 -23.64 13.95
N THR D 39 30.68 -22.37 13.77
CA THR D 39 29.28 -22.01 13.78
C THR D 39 28.71 -21.73 12.39
N GLY D 40 29.54 -21.36 11.41
CA GLY D 40 29.09 -21.00 10.10
C GLY D 40 28.62 -19.56 9.97
N ASP D 41 28.26 -18.90 11.07
CA ASP D 41 27.81 -17.52 11.01
C ASP D 41 28.90 -16.61 10.47
N LEU D 42 28.51 -15.65 9.65
CA LEU D 42 29.47 -14.79 8.98
C LEU D 42 29.73 -13.52 9.78
N PHE D 43 30.96 -13.04 9.66
CA PHE D 43 31.38 -11.76 10.22
C PHE D 43 32.19 -11.01 9.17
N ALA D 44 32.38 -9.72 9.41
CA ALA D 44 33.29 -8.92 8.60
C ALA D 44 34.67 -8.93 9.25
N ILE D 45 35.67 -9.37 8.48
CA ILE D 45 37.04 -9.48 8.98
C ILE D 45 37.86 -8.36 8.36
N LYS D 46 38.56 -7.60 9.21
CA LYS D 46 39.42 -6.51 8.79
C LYS D 46 40.86 -6.93 9.02
N VAL D 47 41.60 -7.17 7.94
CA VAL D 47 43.03 -7.45 8.01
C VAL D 47 43.76 -6.21 7.51
N PHE D 48 44.87 -5.88 8.16
CA PHE D 48 45.66 -4.70 7.80
C PHE D 48 46.74 -5.10 6.81
N ASN D 49 46.87 -4.32 5.75
CA ASN D 49 47.79 -4.65 4.66
C ASN D 49 49.24 -4.57 5.15
N ASN D 50 50.17 -4.94 4.27
CA ASN D 50 51.58 -4.90 4.60
C ASN D 50 52.11 -3.48 4.78
N ILE D 51 51.41 -2.48 4.25
CA ILE D 51 51.87 -1.10 4.37
C ILE D 51 51.44 -0.44 5.68
N SER D 52 50.42 -0.98 6.36
CA SER D 52 50.03 -0.44 7.66
C SER D 52 51.04 -0.74 8.75
N PHE D 53 51.98 -1.64 8.50
CA PHE D 53 53.06 -1.93 9.43
C PHE D 53 54.30 -1.10 9.14
N LEU D 54 54.20 -0.11 8.25
CA LEU D 54 55.20 0.95 8.16
C LEU D 54 54.85 2.13 9.06
N ARG D 55 53.58 2.26 9.45
CA ARG D 55 53.21 3.23 10.47
C ARG D 55 53.89 2.87 11.79
N PRO D 56 54.09 3.85 12.66
CA PRO D 56 54.62 3.55 13.99
C PRO D 56 53.71 2.60 14.75
N VAL D 57 54.30 1.80 15.64
CA VAL D 57 53.50 0.97 16.53
C VAL D 57 52.63 1.82 17.43
N ASP D 58 53.05 3.07 17.70
CA ASP D 58 52.19 4.01 18.39
C ASP D 58 50.89 4.26 17.63
N VAL D 59 50.97 4.36 16.30
CA VAL D 59 49.80 4.72 15.50
C VAL D 59 48.99 3.50 15.03
N GLN D 60 49.63 2.34 14.89
CA GLN D 60 48.91 1.14 14.48
C GLN D 60 48.05 0.56 15.59
N MET D 61 48.08 1.14 16.79
CA MET D 61 47.17 0.81 17.86
C MET D 61 46.06 1.84 18.03
N ARG D 62 46.08 2.91 17.23
CA ARG D 62 45.11 3.99 17.41
C ARG D 62 43.70 3.52 17.15
N GLU D 63 43.49 2.72 16.09
CA GLU D 63 42.17 2.16 15.82
C GLU D 63 41.81 1.05 16.79
N PHE D 64 42.81 0.41 17.40
CA PHE D 64 42.53 -0.72 18.28
C PHE D 64 41.94 -0.26 19.61
N GLU D 65 42.49 0.79 20.21
CA GLU D 65 41.95 1.30 21.47
C GLU D 65 40.66 2.08 21.28
N VAL D 66 40.41 2.59 20.07
CA VAL D 66 39.17 3.34 19.83
C VAL D 66 37.99 2.39 19.76
N LEU D 67 38.09 1.36 18.90
CA LEU D 67 37.02 0.39 18.75
C LEU D 67 36.79 -0.44 20.02
N LYS D 68 37.70 -0.36 21.00
CA LYS D 68 37.54 -1.09 22.25
C LYS D 68 36.48 -0.46 23.14
N LYS D 69 36.52 0.86 23.32
CA LYS D 69 35.61 1.60 24.17
C LYS D 69 34.32 1.98 23.45
N LEU D 70 33.91 1.23 22.43
CA LEU D 70 32.69 1.50 21.69
C LEU D 70 31.85 0.24 21.62
N ASN D 71 30.77 0.19 22.40
CA ASN D 71 29.78 -0.88 22.33
C ASN D 71 28.40 -0.24 22.38
N HIS D 72 27.71 -0.23 21.24
CA HIS D 72 26.46 0.50 21.09
C HIS D 72 25.89 0.18 19.71
N LYS D 73 24.58 0.07 19.61
CA LYS D 73 23.96 0.10 18.29
C LYS D 73 24.20 1.48 17.70
N ASN D 74 24.25 1.55 16.37
CA ASN D 74 24.76 2.66 15.55
C ASN D 74 26.28 2.62 15.51
N ILE D 75 26.92 1.68 16.21
CA ILE D 75 28.35 1.42 16.09
C ILE D 75 28.52 -0.04 15.72
N VAL D 76 29.28 -0.30 14.65
CA VAL D 76 29.47 -1.68 14.20
C VAL D 76 30.18 -2.45 15.31
N LYS D 77 29.53 -3.50 15.79
CA LYS D 77 30.01 -4.24 16.95
C LYS D 77 31.33 -4.94 16.64
N LEU D 78 32.37 -4.58 17.39
CA LEU D 78 33.63 -5.31 17.35
C LEU D 78 33.47 -6.58 18.17
N PHE D 79 33.32 -7.71 17.49
CA PHE D 79 33.04 -8.97 18.18
C PHE D 79 34.28 -9.46 18.94
N ALA D 80 35.38 -9.67 18.24
CA ALA D 80 36.61 -10.13 18.87
C ALA D 80 37.79 -9.56 18.10
N ILE D 81 38.99 -9.95 18.53
CA ILE D 81 40.21 -9.54 17.84
C ILE D 81 41.24 -10.66 17.96
N GLU D 82 41.46 -11.37 16.85
CA GLU D 82 42.30 -12.54 16.83
C GLU D 82 43.51 -12.32 15.93
N GLU D 83 44.43 -13.27 15.97
CA GLU D 83 45.66 -13.21 15.18
C GLU D 83 45.56 -14.18 14.01
N GLU D 84 45.93 -13.70 12.82
CA GLU D 84 45.95 -14.53 11.63
C GLU D 84 46.97 -15.65 11.79
N THR D 85 46.77 -16.74 11.05
CA THR D 85 47.58 -17.93 11.25
C THR D 85 49.03 -17.72 10.79
N THR D 86 49.22 -17.41 9.50
CA THR D 86 50.56 -17.37 8.95
C THR D 86 51.32 -16.11 9.34
N THR D 87 50.70 -14.94 9.14
CA THR D 87 51.37 -13.66 9.36
C THR D 87 51.32 -13.20 10.82
N ARG D 88 50.49 -13.83 11.66
CA ARG D 88 50.28 -13.43 13.05
C ARG D 88 49.77 -11.99 13.17
N HIS D 89 49.25 -11.44 12.09
CA HIS D 89 48.74 -10.07 12.10
C HIS D 89 47.43 -10.00 12.88
N LYS D 90 47.32 -8.99 13.75
CA LYS D 90 46.06 -8.76 14.44
C LYS D 90 44.99 -8.36 13.43
N VAL D 91 43.82 -8.99 13.53
CA VAL D 91 42.70 -8.70 12.66
C VAL D 91 41.48 -8.41 13.53
N LEU D 92 40.50 -7.75 12.94
CA LEU D 92 39.29 -7.31 13.64
C LEU D 92 38.11 -8.11 13.14
N ILE D 93 37.52 -8.93 14.01
CA ILE D 93 36.28 -9.62 13.72
C ILE D 93 35.13 -8.73 14.20
N MET D 94 34.34 -8.24 13.27
CA MET D 94 33.23 -7.35 13.58
C MET D 94 32.01 -7.77 12.78
N GLU D 95 30.86 -7.20 13.14
CA GLU D 95 29.60 -7.66 12.57
C GLU D 95 29.52 -7.30 11.09
N PHE D 96 28.82 -8.15 10.35
CA PHE D 96 28.71 -8.05 8.90
C PHE D 96 27.35 -7.49 8.53
N CYS D 97 27.35 -6.35 7.85
CA CYS D 97 26.13 -5.72 7.38
C CYS D 97 25.99 -5.99 5.89
N PRO D 98 25.10 -6.90 5.46
CA PRO D 98 25.05 -7.25 4.04
C PRO D 98 24.50 -6.13 3.16
N CYS D 99 23.58 -5.31 3.69
CA CYS D 99 22.89 -4.30 2.91
C CYS D 99 23.78 -3.17 2.44
N GLY D 100 25.09 -3.24 2.72
CA GLY D 100 26.00 -2.20 2.25
C GLY D 100 25.96 -0.95 3.10
N SER D 101 26.56 0.10 2.55
CA SER D 101 26.68 1.37 3.24
C SER D 101 25.51 2.29 2.89
N LEU D 102 25.49 3.46 3.53
CA LEU D 102 24.55 4.50 3.12
C LEU D 102 24.86 4.96 1.70
N TYR D 103 26.14 5.02 1.34
CA TYR D 103 26.53 5.35 -0.03
C TYR D 103 25.98 4.33 -1.02
N THR D 104 25.99 3.05 -0.63
CA THR D 104 25.34 2.03 -1.44
C THR D 104 23.88 2.38 -1.72
N VAL D 105 23.21 2.98 -0.74
CA VAL D 105 21.81 3.36 -0.90
C VAL D 105 21.68 4.61 -1.76
N LEU D 106 22.49 5.64 -1.46
CA LEU D 106 22.40 6.90 -2.20
C LEU D 106 22.78 6.75 -3.66
N GLU D 107 23.39 5.64 -4.05
CA GLU D 107 23.70 5.38 -5.45
C GLU D 107 22.52 4.78 -6.21
N GLU D 108 21.51 4.28 -5.52
CA GLU D 108 20.32 3.81 -6.22
C GLU D 108 19.68 4.98 -6.97
N PRO D 109 19.27 4.81 -8.22
CA PRO D 109 18.65 5.92 -8.94
C PRO D 109 17.33 6.36 -8.34
N SER D 110 16.72 5.52 -7.49
CA SER D 110 15.51 5.92 -6.80
C SER D 110 15.77 7.14 -5.92
N ASN D 111 16.88 7.12 -5.18
CA ASN D 111 17.22 8.19 -4.25
C ASN D 111 18.19 9.20 -4.85
N ALA D 112 18.14 9.39 -6.17
CA ALA D 112 19.05 10.33 -6.84
C ALA D 112 18.76 11.78 -6.48
N TYR D 113 17.55 12.07 -5.98
CA TYR D 113 17.17 13.42 -5.59
C TYR D 113 16.78 13.51 -4.12
N GLY D 114 17.29 12.58 -3.30
CA GLY D 114 16.99 12.57 -1.89
C GLY D 114 16.34 11.28 -1.43
N LEU D 115 16.58 10.92 -0.16
CA LEU D 115 15.94 9.75 0.42
C LEU D 115 14.45 10.00 0.61
N PRO D 116 13.64 8.95 0.66
CA PRO D 116 12.27 9.10 1.17
C PRO D 116 12.31 9.67 2.58
N GLU D 117 11.36 10.55 2.88
CA GLU D 117 11.37 11.22 4.17
C GLU D 117 11.33 10.24 5.33
N SER D 118 10.73 9.07 5.11
CA SER D 118 10.70 8.04 6.15
C SER D 118 12.12 7.62 6.52
N GLU D 119 12.94 7.30 5.53
CA GLU D 119 14.28 6.80 5.80
C GLU D 119 15.21 7.90 6.31
N PHE D 120 15.00 9.13 5.86
CA PHE D 120 15.84 10.25 6.30
C PHE D 120 15.79 10.40 7.81
N LEU D 121 14.59 10.30 8.40
CA LEU D 121 14.47 10.38 9.85
C LEU D 121 15.19 9.23 10.54
N ILE D 122 15.32 8.09 9.88
CA ILE D 122 16.07 6.97 10.45
C ILE D 122 17.57 7.25 10.39
N VAL D 123 18.05 7.78 9.26
CA VAL D 123 19.45 8.18 9.14
C VAL D 123 19.76 9.28 10.15
N LEU D 124 18.85 10.24 10.28
CA LEU D 124 19.00 11.29 11.30
C LEU D 124 19.11 10.68 12.69
N ARG D 125 18.23 9.73 13.00
CA ARG D 125 18.19 9.13 14.34
C ARG D 125 19.48 8.39 14.65
N ASP D 126 19.93 7.54 13.71
CA ASP D 126 21.06 6.66 14.00
C ASP D 126 22.39 7.41 13.98
N VAL D 127 22.54 8.37 13.07
CA VAL D 127 23.79 9.14 12.99
C VAL D 127 24.02 9.90 14.28
N VAL D 128 23.00 10.60 14.77
CA VAL D 128 23.12 11.35 16.02
C VAL D 128 23.38 10.39 17.17
N GLY D 129 22.64 9.28 17.23
CA GLY D 129 22.81 8.34 18.33
C GLY D 129 24.21 7.78 18.43
N GLY D 130 24.82 7.44 17.29
CA GLY D 130 26.19 6.97 17.28
C GLY D 130 27.20 8.07 17.49
N MET D 131 27.04 9.18 16.79
CA MET D 131 27.95 10.31 16.95
C MET D 131 27.92 10.84 18.37
N ASN D 132 26.76 10.81 19.01
CA ASN D 132 26.68 11.18 20.42
C ASN D 132 27.45 10.19 21.28
N HIS D 133 27.26 8.89 21.02
CA HIS D 133 28.00 7.88 21.76
C HIS D 133 29.50 8.02 21.55
N LEU D 134 29.93 8.62 20.45
CA LEU D 134 31.34 8.87 20.24
C LEU D 134 31.86 9.95 21.17
N ARG D 135 31.30 11.16 21.09
CA ARG D 135 31.74 12.23 21.98
C ARG D 135 31.47 11.90 23.44
N GLU D 136 30.44 11.09 23.71
CA GLU D 136 30.17 10.66 25.07
C GLU D 136 31.30 9.79 25.61
N ASN D 137 31.86 8.91 24.77
CA ASN D 137 33.00 8.10 25.14
C ASN D 137 34.33 8.76 24.78
N GLY D 138 34.31 9.93 24.15
CA GLY D 138 35.51 10.69 23.89
C GLY D 138 36.33 10.22 22.71
N ILE D 139 35.71 10.13 21.54
CA ILE D 139 36.40 9.76 20.31
C ILE D 139 35.88 10.64 19.18
N VAL D 140 36.80 11.27 18.45
CA VAL D 140 36.45 12.06 17.28
C VAL D 140 36.91 11.28 16.06
N HIS D 141 35.95 10.68 15.37
CA HIS D 141 36.20 9.93 14.14
C HIS D 141 36.00 10.91 12.98
N ARG D 142 37.12 11.39 12.43
CA ARG D 142 37.11 12.51 11.49
C ARG D 142 37.01 12.06 10.03
N ASN D 143 36.40 10.92 9.77
CA ASN D 143 36.25 10.38 8.42
C ASN D 143 34.80 9.92 8.19
N ILE D 144 33.85 10.70 8.66
CA ILE D 144 32.44 10.32 8.57
C ILE D 144 31.93 10.63 7.17
N LYS D 145 31.50 9.60 6.46
CA LYS D 145 31.10 9.70 5.06
C LYS D 145 30.00 8.66 4.81
N PRO D 146 29.23 8.82 3.72
CA PRO D 146 28.19 7.82 3.43
C PRO D 146 28.74 6.42 3.18
N GLY D 147 29.89 6.31 2.51
CA GLY D 147 30.58 5.03 2.40
C GLY D 147 31.03 4.44 3.73
N ASN D 148 30.89 5.18 4.83
CA ASN D 148 31.31 4.74 6.15
C ASN D 148 30.15 4.31 7.04
N ILE D 149 28.92 4.68 6.67
CA ILE D 149 27.74 4.44 7.49
C ILE D 149 27.08 3.17 6.99
N MET D 150 27.23 2.09 7.74
CA MET D 150 26.68 0.81 7.37
C MET D 150 25.16 0.79 7.58
N ARG D 151 24.50 -0.09 6.84
CA ARG D 151 23.06 -0.29 6.94
C ARG D 151 22.78 -1.76 7.21
N VAL D 152 21.99 -2.04 8.24
CA VAL D 152 21.56 -3.39 8.58
C VAL D 152 20.07 -3.35 8.85
N ILE D 153 19.37 -4.42 8.45
CA ILE D 153 17.92 -4.49 8.61
C ILE D 153 17.60 -4.87 10.06
N GLY D 154 16.81 -4.04 10.72
CA GLY D 154 16.39 -4.35 12.07
C GLY D 154 15.46 -5.53 12.12
N GLU D 155 15.13 -5.94 13.35
CA GLU D 155 14.20 -7.05 13.55
C GLU D 155 12.82 -6.72 12.98
N ASP D 156 12.49 -5.44 12.83
CA ASP D 156 11.19 -5.00 12.37
C ASP D 156 11.21 -4.46 10.94
N GLY D 157 12.26 -4.76 10.17
CA GLY D 157 12.30 -4.34 8.78
C GLY D 157 12.81 -2.93 8.62
N GLN D 158 12.62 -2.10 9.64
CA GLN D 158 13.16 -0.74 9.61
C GLN D 158 14.68 -0.78 9.63
N SER D 159 15.29 0.07 8.81
CA SER D 159 16.73 0.12 8.73
C SER D 159 17.33 0.63 10.03
N VAL D 160 18.55 0.17 10.31
CA VAL D 160 19.35 0.65 11.44
C VAL D 160 20.75 0.90 10.92
N TYR D 161 21.21 2.14 11.01
CA TYR D 161 22.50 2.53 10.48
C TYR D 161 23.55 2.56 11.58
N LYS D 162 24.78 2.21 11.20
CA LYS D 162 25.88 2.06 12.15
C LYS D 162 27.16 2.65 11.58
N LEU D 163 28.04 3.08 12.48
CA LEU D 163 29.32 3.69 12.12
C LEU D 163 30.46 2.70 12.25
N THR D 164 31.53 2.95 11.50
CA THR D 164 32.71 2.09 11.52
C THR D 164 33.88 2.86 10.90
N ASP D 165 34.91 2.12 10.47
CA ASP D 165 36.10 2.66 9.83
C ASP D 165 36.69 3.82 10.65
N PHE D 166 37.07 3.49 11.89
CA PHE D 166 37.70 4.45 12.78
C PHE D 166 39.20 4.58 12.52
N GLY D 167 39.65 4.31 11.30
CA GLY D 167 41.05 4.50 10.98
C GLY D 167 41.50 5.92 11.18
N ALA D 168 40.59 6.88 11.04
CA ALA D 168 40.85 8.28 11.35
C ALA D 168 40.17 8.59 12.68
N ALA D 169 40.87 8.26 13.77
CA ALA D 169 40.35 8.48 15.11
C ALA D 169 41.48 9.02 15.98
N ARG D 170 41.13 9.34 17.21
CA ARG D 170 42.08 9.83 18.20
C ARG D 170 41.36 9.94 19.53
N GLU D 171 42.14 9.84 20.62
CA GLU D 171 41.61 10.05 21.96
C GLU D 171 41.45 11.55 22.19
N LEU D 172 40.29 12.07 21.77
CA LEU D 172 40.03 13.50 21.82
C LEU D 172 39.33 13.87 23.12
N GLU D 173 39.82 14.91 23.77
CA GLU D 173 39.10 15.56 24.86
C GLU D 173 38.30 16.73 24.30
N ASP D 174 37.26 17.12 25.04
CA ASP D 174 36.27 18.07 24.51
C ASP D 174 36.86 19.44 24.20
N ASP D 175 38.08 19.75 24.67
CA ASP D 175 38.76 20.99 24.33
C ASP D 175 40.17 20.73 23.80
N GLU D 176 40.46 19.54 23.30
CA GLU D 176 41.75 19.21 22.72
C GLU D 176 41.67 19.27 21.20
N GLN D 177 42.84 19.41 20.56
CA GLN D 177 42.92 19.60 19.12
C GLN D 177 44.20 18.96 18.60
N PHE D 178 44.10 18.30 17.45
CA PHE D 178 45.20 17.56 16.85
C PHE D 178 45.86 18.38 15.74
N VAL D 179 46.95 17.83 15.20
CA VAL D 179 47.72 18.49 14.15
C VAL D 179 48.06 17.46 13.08
N GLU D 180 47.25 16.41 13.00
CA GLU D 180 47.42 15.32 12.05
C GLU D 180 46.31 15.38 11.01
N LEU D 181 46.35 14.42 10.07
CA LEU D 181 45.57 14.55 8.83
C LEU D 181 45.10 13.20 8.32
N TYR D 182 43.78 13.01 8.26
CA TYR D 182 43.17 11.89 7.56
C TYR D 182 41.78 12.31 7.08
N GLY D 183 41.24 11.57 6.13
CA GLY D 183 39.85 11.73 5.76
C GLY D 183 39.62 11.55 4.27
N THR D 184 38.37 11.83 3.87
CA THR D 184 37.91 11.83 2.49
C THR D 184 37.38 13.23 2.14
N GLU D 185 37.61 13.66 0.89
CA GLU D 185 37.50 15.08 0.52
C GLU D 185 36.15 15.68 0.87
N GLU D 186 35.09 15.20 0.19
CA GLU D 186 33.82 15.91 0.11
C GLU D 186 33.13 16.09 1.47
N TYR D 187 33.45 15.26 2.45
CA TYR D 187 32.75 15.29 3.74
C TYR D 187 33.68 15.65 4.89
N LEU D 188 34.68 16.50 4.64
CA LEU D 188 35.65 16.85 5.67
C LEU D 188 35.61 18.35 5.93
N HIS D 189 35.92 18.72 7.17
CA HIS D 189 35.91 20.10 7.59
C HIS D 189 36.88 20.93 6.75
N PRO D 190 36.57 22.20 6.49
CA PRO D 190 37.49 23.03 5.69
C PRO D 190 38.91 23.08 6.24
N ASP D 191 39.07 23.34 7.54
CA ASP D 191 40.40 23.41 8.14
C ASP D 191 41.03 22.04 8.34
N MET D 192 40.42 20.99 7.81
CA MET D 192 41.12 19.73 7.55
C MET D 192 41.29 19.46 6.07
N TYR D 193 40.36 19.94 5.23
CA TYR D 193 40.56 19.90 3.79
C TYR D 193 41.77 20.73 3.38
N GLU D 194 41.99 21.86 4.06
CA GLU D 194 43.10 22.74 3.72
C GLU D 194 44.44 22.03 3.91
N ARG D 195 44.61 21.38 5.07
CA ARG D 195 45.88 20.75 5.38
C ARG D 195 46.05 19.39 4.72
N ALA D 196 44.94 18.66 4.48
CA ALA D 196 45.07 17.32 3.92
C ALA D 196 45.20 17.35 2.40
N VAL D 197 44.39 18.15 1.73
CA VAL D 197 44.38 18.16 0.27
C VAL D 197 45.54 18.99 -0.27
N LEU D 198 45.71 20.21 0.26
CA LEU D 198 46.66 21.17 -0.29
C LEU D 198 48.01 21.16 0.42
N ARG D 199 48.18 20.29 1.43
CA ARG D 199 49.31 20.30 2.36
C ARG D 199 49.75 21.73 2.68
N LYS D 200 48.77 22.50 3.17
CA LYS D 200 48.95 23.89 3.58
C LYS D 200 48.27 24.06 4.93
N ASP D 201 49.06 24.36 5.95
CA ASP D 201 48.58 24.44 7.33
C ASP D 201 48.81 25.85 7.89
N HIS D 202 47.83 26.36 8.63
CA HIS D 202 47.93 27.72 9.16
C HIS D 202 46.92 27.93 10.28
N GLN D 203 47.42 28.33 11.45
CA GLN D 203 46.68 29.06 12.49
C GLN D 203 45.44 28.36 13.00
N LYS D 204 45.33 27.04 12.89
CA LYS D 204 44.18 26.38 13.51
C LYS D 204 44.44 24.89 13.71
N LYS D 205 43.95 24.38 14.84
CA LYS D 205 43.89 22.95 15.13
C LYS D 205 42.46 22.61 15.53
N TYR D 206 42.04 21.37 15.25
CA TYR D 206 40.63 21.03 15.33
C TYR D 206 40.40 19.73 16.09
N GLY D 207 39.32 19.72 16.88
CA GLY D 207 38.91 18.57 17.64
C GLY D 207 37.48 18.69 18.08
N ALA D 208 36.65 17.69 17.75
CA ALA D 208 35.23 17.61 18.07
C ALA D 208 34.37 18.59 17.29
N THR D 209 34.96 19.43 16.44
CA THR D 209 34.19 20.29 15.55
C THR D 209 34.24 19.84 14.10
N VAL D 210 35.24 19.07 13.72
CA VAL D 210 35.33 18.55 12.35
C VAL D 210 34.15 17.63 12.04
N ASP D 211 33.74 16.82 13.02
CA ASP D 211 32.71 15.81 12.75
C ASP D 211 31.37 16.46 12.43
N LEU D 212 31.05 17.58 13.08
CA LEU D 212 29.81 18.28 12.79
C LEU D 212 29.71 18.64 11.31
N TRP D 213 30.84 19.06 10.72
CA TRP D 213 30.86 19.31 9.29
C TRP D 213 30.71 18.02 8.49
N SER D 214 31.41 16.96 8.92
CA SER D 214 31.27 15.67 8.25
C SER D 214 29.83 15.19 8.26
N ILE D 215 29.13 15.43 9.37
CA ILE D 215 27.73 15.03 9.47
C ILE D 215 26.84 15.91 8.60
N GLY D 216 27.08 17.22 8.64
CA GLY D 216 26.22 18.14 7.92
C GLY D 216 26.26 17.95 6.42
N VAL D 217 27.46 17.75 5.87
CA VAL D 217 27.58 17.48 4.43
C VAL D 217 26.89 16.17 4.09
N THR D 218 27.00 15.17 4.96
CA THR D 218 26.33 13.89 4.72
C THR D 218 24.82 14.06 4.71
N PHE D 219 24.27 14.85 5.63
CA PHE D 219 22.82 15.02 5.70
C PHE D 219 22.29 15.73 4.47
N TYR D 220 23.00 16.76 3.98
CA TYR D 220 22.54 17.45 2.78
C TYR D 220 22.54 16.51 1.57
N HIS D 221 23.55 15.65 1.48
CA HIS D 221 23.59 14.67 0.39
C HIS D 221 22.39 13.72 0.46
N ALA D 222 22.11 13.19 1.66
CA ALA D 222 20.99 12.28 1.83
C ALA D 222 19.64 12.94 1.68
N ALA D 223 19.58 14.28 1.70
CA ALA D 223 18.31 15.00 1.58
C ALA D 223 18.00 15.41 0.15
N THR D 224 19.02 15.81 -0.61
CA THR D 224 18.83 16.32 -1.95
C THR D 224 19.38 15.40 -3.04
N GLY D 225 20.09 14.33 -2.67
CA GLY D 225 20.75 13.51 -3.65
C GLY D 225 21.94 14.16 -4.31
N SER D 226 22.43 15.27 -3.75
CA SER D 226 23.56 16.00 -4.32
C SER D 226 24.43 16.53 -3.20
N LEU D 227 25.71 16.71 -3.49
CA LEU D 227 26.62 17.29 -2.53
C LEU D 227 26.36 18.79 -2.38
N PRO D 228 26.55 19.34 -1.18
CA PRO D 228 26.15 20.74 -0.96
C PRO D 228 27.06 21.75 -1.64
N PHE D 229 28.34 21.46 -1.80
CA PHE D 229 29.30 22.43 -2.34
C PHE D 229 29.87 21.87 -3.65
N ARG D 230 29.32 22.35 -4.76
CA ARG D 230 29.65 21.81 -6.08
C ARG D 230 30.40 22.84 -6.90
N PRO D 231 31.70 22.69 -7.11
CA PRO D 231 32.38 23.47 -8.14
C PRO D 231 32.13 22.88 -9.51
N PHE D 232 32.02 23.77 -10.50
CA PHE D 232 31.86 23.33 -11.89
C PHE D 232 33.06 22.47 -12.31
N GLU D 233 32.89 21.77 -13.43
CA GLU D 233 33.85 20.79 -13.92
C GLU D 233 33.99 19.60 -12.97
N GLY D 234 32.96 19.34 -12.17
CA GLY D 234 33.01 18.30 -11.17
C GLY D 234 33.85 18.71 -9.98
N PRO D 235 33.72 17.99 -8.87
CA PRO D 235 34.56 18.24 -7.70
C PRO D 235 35.92 17.57 -7.71
N ARG D 236 36.33 16.97 -8.83
CA ARG D 236 37.59 16.23 -8.86
C ARG D 236 38.80 17.16 -8.85
N ARG D 237 38.77 18.24 -9.66
CA ARG D 237 39.77 19.29 -9.60
C ARG D 237 39.12 20.53 -8.99
N ASN D 238 39.65 21.72 -9.34
CA ASN D 238 39.14 22.98 -8.81
C ASN D 238 39.14 22.98 -7.28
N LYS D 239 40.15 22.32 -6.71
CA LYS D 239 40.31 22.33 -5.25
C LYS D 239 40.56 23.74 -4.74
N GLU D 240 41.24 24.57 -5.53
CA GLU D 240 41.34 25.99 -5.21
C GLU D 240 39.96 26.64 -5.25
N VAL D 241 39.12 26.23 -6.20
CA VAL D 241 37.74 26.70 -6.23
C VAL D 241 36.91 26.02 -5.15
N MET D 242 37.16 24.73 -4.91
CA MET D 242 36.48 24.03 -3.83
C MET D 242 36.76 24.69 -2.48
N TYR D 243 38.00 25.13 -2.27
CA TYR D 243 38.31 25.83 -1.02
C TYR D 243 37.76 27.25 -1.03
N LYS D 244 37.66 27.87 -2.21
CA LYS D 244 37.01 29.17 -2.31
C LYS D 244 35.56 29.12 -1.87
N ILE D 245 34.92 27.95 -2.00
CA ILE D 245 33.51 27.79 -1.63
C ILE D 245 33.38 27.27 -0.21
N ILE D 246 34.25 26.33 0.18
CA ILE D 246 34.16 25.69 1.49
C ILE D 246 34.48 26.63 2.63
N THR D 247 35.11 27.79 2.35
CA THR D 247 35.50 28.77 3.37
C THR D 247 34.92 30.16 3.14
N GLY D 248 34.78 30.60 1.88
CA GLY D 248 34.13 31.87 1.60
C GLY D 248 32.63 31.86 1.64
N LYS D 249 32.04 30.74 2.05
CA LYS D 249 30.58 30.63 2.10
C LYS D 249 30.04 31.51 3.23
N PRO D 250 29.02 32.32 2.97
CA PRO D 250 28.46 33.16 4.04
C PRO D 250 27.62 32.35 5.02
N SER D 251 27.74 32.70 6.30
CA SER D 251 27.02 31.98 7.35
C SER D 251 25.52 32.03 7.10
N GLY D 252 24.88 30.86 7.17
CA GLY D 252 23.46 30.76 6.95
C GLY D 252 23.05 30.34 5.55
N ALA D 253 23.98 29.82 4.75
CA ALA D 253 23.70 29.33 3.41
C ALA D 253 24.29 27.93 3.30
N ILE D 254 23.44 26.94 2.99
CA ILE D 254 23.84 25.54 3.12
C ILE D 254 24.42 24.95 1.84
N SER D 255 24.31 25.62 0.70
CA SER D 255 24.79 25.07 -0.54
C SER D 255 25.47 26.14 -1.38
N GLY D 256 26.62 25.77 -1.96
CA GLY D 256 27.34 26.63 -2.88
C GLY D 256 27.66 25.93 -4.18
N VAL D 257 26.97 26.29 -5.24
CA VAL D 257 27.10 25.65 -6.55
C VAL D 257 27.58 26.68 -7.56
N GLN D 258 28.40 26.24 -8.50
CA GLN D 258 28.94 27.09 -9.55
C GLN D 258 28.36 26.64 -10.88
N LYS D 259 27.60 27.54 -11.53
CA LYS D 259 26.96 27.20 -12.79
C LYS D 259 27.97 27.27 -13.95
N ALA D 260 28.70 28.37 -14.07
CA ALA D 260 29.57 28.61 -15.19
C ALA D 260 30.98 28.09 -14.90
N GLU D 261 31.85 28.19 -15.91
CA GLU D 261 33.26 27.86 -15.77
C GLU D 261 33.98 29.10 -15.26
N ASN D 262 34.53 29.01 -14.04
CA ASN D 262 35.14 30.16 -13.36
C ASN D 262 34.16 31.31 -13.24
N GLY D 263 32.90 30.99 -13.00
CA GLY D 263 31.85 31.98 -12.90
C GLY D 263 31.41 32.24 -11.48
N PRO D 264 30.13 32.54 -11.30
CA PRO D 264 29.62 32.88 -9.96
C PRO D 264 29.47 31.65 -9.08
N ILE D 265 29.35 31.90 -7.79
CA ILE D 265 29.18 30.86 -6.78
C ILE D 265 27.80 31.07 -6.17
N ASP D 266 26.82 30.31 -6.64
CA ASP D 266 25.43 30.48 -6.22
C ASP D 266 25.25 29.98 -4.79
N TRP D 267 24.97 30.90 -3.88
CA TRP D 267 24.69 30.54 -2.50
C TRP D 267 23.19 30.36 -2.30
N SER D 268 22.83 29.43 -1.41
CA SER D 268 21.43 29.19 -1.10
C SER D 268 21.31 28.67 0.32
N GLY D 269 20.35 29.21 1.05
CA GLY D 269 20.01 28.71 2.37
C GLY D 269 18.83 27.78 2.38
N ASP D 270 18.29 27.42 1.21
CA ASP D 270 17.09 26.61 1.10
C ASP D 270 17.40 25.29 0.44
N MET D 271 16.52 24.32 0.69
CA MET D 271 16.57 23.07 -0.05
C MET D 271 16.17 23.32 -1.50
N PRO D 272 16.72 22.56 -2.44
CA PRO D 272 16.23 22.63 -3.81
C PRO D 272 14.82 22.06 -3.92
N VAL D 273 14.13 22.47 -4.98
CA VAL D 273 12.76 21.99 -5.20
C VAL D 273 12.76 20.48 -5.43
N SER D 274 13.86 19.94 -5.95
CA SER D 274 13.96 18.50 -6.19
C SER D 274 13.96 17.68 -4.91
N CYS D 275 14.10 18.32 -3.75
CA CYS D 275 14.14 17.60 -2.48
C CYS D 275 12.84 16.85 -2.25
N SER D 276 12.95 15.70 -1.59
CA SER D 276 11.80 14.84 -1.34
C SER D 276 11.13 15.12 0.00
N LEU D 277 11.84 15.70 0.96
CA LEU D 277 11.30 15.88 2.30
C LEU D 277 10.16 16.89 2.29
N SER D 278 9.25 16.75 3.26
CA SER D 278 8.13 17.66 3.37
C SER D 278 8.61 19.06 3.73
N ARG D 279 7.78 20.05 3.37
CA ARG D 279 8.10 21.43 3.75
C ARG D 279 8.06 21.61 5.27
N GLY D 280 7.21 20.85 5.96
CA GLY D 280 7.19 20.93 7.41
C GLY D 280 8.49 20.49 8.05
N LEU D 281 9.24 19.60 7.39
CA LEU D 281 10.54 19.16 7.88
C LEU D 281 11.66 20.09 7.45
N GLN D 282 11.63 20.57 6.20
CA GLN D 282 12.71 21.45 5.71
C GLN D 282 12.87 22.67 6.60
N VAL D 283 11.75 23.23 7.07
CA VAL D 283 11.82 24.40 7.94
C VAL D 283 12.48 24.04 9.27
N LEU D 284 12.37 22.78 9.69
CA LEU D 284 13.06 22.34 10.91
C LEU D 284 14.51 21.93 10.64
N LEU D 285 14.82 21.52 9.41
CA LEU D 285 16.11 20.93 9.09
C LEU D 285 17.17 21.96 8.73
N THR D 286 16.84 22.89 7.83
CA THR D 286 17.80 23.85 7.30
C THR D 286 18.50 24.69 8.37
N PRO D 287 17.85 25.03 9.50
CA PRO D 287 18.60 25.65 10.59
C PRO D 287 19.75 24.79 11.10
N VAL D 288 19.54 23.48 11.24
CA VAL D 288 20.59 22.61 11.76
C VAL D 288 21.75 22.54 10.77
N LEU D 289 21.45 22.49 9.47
CA LEU D 289 22.53 22.42 8.48
C LEU D 289 23.34 23.70 8.44
N ALA D 290 22.66 24.86 8.48
CA ALA D 290 23.37 26.14 8.38
C ALA D 290 24.22 26.46 9.61
N ASN D 291 24.05 25.73 10.72
CA ASN D 291 24.80 26.03 11.93
C ASN D 291 25.89 25.02 12.25
N ILE D 292 25.85 23.80 11.69
CA ILE D 292 27.00 22.91 11.79
C ILE D 292 27.88 23.04 10.56
N LEU D 293 27.38 23.60 9.46
CA LEU D 293 28.20 24.00 8.33
C LEU D 293 28.77 25.40 8.60
N GLU D 294 29.55 25.49 9.67
CA GLU D 294 30.19 26.73 10.08
C GLU D 294 31.67 26.44 10.33
N ALA D 295 32.53 27.11 9.57
CA ALA D 295 33.97 26.89 9.67
C ALA D 295 34.49 27.22 11.06
N ASP D 296 34.41 28.49 11.44
CA ASP D 296 34.96 28.94 12.71
C ASP D 296 34.19 28.36 13.89
N GLN D 297 34.84 28.36 15.05
CA GLN D 297 34.23 27.85 16.27
C GLN D 297 33.30 28.87 16.94
N GLU D 298 33.31 30.12 16.48
CA GLU D 298 32.50 31.15 17.14
C GLU D 298 31.04 31.07 16.70
N LYS D 299 30.78 31.26 15.41
CA LYS D 299 29.43 31.22 14.88
C LYS D 299 28.91 29.79 14.71
N CYS D 300 29.64 28.80 15.18
CA CYS D 300 29.27 27.41 15.01
C CYS D 300 28.43 26.93 16.19
N TRP D 301 27.83 25.75 16.03
CA TRP D 301 27.11 25.09 17.09
C TRP D 301 28.02 24.13 17.84
N GLY D 302 27.78 23.99 19.13
CA GLY D 302 28.44 22.98 19.91
C GLY D 302 27.72 21.65 19.85
N PHE D 303 28.43 20.59 20.27
CA PHE D 303 27.79 19.29 20.38
C PHE D 303 26.58 19.34 21.31
N ASP D 304 26.67 20.15 22.37
CA ASP D 304 25.55 20.32 23.29
C ASP D 304 24.34 20.89 22.58
N GLN D 305 24.54 21.96 21.79
CA GLN D 305 23.42 22.60 21.11
C GLN D 305 22.91 21.75 19.96
N PHE D 306 23.83 21.11 19.21
CA PHE D 306 23.42 20.25 18.11
C PHE D 306 22.56 19.09 18.60
N PHE D 307 23.08 18.30 19.54
CA PHE D 307 22.35 17.13 20.01
C PHE D 307 21.02 17.52 20.66
N ALA D 308 20.93 18.72 21.22
CA ALA D 308 19.66 19.17 21.79
C ALA D 308 18.66 19.55 20.70
N GLU D 309 19.13 20.22 19.65
CA GLU D 309 18.23 20.67 18.59
C GLU D 309 17.74 19.50 17.74
N THR D 310 18.63 18.56 17.41
CA THR D 310 18.22 17.42 16.60
C THR D 310 17.27 16.51 17.37
N SER D 311 17.55 16.27 18.66
CA SER D 311 16.64 15.45 19.45
C SER D 311 15.25 16.06 19.53
N ASP D 312 15.15 17.39 19.41
CA ASP D 312 13.83 18.02 19.36
C ASP D 312 13.06 17.60 18.13
N ILE D 313 13.75 17.43 16.99
CA ILE D 313 13.06 16.95 15.79
C ILE D 313 12.69 15.47 15.94
N LEU D 314 13.63 14.66 16.45
CA LEU D 314 13.37 13.22 16.58
C LEU D 314 12.29 12.89 17.59
N HIS D 315 12.04 13.78 18.55
CA HIS D 315 11.06 13.53 19.61
C HIS D 315 9.69 14.11 19.29
N ARG D 316 9.43 14.44 18.02
CA ARG D 316 8.13 14.92 17.60
C ARG D 316 7.33 13.80 16.94
N MET D 317 6.06 14.08 16.69
CA MET D 317 5.20 13.19 15.91
C MET D 317 4.67 13.93 14.68
N VAL D 318 4.14 13.15 13.74
CA VAL D 318 3.70 13.69 12.46
C VAL D 318 2.18 13.57 12.38
N ILE D 319 1.53 14.69 12.05
CA ILE D 319 0.08 14.74 11.82
C ILE D 319 -0.13 15.25 10.40
N HIS D 320 -0.73 14.42 9.55
CA HIS D 320 -0.92 14.77 8.15
C HIS D 320 -2.17 15.64 8.01
N VAL D 321 -1.99 16.84 7.48
CA VAL D 321 -3.08 17.79 7.26
C VAL D 321 -3.07 18.21 5.81
N PHE D 322 -4.25 18.25 5.19
CA PHE D 322 -4.39 18.55 3.77
C PHE D 322 -5.27 19.79 3.62
N SER D 323 -4.74 20.82 2.95
CA SER D 323 -5.50 22.03 2.68
C SER D 323 -6.37 21.81 1.44
N LEU D 324 -7.70 21.84 1.63
CA LEU D 324 -8.61 21.57 0.52
C LEU D 324 -8.71 22.76 -0.43
N GLN D 325 -8.65 23.99 0.09
CA GLN D 325 -8.70 25.16 -0.79
C GLN D 325 -7.42 25.35 -1.58
N GLN D 326 -6.31 24.79 -1.12
CA GLN D 326 -5.02 24.97 -1.77
C GLN D 326 -4.53 23.71 -2.49
N MET D 327 -5.15 22.57 -2.26
CA MET D 327 -4.70 21.29 -2.83
C MET D 327 -3.22 21.05 -2.54
N THR D 328 -2.87 21.15 -1.26
CA THR D 328 -1.48 20.99 -0.83
C THR D 328 -1.46 20.12 0.42
N ALA D 329 -0.64 19.08 0.40
CA ALA D 329 -0.45 18.27 1.59
C ALA D 329 0.57 18.94 2.51
N HIS D 330 0.49 18.60 3.79
CA HIS D 330 1.38 19.17 4.78
C HIS D 330 1.65 18.14 5.87
N LYS D 331 2.87 18.13 6.39
CA LYS D 331 3.25 17.30 7.52
C LYS D 331 3.54 18.21 8.70
N ILE D 332 2.84 17.98 9.81
CA ILE D 332 2.91 18.83 10.99
C ILE D 332 3.79 18.14 12.02
N TYR D 333 5.01 18.64 12.19
CA TYR D 333 5.95 18.09 13.15
C TYR D 333 5.70 18.75 14.51
N ILE D 334 5.09 18.00 15.42
CA ILE D 334 4.59 18.53 16.68
C ILE D 334 4.90 17.52 17.79
N HIS D 335 5.24 18.04 18.97
CA HIS D 335 5.44 17.17 20.12
C HIS D 335 4.10 16.58 20.58
N SER D 336 4.18 15.44 21.28
CA SER D 336 2.97 14.82 21.79
C SER D 336 2.38 15.61 22.95
N TYR D 337 3.17 16.42 23.65
CA TYR D 337 2.71 17.19 24.78
C TYR D 337 2.15 18.56 24.39
N ASN D 338 2.15 18.90 23.11
CA ASN D 338 1.59 20.17 22.68
C ASN D 338 0.06 20.12 22.72
N THR D 339 -0.55 21.30 22.65
CA THR D 339 -2.00 21.45 22.74
C THR D 339 -2.59 21.60 21.33
N ALA D 340 -3.91 21.74 21.27
CA ALA D 340 -4.57 21.94 19.98
C ALA D 340 -4.35 23.36 19.47
N THR D 341 -4.29 24.34 20.37
CA THR D 341 -4.03 25.71 19.94
C THR D 341 -2.60 25.89 19.45
N ILE D 342 -1.67 25.03 19.89
CA ILE D 342 -0.34 25.02 19.28
C ILE D 342 -0.42 24.42 17.88
N PHE D 343 -1.23 23.36 17.71
CA PHE D 343 -1.43 22.76 16.40
C PHE D 343 -1.89 23.78 15.38
N HIS D 344 -2.87 24.62 15.75
CA HIS D 344 -3.36 25.64 14.82
C HIS D 344 -2.24 26.58 14.41
N GLU D 345 -1.32 26.90 15.31
CA GLU D 345 -0.21 27.77 14.97
C GLU D 345 0.69 27.14 13.91
N LEU D 346 0.97 25.84 14.05
CA LEU D 346 1.77 25.14 13.05
C LEU D 346 1.10 25.17 11.69
N VAL D 347 -0.23 25.03 11.66
CA VAL D 347 -0.95 25.03 10.39
C VAL D 347 -0.94 26.43 9.76
N TYR D 348 -1.00 27.49 10.57
CA TYR D 348 -0.94 28.83 10.02
C TYR D 348 0.40 29.10 9.35
N LYS D 349 1.50 28.66 9.97
CA LYS D 349 2.82 28.90 9.41
C LYS D 349 3.03 28.18 8.09
N GLN D 350 2.26 27.14 7.81
CA GLN D 350 2.42 26.34 6.60
C GLN D 350 1.36 26.63 5.53
N THR D 351 0.20 27.17 5.93
CA THR D 351 -0.88 27.46 5.01
C THR D 351 -1.30 28.93 4.97
N LYS D 352 -0.80 29.76 5.90
CA LYS D 352 -1.13 31.18 5.96
C LYS D 352 -2.63 31.41 6.12
N ILE D 353 -3.32 30.47 6.77
CA ILE D 353 -4.70 30.64 7.18
C ILE D 353 -4.74 30.66 8.71
N ILE D 354 -5.47 31.62 9.28
CA ILE D 354 -5.38 31.89 10.70
C ILE D 354 -6.13 30.82 11.50
N SER D 355 -5.83 30.77 12.80
CA SER D 355 -6.40 29.75 13.67
C SER D 355 -7.91 29.82 13.71
N SER D 356 -8.47 31.04 13.78
CA SER D 356 -9.92 31.23 13.86
C SER D 356 -10.64 30.89 12.56
N ASN D 357 -9.91 30.51 11.51
CA ASN D 357 -10.51 30.21 10.21
C ASN D 357 -10.47 28.74 9.85
N GLN D 358 -9.95 27.88 10.73
CA GLN D 358 -9.64 26.50 10.38
C GLN D 358 -10.75 25.57 10.90
N GLU D 359 -11.52 25.03 9.97
CA GLU D 359 -12.44 23.93 10.26
C GLU D 359 -11.78 22.61 9.88
N LEU D 360 -11.90 21.62 10.76
CA LEU D 360 -11.20 20.34 10.61
C LEU D 360 -12.21 19.26 10.22
N ILE D 361 -12.11 18.78 8.98
CA ILE D 361 -12.89 17.65 8.50
C ILE D 361 -12.03 16.41 8.62
N TYR D 362 -12.60 15.34 9.16
CA TYR D 362 -11.86 14.10 9.32
C TYR D 362 -12.82 12.92 9.29
N GLU D 363 -12.60 11.99 8.36
CA GLU D 363 -13.42 10.80 8.18
C GLU D 363 -14.90 11.16 8.12
N GLY D 364 -15.21 12.02 7.15
CA GLY D 364 -16.59 12.43 6.89
C GLY D 364 -17.25 13.21 7.99
N ARG D 365 -16.50 13.68 8.98
CA ARG D 365 -17.06 14.41 10.11
C ARG D 365 -16.22 15.65 10.40
N ARG D 366 -16.84 16.60 11.10
CA ARG D 366 -16.08 17.67 11.71
C ARG D 366 -15.22 17.10 12.84
N LEU D 367 -14.37 17.95 13.42
CA LEU D 367 -13.45 17.50 14.46
C LEU D 367 -13.56 18.44 15.65
N VAL D 368 -14.02 17.91 16.77
CA VAL D 368 -14.09 18.68 18.02
C VAL D 368 -12.65 18.99 18.45
N LEU D 369 -12.30 20.27 18.43
CA LEU D 369 -10.92 20.74 18.57
C LEU D 369 -10.81 21.62 19.80
N GLU D 370 -10.63 20.99 20.97
CA GLU D 370 -10.53 21.88 22.12
C GLU D 370 -9.07 22.17 22.46
N PRO D 371 -8.75 23.41 22.84
CA PRO D 371 -7.35 23.77 23.09
C PRO D 371 -6.71 22.99 24.24
N GLY D 372 -7.50 22.37 25.11
CA GLY D 372 -6.94 21.67 26.24
C GLY D 372 -6.73 20.18 26.01
N ARG D 373 -6.50 19.80 24.76
CA ARG D 373 -6.32 18.40 24.39
C ARG D 373 -4.91 18.20 23.84
N LEU D 374 -4.28 17.10 24.25
CA LEU D 374 -2.90 16.83 23.87
C LEU D 374 -2.82 16.25 22.45
N ALA D 375 -1.62 16.32 21.88
CA ALA D 375 -1.42 15.89 20.50
C ALA D 375 -1.57 14.38 20.36
N GLN D 376 -1.14 13.62 21.36
CA GLN D 376 -1.21 12.17 21.26
C GLN D 376 -2.64 11.65 21.28
N HIS D 377 -3.60 12.47 21.71
CA HIS D 377 -5.00 12.09 21.73
C HIS D 377 -5.74 12.54 20.48
N PHE D 378 -5.02 13.04 19.48
CA PHE D 378 -5.61 13.37 18.19
C PHE D 378 -6.02 12.09 17.47
N PRO D 379 -6.95 12.19 16.51
CA PRO D 379 -7.25 11.03 15.68
C PRO D 379 -6.04 10.63 14.84
N LYS D 380 -5.77 9.33 14.80
CA LYS D 380 -4.60 8.82 14.08
C LYS D 380 -4.69 9.16 12.60
N THR D 381 -3.62 9.75 12.08
CA THR D 381 -3.58 10.23 10.70
C THR D 381 -2.49 9.53 9.91
N THR D 382 -2.77 9.33 8.62
CA THR D 382 -1.79 8.93 7.64
C THR D 382 -1.84 9.96 6.51
N GLU D 383 -0.98 9.78 5.51
CA GLU D 383 -0.98 10.70 4.39
C GLU D 383 -2.21 10.50 3.51
N GLU D 384 -2.69 9.26 3.38
CA GLU D 384 -3.90 8.99 2.60
C GLU D 384 -5.17 9.26 3.39
N ASN D 385 -5.12 9.20 4.72
CA ASN D 385 -6.25 9.54 5.58
C ASN D 385 -5.87 10.72 6.46
N PRO D 386 -5.78 11.92 5.90
CA PRO D 386 -5.35 13.08 6.66
C PRO D 386 -6.52 13.84 7.26
N ILE D 387 -6.18 14.81 8.10
CA ILE D 387 -7.15 15.76 8.63
C ILE D 387 -7.27 16.90 7.63
N PHE D 388 -8.45 17.05 7.04
CA PHE D 388 -8.67 18.14 6.10
C PHE D 388 -8.93 19.45 6.83
N VAL D 389 -8.50 20.55 6.22
CA VAL D 389 -8.71 21.88 6.76
C VAL D 389 -9.33 22.75 5.68
N VAL D 390 -10.39 23.47 6.05
CA VAL D 390 -11.12 24.35 5.13
C VAL D 390 -11.32 25.69 5.81
N SER D 391 -11.35 26.74 5.00
CA SER D 391 -11.51 28.11 5.48
C SER D 391 -12.65 28.79 4.73
N ARG D 392 -13.48 29.52 5.47
CA ARG D 392 -14.59 30.25 4.85
C ARG D 392 -14.12 31.46 4.06
N GLU D 393 -12.84 31.90 4.21
CA GLU D 393 -12.26 33.00 3.46
C GLU D 393 -11.42 32.47 2.32
N PRO D 394 -11.31 33.22 1.22
CA PRO D 394 -10.71 32.66 0.00
C PRO D 394 -9.22 32.41 0.13
N LEU D 395 -8.76 31.36 -0.54
CA LEU D 395 -7.36 30.99 -0.59
C LEU D 395 -6.98 30.63 -2.02
N ASP D 396 -5.74 30.95 -2.38
CA ASP D 396 -5.25 30.62 -3.71
C ASP D 396 -4.98 29.13 -3.81
N THR D 397 -5.48 28.50 -4.88
CA THR D 397 -5.29 27.07 -5.10
C THR D 397 -3.88 26.84 -5.64
N ILE D 398 -2.96 26.47 -4.74
CA ILE D 398 -1.55 26.36 -5.11
C ILE D 398 -1.30 25.09 -5.90
N GLY D 399 -1.61 23.93 -5.33
CA GLY D 399 -1.32 22.67 -5.97
C GLY D 399 0.10 22.22 -5.73
N LEU D 400 0.47 21.13 -6.39
CA LEU D 400 1.81 20.61 -6.20
C LEU D 400 2.84 21.47 -6.93
N ILE D 401 3.97 21.73 -6.29
CA ILE D 401 5.02 22.55 -6.86
C ILE D 401 6.29 21.70 -7.03
N TYR D 402 6.37 20.95 -8.11
CA TYR D 402 7.54 20.15 -8.40
C TYR D 402 8.52 20.96 -9.26
N GLU D 403 9.68 20.38 -9.53
CA GLU D 403 10.68 21.00 -10.40
C GLU D 403 10.62 20.33 -11.76
N LYS D 404 10.38 21.13 -12.80
CA LYS D 404 10.31 20.62 -14.17
C LYS D 404 11.71 20.18 -14.60
N ILE D 405 11.94 18.87 -14.61
CA ILE D 405 13.22 18.29 -15.00
C ILE D 405 13.04 17.57 -16.32
N SER D 406 13.97 17.80 -17.25
CA SER D 406 13.99 17.13 -18.53
C SER D 406 15.16 16.17 -18.61
N LEU D 407 15.14 15.32 -19.64
CA LEU D 407 16.18 14.31 -19.80
C LEU D 407 17.49 14.96 -20.20
N PRO D 408 18.62 14.40 -19.78
CA PRO D 408 19.91 14.86 -20.27
C PRO D 408 20.13 14.42 -21.71
N LYS D 409 21.19 14.94 -22.31
CA LYS D 409 21.51 14.64 -23.70
C LYS D 409 22.39 13.41 -23.78
N VAL D 410 21.90 12.38 -24.49
CA VAL D 410 22.66 11.15 -24.67
C VAL D 410 23.90 11.44 -25.51
N HIS D 411 25.02 10.86 -25.11
CA HIS D 411 26.19 11.12 -25.95
C HIS D 411 26.45 9.93 -26.87
N PRO D 412 26.82 10.19 -28.13
CA PRO D 412 27.04 9.09 -29.07
C PRO D 412 28.36 8.36 -28.89
N ARG D 413 29.34 8.96 -28.21
CA ARG D 413 30.61 8.31 -27.94
C ARG D 413 30.41 7.03 -27.13
N TYR D 414 30.73 5.89 -27.72
CA TYR D 414 30.66 4.61 -27.00
C TYR D 414 31.72 4.62 -25.91
N ASP D 415 31.31 4.89 -24.67
CA ASP D 415 32.20 4.96 -23.53
C ASP D 415 31.64 4.10 -22.42
N LEU D 416 32.47 3.20 -21.88
CA LEU D 416 31.98 2.26 -20.88
C LEU D 416 31.52 2.97 -19.62
N ASP D 417 32.42 3.73 -18.99
CA ASP D 417 32.04 4.50 -17.80
C ASP D 417 31.27 5.77 -18.16
N GLY D 418 31.42 6.28 -19.38
CA GLY D 418 30.64 7.42 -19.81
C GLY D 418 29.19 7.11 -20.06
N ASP D 419 28.86 5.86 -20.39
CA ASP D 419 27.47 5.46 -20.50
C ASP D 419 26.89 5.08 -19.14
N ALA D 420 27.72 4.48 -18.28
CA ALA D 420 27.26 4.15 -16.93
C ALA D 420 26.91 5.40 -16.14
N SER D 421 27.74 6.44 -16.25
CA SER D 421 27.43 7.71 -15.61
C SER D 421 26.18 8.35 -16.21
N MET D 422 25.97 8.15 -17.52
CA MET D 422 24.77 8.67 -18.18
C MET D 422 23.53 7.84 -17.84
N ALA D 423 23.68 6.53 -17.68
CA ALA D 423 22.54 5.69 -17.32
C ALA D 423 22.04 5.99 -15.92
N LYS D 424 22.93 6.39 -15.00
CA LYS D 424 22.51 6.73 -13.65
C LYS D 424 21.59 7.95 -13.66
N ALA D 425 22.01 9.01 -14.35
CA ALA D 425 21.24 10.25 -14.36
C ALA D 425 19.95 10.11 -15.14
N ILE D 426 19.99 9.47 -16.32
CA ILE D 426 18.80 9.38 -17.15
C ILE D 426 17.74 8.51 -16.47
N THR D 427 18.15 7.55 -15.65
CA THR D 427 17.18 6.79 -14.86
C THR D 427 16.68 7.60 -13.67
N GLY D 428 17.57 8.38 -13.05
CA GLY D 428 17.16 9.20 -11.93
C GLY D 428 16.12 10.25 -12.31
N VAL D 429 16.24 10.80 -13.52
CA VAL D 429 15.27 11.79 -13.97
C VAL D 429 13.89 11.16 -14.12
N VAL D 430 13.82 9.99 -14.76
CA VAL D 430 12.55 9.29 -14.88
C VAL D 430 12.07 8.82 -13.52
N CYS D 431 12.99 8.50 -12.60
CA CYS D 431 12.61 8.11 -11.25
C CYS D 431 11.91 9.26 -10.53
N TYR D 432 12.41 10.48 -10.70
CA TYR D 432 11.79 11.64 -10.07
C TYR D 432 10.40 11.91 -10.65
N ALA D 433 10.26 11.79 -11.97
CA ALA D 433 8.94 12.00 -12.59
C ALA D 433 7.93 10.97 -12.10
N CYS D 434 8.39 9.73 -11.86
CA CYS D 434 7.49 8.71 -11.33
C CYS D 434 7.02 9.07 -9.92
N ARG D 435 7.92 9.59 -9.09
CA ARG D 435 7.53 9.99 -7.75
C ARG D 435 6.55 11.16 -7.78
N ILE D 436 6.73 12.07 -8.74
CA ILE D 436 5.84 13.23 -8.83
C ILE D 436 4.46 12.81 -9.32
N ALA D 437 4.41 12.04 -10.41
CA ALA D 437 3.13 11.51 -10.89
C ALA D 437 2.42 10.70 -9.82
N SER D 438 3.17 10.06 -8.92
CA SER D 438 2.55 9.36 -7.80
C SER D 438 1.92 10.34 -6.82
N THR D 439 2.59 11.48 -6.58
CA THR D 439 2.03 12.49 -5.68
C THR D 439 0.84 13.19 -6.33
N LEU D 440 0.96 13.51 -7.62
CA LEU D 440 -0.15 14.14 -8.33
C LEU D 440 -1.42 13.29 -8.25
N LEU D 441 -1.25 11.97 -8.30
CA LEU D 441 -2.40 11.08 -8.14
C LEU D 441 -3.02 11.23 -6.75
N LEU D 442 -2.19 11.22 -5.71
CA LEU D 442 -2.72 11.34 -4.35
C LEU D 442 -3.36 12.70 -4.13
N TYR D 443 -2.78 13.76 -4.70
CA TYR D 443 -3.37 15.09 -4.56
C TYR D 443 -4.75 15.15 -5.20
N GLN D 444 -4.92 14.49 -6.34
CA GLN D 444 -6.23 14.45 -6.98
C GLN D 444 -7.20 13.58 -6.21
N GLU D 445 -6.72 12.44 -5.70
CA GLU D 445 -7.60 11.52 -4.98
C GLU D 445 -7.98 12.05 -3.60
N LEU D 446 -7.07 12.79 -2.95
CA LEU D 446 -7.45 13.43 -1.69
C LEU D 446 -8.41 14.59 -1.92
N MET D 447 -8.31 15.25 -3.08
CA MET D 447 -9.32 16.24 -3.45
C MET D 447 -10.71 15.62 -3.48
N ARG D 448 -10.85 14.51 -4.19
CA ARG D 448 -12.15 13.84 -4.29
C ARG D 448 -12.66 13.40 -2.93
N LYS D 449 -11.74 12.97 -2.05
CA LYS D 449 -12.13 12.48 -0.74
C LYS D 449 -12.68 13.60 0.15
N GLY D 450 -11.99 14.74 0.17
CA GLY D 450 -12.38 15.85 1.02
C GLY D 450 -13.60 16.61 0.52
N ILE D 451 -13.68 16.79 -0.80
CA ILE D 451 -14.83 17.49 -1.39
C ILE D 451 -16.12 16.75 -1.05
N ARG D 452 -16.10 15.42 -1.19
CA ARG D 452 -17.26 14.62 -0.82
C ARG D 452 -17.58 14.77 0.66
N TRP D 453 -16.56 14.80 1.52
CA TRP D 453 -16.79 15.04 2.94
C TRP D 453 -17.26 16.46 3.20
N LEU D 454 -16.78 17.43 2.42
CA LEU D 454 -17.21 18.81 2.60
C LEU D 454 -18.65 18.99 2.16
N ILE D 455 -19.03 18.41 1.02
CA ILE D 455 -20.42 18.48 0.56
C ILE D 455 -21.36 17.90 1.60
N GLU D 456 -20.96 16.78 2.22
CA GLU D 456 -21.77 16.20 3.29
C GLU D 456 -21.83 17.09 4.52
N LEU D 457 -20.90 18.03 4.67
CA LEU D 457 -20.93 18.95 5.80
C LEU D 457 -21.79 20.18 5.52
N ILE D 458 -21.90 20.61 4.26
CA ILE D 458 -22.84 21.67 3.94
C ILE D 458 -24.28 21.15 4.00
N LYS D 459 -24.47 19.84 3.83
CA LYS D 459 -25.79 19.26 4.03
C LYS D 459 -26.13 19.18 5.51
N ASP D 460 -25.14 18.87 6.35
CA ASP D 460 -25.34 18.98 7.79
C ASP D 460 -25.58 20.43 8.21
N ASP D 461 -24.95 21.38 7.52
CA ASP D 461 -25.21 22.79 7.82
C ASP D 461 -26.59 23.21 7.37
N TYR D 462 -27.06 22.69 6.23
CA TYR D 462 -28.38 23.03 5.72
C TYR D 462 -29.49 22.31 6.47
N ASN D 463 -29.31 21.00 6.71
CA ASN D 463 -30.30 20.23 7.46
C ASN D 463 -30.44 20.70 8.90
N GLU D 464 -29.38 21.31 9.46
CA GLU D 464 -29.45 21.77 10.84
C GLU D 464 -30.33 23.01 10.98
N THR D 465 -30.33 23.89 9.98
CA THR D 465 -31.15 25.09 10.05
C THR D 465 -32.63 24.76 9.90
N VAL D 466 -32.96 23.81 9.02
CA VAL D 466 -34.35 23.43 8.81
C VAL D 466 -34.94 22.83 10.08
N HIS D 467 -34.13 22.07 10.83
CA HIS D 467 -34.59 21.56 12.12
C HIS D 467 -34.78 22.67 13.14
N LYS D 468 -34.12 23.81 12.97
CA LYS D 468 -34.33 24.95 13.85
C LYS D 468 -35.35 25.93 13.27
N LYS D 469 -35.28 26.19 11.96
CA LYS D 469 -36.21 27.14 11.36
C LYS D 469 -37.65 26.64 11.43
N THR D 470 -37.88 25.37 11.07
CA THR D 470 -39.21 24.80 11.21
C THR D 470 -39.60 24.62 12.67
N GLU D 471 -38.64 24.72 13.60
CA GLU D 471 -38.94 24.72 15.03
C GLU D 471 -39.35 26.10 15.54
N VAL D 472 -38.91 27.16 14.86
CA VAL D 472 -39.40 28.49 15.19
C VAL D 472 -40.57 28.89 14.29
N VAL D 473 -40.77 28.20 13.17
CA VAL D 473 -41.97 28.45 12.38
C VAL D 473 -43.21 27.99 13.12
N ILE D 474 -43.06 26.97 13.98
CA ILE D 474 -44.18 26.51 14.79
C ILE D 474 -44.31 27.33 16.07
N THR D 475 -43.19 27.78 16.64
CA THR D 475 -43.27 28.70 17.77
C THR D 475 -43.93 30.00 17.38
N LEU D 476 -43.83 30.39 16.12
CA LEU D 476 -44.51 31.57 15.59
C LEU D 476 -45.86 31.23 14.97
N ASP D 477 -46.08 29.97 14.58
CA ASP D 477 -47.37 29.57 14.05
C ASP D 477 -48.47 29.74 15.09
N PHE D 478 -48.25 29.19 16.28
CA PHE D 478 -49.26 29.24 17.33
C PHE D 478 -49.09 30.43 18.26
N CYS D 479 -47.96 31.14 18.20
CA CYS D 479 -47.85 32.43 18.88
C CYS D 479 -48.63 33.53 18.15
N ILE D 480 -48.84 33.39 16.84
CA ILE D 480 -49.58 34.41 16.11
C ILE D 480 -51.08 34.19 16.25
N ARG D 481 -51.52 32.94 16.46
CA ARG D 481 -52.93 32.69 16.73
C ARG D 481 -53.28 32.78 18.21
N ASN D 482 -52.26 32.85 19.08
CA ASN D 482 -52.54 33.07 20.50
C ASN D 482 -53.14 34.44 20.74
N ILE D 483 -52.75 35.43 19.93
CA ILE D 483 -53.39 36.74 19.94
C ILE D 483 -54.29 36.95 18.73
N GLU D 484 -54.40 35.96 17.84
CA GLU D 484 -55.37 36.04 16.76
C GLU D 484 -56.72 35.46 17.16
N LYS D 485 -56.73 34.42 17.99
CA LYS D 485 -57.98 33.92 18.55
C LYS D 485 -58.57 34.88 19.57
N THR D 486 -57.77 35.81 20.09
CA THR D 486 -58.27 36.83 21.00
C THR D 486 -58.71 38.09 20.27
N VAL D 487 -57.94 38.52 19.26
CA VAL D 487 -58.37 39.66 18.45
C VAL D 487 -59.56 39.28 17.58
N LYS D 488 -59.69 37.98 17.26
CA LYS D 488 -60.90 37.51 16.59
C LYS D 488 -62.13 37.77 17.45
N VAL D 489 -62.04 37.49 18.76
CA VAL D 489 -63.13 37.79 19.67
C VAL D 489 -62.99 39.16 20.33
N TYR D 490 -61.89 39.88 20.08
CA TYR D 490 -61.81 41.28 20.50
C TYR D 490 -62.97 42.08 19.93
N GLU D 491 -63.48 41.67 18.77
CA GLU D 491 -64.61 42.34 18.14
C GLU D 491 -65.66 41.36 17.64
N LYS D 492 -65.56 40.08 18.00
CA LYS D 492 -66.62 39.14 17.63
C LYS D 492 -67.82 39.27 18.54
N LEU D 493 -67.59 39.37 19.85
CA LEU D 493 -68.65 39.60 20.82
C LEU D 493 -69.09 41.06 20.89
N MET D 494 -68.32 41.99 20.31
CA MET D 494 -68.51 43.41 20.58
C MET D 494 -68.63 44.23 19.30
N LYS D 495 -67.93 45.38 19.28
CA LYS D 495 -67.95 46.31 18.16
C LYS D 495 -67.57 45.62 16.84
N ILE D 496 -68.03 46.21 15.73
CA ILE D 496 -67.82 45.61 14.42
C ILE D 496 -66.36 45.78 14.01
N ASN D 497 -65.77 44.69 13.51
CA ASN D 497 -64.36 44.64 13.13
C ASN D 497 -64.21 44.81 11.61
N LEU D 498 -64.71 45.96 11.15
CA LEU D 498 -64.81 46.22 9.71
C LEU D 498 -63.43 46.17 9.04
N GLU D 499 -62.43 46.81 9.64
CA GLU D 499 -61.08 46.77 9.11
C GLU D 499 -60.08 46.76 10.25
N ALA D 500 -58.81 46.60 9.88
CA ALA D 500 -57.72 46.52 10.84
C ALA D 500 -57.26 47.92 11.22
N ALA D 501 -57.40 48.27 12.49
CA ALA D 501 -56.93 49.52 13.04
C ALA D 501 -56.07 49.23 14.26
N GLU D 502 -55.60 50.30 14.92
CA GLU D 502 -54.81 50.18 16.13
C GLU D 502 -55.73 50.03 17.34
N LEU D 503 -55.51 49.00 18.13
CA LEU D 503 -56.39 48.63 19.23
C LEU D 503 -55.77 48.81 20.62
N GLY D 504 -54.51 48.43 20.79
CA GLY D 504 -53.87 48.59 22.08
C GLY D 504 -52.39 48.28 22.01
N GLU D 505 -51.82 47.92 23.16
CA GLU D 505 -50.43 47.49 23.17
C GLU D 505 -50.23 46.18 22.44
N ILE D 506 -51.30 45.41 22.24
CA ILE D 506 -51.23 44.11 21.56
C ILE D 506 -51.66 44.21 20.11
N SER D 507 -51.82 45.41 19.58
CA SER D 507 -52.10 45.61 18.15
C SER D 507 -50.84 45.80 17.32
N ASP D 508 -49.78 46.33 17.91
CA ASP D 508 -48.51 46.41 17.23
C ASP D 508 -47.70 45.13 17.37
N ILE D 509 -48.02 44.30 18.37
CA ILE D 509 -47.35 43.02 18.56
C ILE D 509 -48.07 41.97 17.71
N HIS D 510 -49.03 42.42 16.89
CA HIS D 510 -49.71 41.57 15.93
C HIS D 510 -49.44 41.97 14.49
N THR D 511 -49.40 43.26 14.19
CA THR D 511 -49.12 43.72 12.83
C THR D 511 -47.63 43.72 12.51
N LYS D 512 -46.77 43.74 13.54
CA LYS D 512 -45.34 43.61 13.31
C LYS D 512 -44.86 42.17 13.47
N LEU D 513 -45.53 41.37 14.32
CA LEU D 513 -45.18 39.96 14.45
C LEU D 513 -45.58 39.17 13.22
N LEU D 514 -46.67 39.57 12.56
CA LEU D 514 -47.07 38.92 11.31
C LEU D 514 -46.08 39.20 10.19
N ARG D 515 -45.32 40.30 10.29
CA ARG D 515 -44.26 40.58 9.33
C ARG D 515 -43.17 39.52 9.36
N LEU D 516 -43.06 38.76 10.45
CA LEU D 516 -42.15 37.63 10.53
C LEU D 516 -42.71 36.37 9.87
N SER D 517 -43.81 36.48 9.14
CA SER D 517 -44.33 35.37 8.34
C SER D 517 -43.91 35.45 6.88
N SER D 518 -43.68 36.67 6.37
CA SER D 518 -43.10 36.85 5.04
C SER D 518 -41.60 37.11 5.09
N SER D 519 -41.12 37.75 6.16
CA SER D 519 -39.67 37.91 6.33
C SER D 519 -39.01 36.58 6.64
N GLN D 520 -39.77 35.64 7.22
CA GLN D 520 -39.32 34.26 7.40
C GLN D 520 -39.83 33.33 6.31
N GLY D 521 -41.01 33.62 5.75
CA GLY D 521 -41.48 32.84 4.62
C GLY D 521 -40.61 32.99 3.39
N THR D 522 -39.91 34.11 3.27
CA THR D 522 -38.95 34.30 2.19
C THR D 522 -37.65 33.55 2.43
N ILE D 523 -37.42 33.05 3.64
CA ILE D 523 -36.24 32.24 3.91
C ILE D 523 -36.46 30.80 3.51
N GLU D 524 -37.67 30.28 3.75
CA GLU D 524 -37.99 28.90 3.38
C GLU D 524 -37.85 28.69 1.87
N THR D 525 -38.14 29.72 1.08
CA THR D 525 -37.92 29.63 -0.36
C THR D 525 -36.47 29.89 -0.74
N SER D 526 -35.72 30.59 0.12
CA SER D 526 -34.31 30.83 -0.14
C SER D 526 -33.47 29.59 0.16
N LEU D 527 -33.89 28.76 1.12
CA LEU D 527 -33.19 27.51 1.39
C LEU D 527 -33.39 26.51 0.26
N GLN D 528 -34.50 26.62 -0.47
CA GLN D 528 -34.75 25.69 -1.57
C GLN D 528 -33.71 25.85 -2.68
N ASP D 529 -33.33 27.11 -2.98
CA ASP D 529 -32.26 27.33 -3.94
C ASP D 529 -30.93 26.78 -3.43
N ILE D 530 -30.75 26.76 -2.11
CA ILE D 530 -29.55 26.14 -1.53
C ILE D 530 -29.62 24.63 -1.67
N ASP D 531 -30.76 24.04 -1.31
CA ASP D 531 -30.91 22.59 -1.41
C ASP D 531 -30.87 22.13 -2.86
N SER D 532 -31.27 22.99 -3.80
CA SER D 532 -31.20 22.62 -5.21
C SER D 532 -29.76 22.50 -5.68
N ARG D 533 -28.94 23.50 -5.38
CA ARG D 533 -27.52 23.44 -5.74
C ARG D 533 -26.76 22.43 -4.89
N LEU D 534 -27.31 22.04 -3.73
CA LEU D 534 -26.73 20.99 -2.92
C LEU D 534 -27.23 19.61 -3.30
N SER D 535 -28.11 19.51 -4.28
CA SER D 535 -28.67 18.23 -4.71
C SER D 535 -27.81 17.65 -5.82
N PRO D 536 -28.03 16.36 -6.17
CA PRO D 536 -27.24 15.75 -7.26
C PRO D 536 -27.20 16.57 -8.54
N GLY D 537 -28.31 17.16 -8.96
CA GLY D 537 -28.31 17.94 -10.19
C GLY D 537 -27.82 19.37 -10.05
N GLY D 538 -27.49 19.81 -8.85
CA GLY D 538 -27.17 21.20 -8.62
C GLY D 538 -25.87 21.64 -9.24
N SER D 539 -25.61 22.94 -9.15
CA SER D 539 -24.42 23.61 -9.66
C SER D 539 -23.20 23.37 -8.79
N LEU D 540 -23.31 22.52 -7.78
CA LEU D 540 -22.20 22.23 -6.88
C LEU D 540 -21.83 20.74 -6.90
N ALA D 541 -22.36 19.97 -7.83
CA ALA D 541 -22.07 18.54 -7.88
C ALA D 541 -20.62 18.32 -8.27
N ASP D 542 -20.05 17.23 -7.74
CA ASP D 542 -18.69 16.84 -8.07
C ASP D 542 -18.66 16.00 -9.33
N ALA D 543 -19.57 16.28 -10.26
CA ALA D 543 -19.63 15.53 -11.51
C ALA D 543 -18.31 15.61 -12.27
N TRP D 544 -17.61 16.74 -12.16
CA TRP D 544 -16.29 16.89 -12.77
C TRP D 544 -15.20 16.13 -12.05
N ALA D 545 -15.39 15.85 -10.75
CA ALA D 545 -14.33 15.21 -9.98
C ALA D 545 -14.06 13.80 -10.48
N HIS D 546 -15.10 13.08 -10.89
CA HIS D 546 -14.94 11.76 -11.51
C HIS D 546 -14.73 11.85 -13.01
N GLN D 547 -14.55 13.05 -13.55
CA GLN D 547 -14.36 13.25 -14.98
C GLN D 547 -13.00 13.81 -15.37
N GLU D 548 -12.32 14.53 -14.48
CA GLU D 548 -11.07 15.21 -14.80
C GLU D 548 -9.90 14.56 -14.08
N GLY D 549 -8.72 14.72 -14.66
CA GLY D 549 -7.49 14.25 -14.04
C GLY D 549 -7.30 12.75 -14.06
N THR D 550 -6.13 12.29 -13.62
CA THR D 550 -5.87 10.87 -13.58
C THR D 550 -6.68 10.21 -12.47
N HIS D 551 -6.82 8.89 -12.57
CA HIS D 551 -7.46 8.05 -11.58
C HIS D 551 -6.52 6.92 -11.21
N PRO D 552 -6.69 6.33 -10.03
CA PRO D 552 -5.84 5.19 -9.66
C PRO D 552 -6.06 3.98 -10.55
N LYS D 553 -7.24 3.86 -11.15
CA LYS D 553 -7.54 2.78 -12.08
C LYS D 553 -6.86 2.98 -13.43
N ASP D 554 -6.31 4.18 -13.69
CA ASP D 554 -5.54 4.39 -14.91
C ASP D 554 -4.19 3.70 -14.85
N ARG D 555 -3.66 3.43 -13.66
CA ARG D 555 -2.38 2.75 -13.48
C ARG D 555 -1.24 3.49 -14.15
N ASN D 556 -1.31 4.83 -14.19
CA ASN D 556 -0.23 5.60 -14.80
C ASN D 556 1.09 5.38 -14.07
N VAL D 557 1.05 5.32 -12.73
CA VAL D 557 2.26 5.11 -11.96
C VAL D 557 2.81 3.71 -12.20
N GLU D 558 1.92 2.74 -12.40
CA GLU D 558 2.38 1.38 -12.69
C GLU D 558 2.98 1.27 -14.09
N LYS D 559 2.41 2.02 -15.05
CA LYS D 559 2.99 2.04 -16.39
C LYS D 559 4.38 2.66 -16.38
N LEU D 560 4.54 3.79 -15.69
CA LEU D 560 5.86 4.41 -15.56
C LEU D 560 6.83 3.46 -14.89
N GLN D 561 6.39 2.78 -13.83
CA GLN D 561 7.28 1.87 -13.12
C GLN D 561 7.78 0.74 -14.00
N VAL D 562 6.94 0.29 -14.94
CA VAL D 562 7.35 -0.81 -15.83
C VAL D 562 8.43 -0.34 -16.79
N LEU D 563 8.30 0.87 -17.34
CA LEU D 563 9.37 1.44 -18.15
C LEU D 563 10.64 1.65 -17.31
N LEU D 564 10.47 2.09 -16.06
CA LEU D 564 11.61 2.37 -15.20
C LEU D 564 12.39 1.10 -14.89
N ASN D 565 11.69 -0.02 -14.69
CA ASN D 565 12.34 -1.29 -14.45
C ASN D 565 13.28 -1.65 -15.58
N CYS D 566 12.84 -1.43 -16.83
CA CYS D 566 13.68 -1.71 -17.98
C CYS D 566 14.90 -0.79 -18.01
N MET D 567 14.70 0.50 -17.73
CA MET D 567 15.81 1.43 -17.65
C MET D 567 16.79 1.02 -16.54
N THR D 568 16.26 0.61 -15.39
CA THR D 568 17.11 0.22 -14.28
C THR D 568 17.91 -1.04 -14.58
N GLU D 569 17.28 -2.02 -15.25
CA GLU D 569 18.00 -3.24 -15.59
C GLU D 569 19.19 -2.95 -16.50
N ILE D 570 19.03 -1.99 -17.43
CA ILE D 570 20.14 -1.60 -18.29
C ILE D 570 21.23 -0.92 -17.48
N TYR D 571 20.85 -0.02 -16.56
CA TYR D 571 21.82 0.69 -15.75
C TYR D 571 22.63 -0.27 -14.89
N TYR D 572 21.94 -1.16 -14.17
CA TYR D 572 22.65 -2.15 -13.35
C TYR D 572 23.52 -3.06 -14.22
N GLN D 573 23.15 -3.25 -15.48
CA GLN D 573 24.00 -4.01 -16.39
C GLN D 573 25.22 -3.21 -16.82
N PHE D 574 25.01 -1.93 -17.16
CA PHE D 574 26.12 -1.09 -17.63
C PHE D 574 27.18 -0.88 -16.55
N LYS D 575 26.80 -0.99 -15.27
CA LYS D 575 27.81 -0.90 -14.22
C LYS D 575 28.65 -2.17 -14.14
N LYS D 576 28.03 -3.33 -14.41
CA LYS D 576 28.82 -4.54 -14.60
C LYS D 576 29.72 -4.40 -15.81
N ASP D 577 29.25 -3.71 -16.85
CA ASP D 577 30.05 -3.52 -18.05
C ASP D 577 31.23 -2.58 -17.79
N GLN D 578 30.97 -1.46 -17.10
CA GLN D 578 32.04 -0.50 -16.86
C GLN D 578 33.11 -1.05 -15.94
N ALA D 579 32.79 -2.04 -15.12
CA ALA D 579 33.81 -2.83 -14.45
C ALA D 579 34.51 -3.71 -15.48
N GLU D 580 35.84 -3.65 -15.52
CA GLU D 580 36.61 -4.20 -16.62
C GLU D 580 36.19 -3.47 -17.90
N ARG D 581 36.95 -2.42 -18.25
CA ARG D 581 36.54 -1.48 -19.29
C ARG D 581 36.97 -1.99 -20.66
N ARG D 582 36.33 -3.08 -21.08
CA ARG D 582 36.50 -3.63 -22.42
C ARG D 582 35.44 -4.70 -22.61
N LEU D 583 34.98 -4.85 -23.84
CA LEU D 583 33.89 -5.77 -24.12
C LEU D 583 34.18 -6.55 -25.40
N ALA D 584 33.72 -7.81 -25.41
CA ALA D 584 33.78 -8.61 -26.61
C ALA D 584 32.92 -7.97 -27.71
N TYR D 585 33.01 -8.55 -28.91
CA TYR D 585 32.31 -7.95 -30.05
C TYR D 585 30.81 -7.93 -29.83
N ASN D 586 30.19 -9.11 -29.74
CA ASN D 586 28.75 -9.18 -29.55
C ASN D 586 28.31 -8.44 -28.29
N GLU D 587 29.08 -8.58 -27.21
CA GLU D 587 28.76 -7.89 -25.98
C GLU D 587 28.80 -6.38 -26.15
N GLU D 588 29.78 -5.88 -26.91
CA GLU D 588 29.85 -4.44 -27.17
C GLU D 588 28.65 -3.97 -27.98
N GLN D 589 28.22 -4.74 -28.98
CA GLN D 589 27.09 -4.34 -29.80
C GLN D 589 25.80 -4.32 -28.99
N ILE D 590 25.59 -5.33 -28.15
CA ILE D 590 24.40 -5.36 -27.28
C ILE D 590 24.40 -4.13 -26.37
N HIS D 591 25.57 -3.81 -25.79
CA HIS D 591 25.69 -2.59 -24.98
C HIS D 591 25.31 -1.36 -25.79
N LYS D 592 25.75 -1.30 -27.05
CA LYS D 592 25.37 -0.17 -27.90
C LYS D 592 23.89 -0.19 -28.23
N PHE D 593 23.33 -1.39 -28.47
CA PHE D 593 21.89 -1.49 -28.74
C PHE D 593 21.07 -1.09 -27.51
N ASP D 594 21.37 -1.70 -26.36
CA ASP D 594 20.64 -1.38 -25.14
C ASP D 594 20.84 0.06 -24.70
N LYS D 595 21.94 0.70 -25.10
CA LYS D 595 22.10 2.12 -24.84
C LYS D 595 20.99 2.93 -25.54
N GLN D 596 20.61 2.51 -26.74
CA GLN D 596 19.57 3.22 -27.47
C GLN D 596 18.19 2.92 -26.89
N LYS D 597 17.97 1.68 -26.44
CA LYS D 597 16.71 1.34 -25.79
C LYS D 597 16.52 2.14 -24.51
N LEU D 598 17.61 2.52 -23.84
CA LEU D 598 17.52 3.37 -22.66
C LEU D 598 16.87 4.70 -22.99
N TYR D 599 17.24 5.29 -24.13
CA TYR D 599 16.65 6.56 -24.55
C TYR D 599 15.20 6.38 -24.98
N TYR D 600 14.87 5.24 -25.57
CA TYR D 600 13.49 4.97 -25.97
C TYR D 600 12.58 4.92 -24.74
N HIS D 601 12.96 4.17 -23.72
CA HIS D 601 12.14 4.05 -22.52
C HIS D 601 12.05 5.37 -21.77
N ALA D 602 13.17 6.10 -21.68
CA ALA D 602 13.15 7.39 -21.00
C ALA D 602 12.25 8.38 -21.72
N THR D 603 12.26 8.36 -23.07
CA THR D 603 11.40 9.26 -23.83
C THR D 603 9.94 8.89 -23.68
N LYS D 604 9.61 7.61 -23.84
CA LYS D 604 8.23 7.16 -23.65
C LYS D 604 7.71 7.53 -22.26
N ALA D 605 8.53 7.31 -21.24
CA ALA D 605 8.13 7.64 -19.88
C ALA D 605 7.92 9.14 -19.71
N MET D 606 8.94 9.93 -20.07
CA MET D 606 8.85 11.38 -19.90
C MET D 606 7.73 11.99 -20.74
N THR D 607 7.38 11.34 -21.85
CA THR D 607 6.22 11.78 -22.61
C THR D 607 4.93 11.51 -21.84
N HIS D 608 4.75 10.27 -21.38
CA HIS D 608 3.53 9.89 -20.68
C HIS D 608 3.34 10.70 -19.40
N PHE D 609 4.44 11.16 -18.79
CA PHE D 609 4.34 11.94 -17.57
C PHE D 609 3.76 13.32 -17.84
N THR D 610 4.35 14.05 -18.79
CA THR D 610 3.91 15.41 -19.09
C THR D 610 2.61 15.47 -19.88
N ASP D 611 2.25 14.41 -20.60
CA ASP D 611 1.07 14.43 -21.45
C ASP D 611 -0.18 13.83 -20.81
N GLU D 612 -0.03 12.82 -19.96
CA GLU D 612 -1.16 12.18 -19.31
C GLU D 612 -1.33 12.62 -17.86
N CYS D 613 -0.25 12.57 -17.08
CA CYS D 613 -0.34 12.88 -15.66
C CYS D 613 -0.34 14.38 -15.41
N VAL D 614 0.62 15.09 -16.00
CA VAL D 614 0.74 16.53 -15.76
C VAL D 614 -0.42 17.27 -16.41
N LYS D 615 -0.74 16.93 -17.67
CA LYS D 615 -1.78 17.65 -18.40
C LYS D 615 -3.13 17.51 -17.72
N LYS D 616 -3.51 16.29 -17.35
CA LYS D 616 -4.81 16.09 -16.73
C LYS D 616 -4.85 16.58 -15.28
N TYR D 617 -3.70 16.53 -14.57
CA TYR D 617 -3.64 17.13 -13.24
C TYR D 617 -3.91 18.62 -13.31
N GLU D 618 -3.28 19.31 -14.27
CA GLU D 618 -3.52 20.74 -14.44
C GLU D 618 -4.96 20.99 -14.89
N ALA D 619 -5.51 20.11 -15.72
CA ALA D 619 -6.92 20.21 -16.07
C ALA D 619 -7.81 20.02 -14.85
N PHE D 620 -7.44 19.09 -13.96
CA PHE D 620 -8.18 18.88 -12.72
C PHE D 620 -8.02 20.07 -11.77
N LEU D 621 -6.83 20.68 -11.74
CA LEU D 621 -6.61 21.81 -10.85
C LEU D 621 -7.39 23.05 -11.27
N ASN D 622 -7.82 23.13 -12.53
CA ASN D 622 -8.62 24.24 -13.01
C ASN D 622 -10.11 24.02 -12.77
N LYS D 623 -10.61 22.81 -13.05
CA LYS D 623 -12.00 22.50 -12.75
C LYS D 623 -12.29 22.45 -11.25
N SER D 624 -11.25 22.43 -10.41
CA SER D 624 -11.40 22.54 -8.97
C SER D 624 -11.20 23.96 -8.45
N GLU D 625 -10.46 24.79 -9.19
CA GLU D 625 -10.34 26.20 -8.82
C GLU D 625 -11.66 26.92 -8.97
N GLU D 626 -12.48 26.55 -9.96
CA GLU D 626 -13.80 27.14 -10.13
C GLU D 626 -14.81 26.63 -9.13
N TRP D 627 -14.58 25.45 -8.54
CA TRP D 627 -15.50 24.88 -7.57
C TRP D 627 -15.24 25.39 -6.16
N ILE D 628 -13.99 25.81 -5.87
CA ILE D 628 -13.68 26.40 -4.57
C ILE D 628 -14.50 27.67 -4.37
N ARG D 629 -14.53 28.53 -5.39
CA ARG D 629 -15.31 29.76 -5.31
C ARG D 629 -16.81 29.47 -5.26
N LYS D 630 -17.27 28.50 -6.05
CA LYS D 630 -18.69 28.14 -6.03
C LYS D 630 -19.12 27.70 -4.63
N MET D 631 -18.26 26.95 -3.94
CA MET D 631 -18.61 26.45 -2.61
C MET D 631 -18.47 27.54 -1.55
N LEU D 632 -17.36 28.29 -1.59
CA LEU D 632 -17.14 29.34 -0.60
C LEU D 632 -18.18 30.45 -0.72
N HIS D 633 -18.72 30.66 -1.92
CA HIS D 633 -19.80 31.62 -2.09
C HIS D 633 -21.11 31.07 -1.51
N LEU D 634 -21.34 29.77 -1.65
CA LEU D 634 -22.57 29.18 -1.13
C LEU D 634 -22.57 29.12 0.39
N ARG D 635 -21.40 28.88 1.00
CA ARG D 635 -21.32 28.91 2.46
C ARG D 635 -21.62 30.31 2.99
N LYS D 636 -21.20 31.34 2.24
CA LYS D 636 -21.49 32.71 2.63
C LYS D 636 -22.99 32.97 2.64
N GLN D 637 -23.72 32.40 1.69
CA GLN D 637 -25.17 32.60 1.62
C GLN D 637 -25.90 31.76 2.66
N LEU D 638 -25.48 30.51 2.84
CA LEU D 638 -26.17 29.65 3.81
C LEU D 638 -26.00 30.15 5.24
N LEU D 639 -24.84 30.73 5.57
CA LEU D 639 -24.66 31.26 6.91
C LEU D 639 -25.47 32.53 7.12
N SER D 640 -25.57 33.37 6.09
CA SER D 640 -26.42 34.56 6.19
C SER D 640 -27.86 34.17 6.44
N LEU D 641 -28.32 33.08 5.81
CA LEU D 641 -29.65 32.56 6.10
C LEU D 641 -29.71 31.89 7.46
N THR D 642 -28.60 31.29 7.90
CA THR D 642 -28.57 30.64 9.20
C THR D 642 -28.68 31.67 10.32
N ASN D 643 -27.99 32.80 10.18
CA ASN D 643 -28.05 33.84 11.21
C ASN D 643 -29.41 34.52 11.26
N GLN D 644 -30.18 34.48 10.17
CA GLN D 644 -31.51 35.09 10.18
C GLN D 644 -32.48 34.30 11.04
N CYS D 645 -32.29 32.98 11.14
CA CYS D 645 -33.14 32.14 11.98
C CYS D 645 -32.82 32.26 13.46
N PHE D 646 -31.79 33.05 13.82
CA PHE D 646 -31.59 33.47 15.19
C PHE D 646 -32.01 34.91 15.42
N ASP D 647 -32.15 35.69 14.35
CA ASP D 647 -32.74 37.02 14.42
C ASP D 647 -34.25 36.98 14.28
N ILE D 648 -34.79 35.94 13.63
CA ILE D 648 -36.23 35.75 13.57
C ILE D 648 -36.74 35.05 14.83
N GLU D 649 -35.92 34.21 15.45
CA GLU D 649 -36.36 33.41 16.59
C GLU D 649 -36.13 34.09 17.93
N GLU D 650 -35.15 35.01 18.02
CA GLU D 650 -35.01 35.80 19.23
C GLU D 650 -36.04 36.93 19.29
N GLU D 651 -36.63 37.26 18.14
CA GLU D 651 -37.69 38.27 18.11
C GLU D 651 -39.02 37.67 18.55
N VAL D 652 -39.28 36.42 18.20
CA VAL D 652 -40.52 35.74 18.57
C VAL D 652 -40.38 35.16 19.98
N SER D 653 -39.34 35.58 20.69
CA SER D 653 -39.11 35.17 22.07
C SER D 653 -39.65 36.17 23.08
N LYS D 654 -39.37 37.45 22.90
CA LYS D 654 -39.85 38.45 23.84
C LYS D 654 -41.33 38.74 23.63
N TYR D 655 -41.80 38.72 22.39
CA TYR D 655 -43.21 38.87 22.11
C TYR D 655 -44.02 37.61 22.40
N GLN D 656 -43.36 36.49 22.71
CA GLN D 656 -44.07 35.27 23.08
C GLN D 656 -44.73 35.38 24.44
N GLU D 657 -44.21 36.26 25.31
CA GLU D 657 -44.80 36.46 26.63
C GLU D 657 -46.10 37.24 26.57
N TYR D 658 -46.22 38.21 25.66
CA TYR D 658 -47.41 39.02 25.57
C TYR D 658 -48.60 38.27 25.00
N THR D 659 -48.36 37.20 24.23
CA THR D 659 -49.43 36.49 23.55
C THR D 659 -50.08 35.41 24.41
N ASN D 660 -49.63 35.22 25.65
CA ASN D 660 -50.23 34.24 26.55
C ASN D 660 -51.17 34.97 27.50
N GLU D 661 -52.38 35.26 27.00
CA GLU D 661 -53.37 35.98 27.78
C GLU D 661 -54.76 35.56 27.29
N LEU D 662 -55.78 36.11 27.94
CA LEU D 662 -57.18 35.82 27.64
C LEU D 662 -57.53 36.02 26.16
I01 BX7 E . 7.92 -21.50 -26.64
S02 BX7 E . 8.39 -26.02 -25.42
O03 BX7 E . 9.99 -21.22 -16.81
O04 BX7 E . 9.23 -26.66 -21.74
N05 BX7 E . 10.32 -23.52 -17.30
N06 BX7 E . 11.21 -21.63 -18.81
N07 BX7 E . 9.34 -22.38 -23.79
N08 BX7 E . 10.45 -17.91 -22.02
N09 BX7 E . 8.20 -24.79 -22.59
N10 BX7 E . 9.83 -20.12 -23.03
N11 BX7 E . 9.30 -18.18 -24.21
C12 BX7 E . 8.92 -25.33 -16.61
C13 BX7 E . 9.76 -25.73 -17.88
C14 BX7 E . 10.80 -24.53 -18.09
C15 BX7 E . 9.58 -24.21 -16.05
C16 BX7 E . 10.47 -22.06 -17.58
C17 BX7 E . 11.41 -20.25 -19.16
C18 BX7 E . 10.88 -19.75 -20.34
C19 BX7 E . 8.93 -22.77 -21.39
C20 BX7 E . 12.12 -19.42 -18.32
C21 BX7 E . 9.93 -22.90 -22.58
C22 BX7 E . 11.05 -18.42 -20.73
C23 BX7 E . 8.05 -24.12 -21.30
C24 BX7 E . 12.30 -18.07 -18.69
C25 BX7 E . 11.77 -17.60 -19.87
C26 BX7 E . 9.31 -20.86 -23.98
C27 BX7 E . 9.85 -18.76 -23.11
C28 BX7 E . 8.76 -20.29 -25.09
C29 BX7 E . 8.82 -26.07 -22.71
C30 BX7 E . 8.77 -18.92 -25.18
C31 BX7 E . 8.97 -26.67 -24.12
C32 BX7 E . 9.67 -27.88 -24.48
C33 BX7 E . 9.55 -28.07 -26.08
C34 BX7 E . 8.79 -26.95 -26.60
I01 BX7 F . 34.12 -2.31 8.57
S02 BX7 F . 36.96 -0.09 6.08
O03 BX7 F . 31.02 -2.41 -0.74
O04 BX7 F . 35.86 2.47 3.56
N05 BX7 F . 31.07 -0.11 -0.19
N06 BX7 F . 29.94 -1.84 1.31
N07 BX7 F . 33.31 -1.76 5.46
N08 BX7 F . 29.73 -5.15 4.93
N09 BX7 F . 34.75 0.47 3.85
N10 BX7 F . 31.55 -3.46 5.32
N11 BX7 F . 30.94 -4.86 7.08
C12 BX7 F . 31.92 1.86 -1.36
C13 BX7 F . 31.55 2.20 0.13
C14 BX7 F . 30.77 0.92 0.66
C15 BX7 F . 31.90 0.46 -1.46
C16 BX7 F . 30.71 -1.53 0.06
C17 BX7 F . 29.52 -3.16 1.71
C18 BX7 F . 29.77 -3.55 3.01
C19 BX7 F . 32.48 -0.38 3.57
C20 BX7 F . 28.87 -4.02 0.84
C21 BX7 F . 33.32 -1.61 4.03
C22 BX7 F . 29.41 -4.80 3.50
C23 BX7 F . 33.51 0.79 3.15
C24 BX7 F . 28.50 -5.30 1.32
C25 BX7 F . 28.76 -5.67 2.62
C26 BX7 F . 32.46 -2.87 6.06
C27 BX7 F . 30.76 -4.47 5.80
C28 BX7 F . 32.64 -3.26 7.35
C29 BX7 F . 35.86 1.36 4.01
C30 BX7 F . 31.84 -4.28 7.85
C31 BX7 F . 37.06 0.80 4.80
C32 BX7 F . 38.46 0.99 4.49
C33 BX7 F . 39.33 0.19 5.60
C34 BX7 F . 38.40 -0.44 6.53
#